data_4PAA
#
_entry.id   4PAA
#
_cell.length_a   84.934
_cell.length_b   130.661
_cell.length_c   171.864
_cell.angle_alpha   90.00
_cell.angle_beta   90.00
_cell.angle_gamma   90.00
#
_symmetry.space_group_name_H-M   'P 21 21 21'
#
loop_
_entity.id
_entity.type
_entity.pdbx_description
1 polymer 'Dimethylglycine dehydrogenase'
2 non-polymer 'FLAVIN-ADENINE DINUCLEOTIDE'
3 non-polymer (6S)-5,6,7,8-TETRAHYDROFOLATE
4 water water
#
_entity_poly.entity_id   1
_entity_poly.type   'polypeptide(L)'
_entity_poly.pdbx_seq_one_letter_code
;MASSAGLREGQESPPSPPEWKDRAETVIIGGGCVGVSLAYHLAKAGMRDVVLLEKSELTAGSTWHAAGLTTYFHPGINLK
KIHYDSIKLYERLEEETGQVVGFHQPGSIRLATTPERVDEFKYQMTRTNWHATEQYIIEPEKIHELFPLLNMDKILAGLY
NPGDGHIDPYSLTMALATGARKYGALLKYPAPVTSLKPRPDGTWDVETPQGSVRANRIVNAAGFWAREVGKMIGLDHPLI
PVQHQYVITSTIPEVKALKRELPVLRDLEGSYYLRQERDGLLFGPYESQEKMKLQASWVAHGVPPGFGKELFESDLDRIT
EHVEAAMEMVPVLKKADIINIVNGPITYSPDILPMVGPHQGVRNYWVAIGFGYGIIHAGGVGTYLSDWILHGEPPFDLIE
LDPNRYGKWTTTQYTEAKARESYGFNNIVGYPKEERFAGRPTQRVSGLYKILESKCSMGFHAGWEQPHWFYKPGQDTQYR
PSFRRTNWFEPVGSEYKQVMQRVGVIDLSPFGKFNIKGQDSTQLLDHLCANVIPKVGFTNISHMLTPRGRVYAELTVSHQ
SPGEFLLITGSGSELHDLRWIEEAAVRGGYDVEIRNITDELGVLGVAGPYARRVLQKLTSEDLSDDVFKFLQTKSLKISD
IPVTAIRISYTGELGWELYHRREDSAALYERIMNAGQEEGIDNFGTYALNALRLEKAFRAWGSEMNCDTNPLEAGLDYFI
KLNKPANFTGKQALKQIKAKGLKRRLVCLTLATDNVDPEGNESVWYKGKVIGNTTSGSYSYSIQKSLAFAYVPVELSEVG
QQVEVELLGKNYPATIIQEPLVLTEPTRTRLQKDGRKSAALEHHHHHH
;
_entity_poly.pdbx_strand_id   A,B
#
loop_
_chem_comp.id
_chem_comp.type
_chem_comp.name
_chem_comp.formula
FAD non-polymer 'FLAVIN-ADENINE DINUCLEOTIDE' 'C27 H33 N9 O15 P2'
THG non-polymer (6S)-5,6,7,8-TETRAHYDROFOLATE 'C19 H23 N7 O6'
#
# COMPACT_ATOMS: atom_id res chain seq x y z
N GLU A 19 9.00 48.48 34.18
CA GLU A 19 9.89 48.08 33.05
C GLU A 19 9.12 47.86 31.75
N TRP A 20 9.13 48.89 30.90
CA TRP A 20 8.58 48.79 29.54
C TRP A 20 9.49 49.48 28.54
N LYS A 21 9.78 48.77 27.45
CA LYS A 21 10.52 49.37 26.33
C LYS A 21 9.60 49.67 25.16
N ASP A 22 9.58 50.93 24.74
CA ASP A 22 8.78 51.36 23.59
C ASP A 22 9.55 51.23 22.30
N ARG A 23 10.87 51.09 22.40
CA ARG A 23 11.74 50.85 21.26
C ARG A 23 12.46 49.52 21.50
N ALA A 24 12.43 48.66 20.48
CA ALA A 24 13.09 47.37 20.54
C ALA A 24 13.75 47.04 19.22
N GLU A 25 14.87 46.34 19.30
CA GLU A 25 15.54 45.85 18.12
C GLU A 25 14.69 44.76 17.48
N THR A 26 14.36 43.74 18.26
CA THR A 26 13.58 42.61 17.80
C THR A 26 12.46 42.30 18.79
N VAL A 27 11.24 42.17 18.29
CA VAL A 27 10.12 41.73 19.10
C VAL A 27 9.77 40.28 18.76
N ILE A 28 9.67 39.46 19.79
CA ILE A 28 9.34 38.05 19.64
C ILE A 28 7.96 37.87 20.21
N ILE A 29 7.07 37.36 19.37
CA ILE A 29 5.67 37.18 19.74
C ILE A 29 5.46 35.74 20.13
N GLY A 30 5.43 35.47 21.42
CA GLY A 30 5.13 34.13 21.92
C GLY A 30 6.21 33.62 22.84
N GLY A 31 5.79 33.17 24.03
CA GLY A 31 6.73 32.67 25.02
C GLY A 31 6.61 31.17 25.24
N GLY A 32 6.51 30.41 24.15
CA GLY A 32 6.65 28.96 24.22
C GLY A 32 8.13 28.64 24.26
N CYS A 33 8.50 27.37 24.19
CA CYS A 33 9.92 27.00 24.21
C CYS A 33 10.68 27.64 23.06
N VAL A 34 10.03 27.78 21.92
CA VAL A 34 10.69 28.30 20.72
C VAL A 34 10.97 29.79 20.84
N GLY A 35 9.94 30.56 21.19
CA GLY A 35 10.10 32.00 21.35
C GLY A 35 11.13 32.35 22.41
N VAL A 36 11.15 31.59 23.50
CA VAL A 36 12.08 31.84 24.59
C VAL A 36 13.49 31.45 24.18
N SER A 37 13.63 30.27 23.57
CA SER A 37 14.93 29.86 23.06
C SER A 37 15.55 30.94 22.16
N LEU A 38 14.76 31.52 21.27
CA LEU A 38 15.29 32.53 20.34
C LEU A 38 15.74 33.77 21.10
N ALA A 39 14.92 34.22 22.04
CA ALA A 39 15.21 35.39 22.88
C ALA A 39 16.54 35.23 23.61
N TYR A 40 16.74 34.03 24.13
CA TYR A 40 17.99 33.65 24.77
C TYR A 40 19.19 33.80 23.83
N HIS A 41 19.09 33.22 22.63
CA HIS A 41 20.24 33.18 21.71
C HIS A 41 20.64 34.55 21.22
N LEU A 42 19.66 35.35 20.86
CA LEU A 42 19.88 36.71 20.35
C LEU A 42 20.53 37.60 21.40
N ALA A 43 20.05 37.49 22.64
CA ALA A 43 20.61 38.24 23.75
C ALA A 43 22.05 37.82 24.01
N LYS A 44 22.27 36.51 24.08
CA LYS A 44 23.59 35.93 24.31
C LYS A 44 24.55 36.28 23.19
N ALA A 45 24.04 36.31 21.96
CA ALA A 45 24.83 36.70 20.80
C ALA A 45 25.09 38.20 20.74
N GLY A 46 24.51 38.97 21.64
CA GLY A 46 24.87 40.38 21.81
C GLY A 46 23.87 41.38 21.25
N MET A 47 22.67 40.94 20.87
CA MET A 47 21.65 41.88 20.39
C MET A 47 21.03 42.61 21.57
N ARG A 48 21.03 43.93 21.47
CA ARG A 48 20.45 44.79 22.51
C ARG A 48 18.96 44.97 22.27
N ASP A 49 18.23 45.16 23.37
CA ASP A 49 16.80 45.46 23.33
C ASP A 49 16.01 44.39 22.60
N VAL A 50 16.26 43.14 22.98
CA VAL A 50 15.41 42.03 22.57
C VAL A 50 14.23 42.00 23.53
N VAL A 51 13.01 42.02 22.98
CA VAL A 51 11.78 42.02 23.77
C VAL A 51 10.85 40.87 23.37
N LEU A 52 10.46 40.04 24.34
CA LEU A 52 9.51 38.96 24.08
C LEU A 52 8.17 39.30 24.71
N LEU A 53 7.09 39.10 23.97
CA LEU A 53 5.75 39.42 24.43
C LEU A 53 4.93 38.16 24.43
N GLU A 54 4.44 37.78 25.61
CA GLU A 54 3.68 36.56 25.78
C GLU A 54 2.27 36.90 26.27
N LYS A 55 1.28 36.26 25.64
CA LYS A 55 -0.12 36.50 25.91
C LYS A 55 -0.47 36.41 27.39
N SER A 56 -0.17 35.27 28.01
CA SER A 56 -0.58 34.98 29.38
C SER A 56 0.64 34.74 30.28
N GLU A 57 1.26 33.57 30.12
CA GLU A 57 2.47 33.21 30.87
C GLU A 57 3.34 32.35 29.97
N LEU A 58 4.61 32.20 30.32
CA LEU A 58 5.52 31.35 29.56
C LEU A 58 5.05 29.89 29.63
N THR A 59 5.15 29.18 28.51
CA THR A 59 4.68 27.79 28.35
C THR A 59 3.15 27.58 28.22
N ALA A 60 2.38 28.66 28.16
CA ALA A 60 0.90 28.56 28.18
C ALA A 60 0.26 27.83 26.97
N GLY A 61 1.00 27.70 25.88
CA GLY A 61 0.51 26.99 24.69
C GLY A 61 0.73 25.49 24.76
N SER A 62 1.24 24.89 23.68
CA SER A 62 1.52 23.46 23.62
C SER A 62 2.69 23.05 24.51
N THR A 63 3.58 23.98 24.81
CA THR A 63 4.84 23.63 25.46
C THR A 63 4.67 22.92 26.80
N TRP A 64 3.81 23.44 27.68
CA TRP A 64 3.67 22.84 29.01
C TRP A 64 3.19 21.37 29.01
N HIS A 65 2.43 20.97 28.00
CA HIS A 65 1.80 19.64 28.02
C HIS A 65 2.66 18.50 27.43
N ALA A 66 3.76 18.85 26.78
CA ALA A 66 4.49 17.92 25.93
C ALA A 66 5.24 16.83 26.70
N ALA A 67 5.40 15.68 26.05
CA ALA A 67 6.05 14.53 26.63
C ALA A 67 7.54 14.79 26.83
N GLY A 68 8.08 15.72 26.05
CA GLY A 68 9.45 16.19 26.21
C GLY A 68 10.52 15.32 25.59
N LEU A 69 10.14 14.43 24.67
CA LEU A 69 11.11 13.59 23.98
C LEU A 69 12.04 14.46 23.17
N THR A 70 13.34 14.22 23.34
CA THR A 70 14.38 14.91 22.61
C THR A 70 15.39 13.87 22.13
N THR A 71 15.33 13.52 20.85
CA THR A 71 16.23 12.51 20.28
C THR A 71 17.19 13.14 19.26
N TYR A 72 18.36 12.53 19.11
CA TYR A 72 19.28 12.92 18.03
C TYR A 72 18.75 12.49 16.65
N PHE A 73 17.81 11.55 16.62
CA PHE A 73 17.29 11.02 15.35
C PHE A 73 16.42 12.00 14.59
N HIS A 74 16.76 12.22 13.32
CA HIS A 74 15.84 12.76 12.34
C HIS A 74 15.98 11.94 11.05
N PRO A 75 14.88 11.76 10.30
CA PRO A 75 14.97 11.02 9.03
C PRO A 75 15.54 11.84 7.86
N GLY A 76 15.72 13.14 8.08
CA GLY A 76 16.20 14.06 7.06
C GLY A 76 17.72 14.20 7.09
N ILE A 77 18.21 15.41 6.84
CA ILE A 77 19.66 15.63 6.77
C ILE A 77 20.08 16.77 7.70
N ASN A 78 19.93 18.02 7.28
CA ASN A 78 20.40 19.14 8.09
C ASN A 78 19.56 19.37 9.35
N LEU A 79 18.39 18.74 9.44
CA LEU A 79 17.59 18.79 10.69
C LEU A 79 18.26 18.00 11.80
N LYS A 80 19.18 17.10 11.44
CA LYS A 80 20.02 16.42 12.40
C LYS A 80 20.82 17.46 13.19
N LYS A 81 21.31 18.49 12.49
CA LYS A 81 22.03 19.59 13.13
C LYS A 81 21.18 20.26 14.18
N ILE A 82 19.93 20.53 13.84
CA ILE A 82 19.01 21.18 14.75
C ILE A 82 18.81 20.35 16.01
N HIS A 83 18.61 19.04 15.83
CA HIS A 83 18.50 18.13 16.97
C HIS A 83 19.78 18.11 17.77
N TYR A 84 20.92 18.05 17.06
CA TYR A 84 22.22 18.02 17.69
C TYR A 84 22.40 19.27 18.56
N ASP A 85 22.26 20.45 17.98
CA ASP A 85 22.47 21.69 18.74
C ASP A 85 21.51 21.81 19.93
N SER A 86 20.27 21.36 19.77
CA SER A 86 19.31 21.43 20.87
C SER A 86 19.80 20.64 22.08
N ILE A 87 20.15 19.39 21.86
CA ILE A 87 20.61 18.52 22.92
C ILE A 87 21.90 19.04 23.55
N LYS A 88 22.87 19.46 22.75
CA LYS A 88 24.12 19.99 23.30
C LYS A 88 23.85 21.19 24.21
N LEU A 89 22.96 22.08 23.75
CA LEU A 89 22.53 23.21 24.58
C LEU A 89 21.93 22.73 25.88
N TYR A 90 20.96 21.81 25.79
CA TYR A 90 20.21 21.35 26.95
C TYR A 90 21.14 20.75 28.01
N GLU A 91 22.20 20.05 27.59
CA GLU A 91 23.20 19.49 28.51
C GLU A 91 23.93 20.54 29.35
N ARG A 92 24.06 21.76 28.80
CA ARG A 92 24.87 22.83 29.38
C ARG A 92 24.07 23.93 30.10
N LEU A 93 22.74 23.91 30.01
CA LEU A 93 21.92 24.98 30.55
C LEU A 93 21.96 25.05 32.07
N GLU A 94 22.02 23.89 32.73
CA GLU A 94 22.04 23.81 34.20
C GLU A 94 23.28 24.45 34.79
N GLU A 95 24.42 24.26 34.14
CA GLU A 95 25.68 24.90 34.57
C GLU A 95 25.65 26.39 34.29
N GLU A 96 25.17 26.76 33.11
CA GLU A 96 25.22 28.15 32.66
C GLU A 96 24.29 29.09 33.43
N THR A 97 23.06 28.64 33.70
CA THR A 97 22.02 29.49 34.28
C THR A 97 21.80 29.28 35.79
N GLY A 98 22.39 28.21 36.33
CA GLY A 98 22.28 27.88 37.74
C GLY A 98 20.93 27.24 38.07
N GLN A 99 20.34 26.59 37.07
CA GLN A 99 18.96 26.18 37.12
C GLN A 99 18.75 24.79 36.52
N VAL A 100 18.03 23.94 37.24
CA VAL A 100 17.79 22.55 36.78
C VAL A 100 16.87 22.50 35.55
N VAL A 101 17.07 21.49 34.71
CA VAL A 101 16.17 21.25 33.56
C VAL A 101 15.56 19.84 33.51
N GLY A 102 16.00 18.94 34.39
CA GLY A 102 15.46 17.58 34.40
C GLY A 102 15.63 16.88 33.05
N PHE A 103 16.86 16.89 32.55
CA PHE A 103 17.19 16.25 31.28
C PHE A 103 17.64 14.81 31.52
N HIS A 104 16.77 13.85 31.20
CA HIS A 104 17.06 12.43 31.33
C HIS A 104 17.71 11.96 30.04
N GLN A 105 18.80 11.22 30.13
CA GLN A 105 19.56 10.83 28.93
C GLN A 105 19.91 9.34 28.89
N PRO A 106 18.87 8.48 28.93
CA PRO A 106 19.14 7.04 28.86
C PRO A 106 19.36 6.51 27.43
N GLY A 107 19.29 7.37 26.42
CA GLY A 107 19.37 6.94 25.02
C GLY A 107 18.01 6.64 24.42
N SER A 108 17.95 6.61 23.08
CA SER A 108 16.72 6.29 22.35
C SER A 108 16.94 5.12 21.39
N ILE A 109 15.93 4.27 21.26
CA ILE A 109 15.98 3.14 20.32
C ILE A 109 14.70 3.08 19.50
N ARG A 110 14.85 3.11 18.18
CA ARG A 110 13.76 2.85 17.26
C ARG A 110 13.85 1.37 16.92
N LEU A 111 12.71 0.67 16.95
CA LEU A 111 12.70 -0.79 16.81
C LEU A 111 12.30 -1.25 15.42
N ALA A 112 13.01 -2.27 14.92
CA ALA A 112 12.71 -2.92 13.63
C ALA A 112 12.17 -4.32 13.88
N THR A 113 10.98 -4.61 13.37
CA THR A 113 10.35 -5.94 13.50
C THR A 113 10.08 -6.63 12.16
N THR A 114 10.51 -6.01 11.06
CA THR A 114 10.42 -6.61 9.72
C THR A 114 11.71 -6.33 8.99
N PRO A 115 12.03 -7.15 7.96
CA PRO A 115 13.27 -6.94 7.20
C PRO A 115 13.27 -5.65 6.39
N GLU A 116 12.11 -5.23 5.89
CA GLU A 116 12.10 -3.93 5.25
C GLU A 116 12.42 -2.80 6.22
N ARG A 117 12.07 -2.93 7.49
CA ARG A 117 12.37 -1.90 8.48
C ARG A 117 13.86 -1.90 8.87
N VAL A 118 14.50 -3.07 8.81
CA VAL A 118 15.96 -3.16 8.96
C VAL A 118 16.63 -2.38 7.81
N ASP A 119 16.14 -2.56 6.59
CA ASP A 119 16.67 -1.81 5.44
C ASP A 119 16.54 -0.32 5.67
N GLU A 120 15.42 0.13 6.23
CA GLU A 120 15.24 1.55 6.52
C GLU A 120 16.35 2.06 7.44
N PHE A 121 16.70 1.28 8.45
CA PHE A 121 17.80 1.65 9.33
C PHE A 121 19.10 1.78 8.55
N LYS A 122 19.34 0.87 7.62
CA LYS A 122 20.57 0.93 6.79
C LYS A 122 20.60 2.18 5.94
N TYR A 123 19.45 2.50 5.35
CA TYR A 123 19.26 3.75 4.66
C TYR A 123 19.64 4.91 5.55
N GLN A 124 19.09 4.93 6.76
CA GLN A 124 19.34 6.02 7.70
C GLN A 124 20.78 6.08 8.21
N MET A 125 21.46 4.94 8.26
CA MET A 125 22.86 4.89 8.70
C MET A 125 23.82 5.53 7.71
N THR A 126 23.68 5.21 6.42
CA THR A 126 24.57 5.82 5.45
C THR A 126 24.34 7.32 5.40
N ARG A 127 23.10 7.73 5.67
CA ARG A 127 22.75 9.14 5.72
C ARG A 127 23.27 9.85 6.97
N THR A 128 23.58 9.08 8.00
CA THR A 128 24.00 9.61 9.28
C THR A 128 25.50 9.48 9.57
N ASN A 129 26.22 8.61 8.85
CA ASN A 129 27.63 8.34 9.16
C ASN A 129 28.60 9.46 8.83
N TRP A 130 28.19 10.39 7.97
CA TRP A 130 29.01 11.57 7.66
C TRP A 130 28.57 12.78 8.48
N HIS A 131 27.76 12.54 9.53
CA HIS A 131 27.45 13.59 10.48
C HIS A 131 28.02 13.25 11.85
N ALA A 132 28.20 14.29 12.65
CA ALA A 132 28.71 14.15 14.02
C ALA A 132 27.71 13.42 14.93
N THR A 133 26.43 13.48 14.61
CA THR A 133 25.40 12.74 15.34
C THR A 133 25.80 11.28 15.52
N GLU A 134 25.79 10.83 16.76
CA GLU A 134 26.18 9.48 17.12
C GLU A 134 24.96 8.59 16.96
N GLN A 135 25.10 7.50 16.20
CA GLN A 135 23.96 6.65 15.83
C GLN A 135 24.42 5.28 15.33
N TYR A 136 23.85 4.19 15.87
CA TYR A 136 24.21 2.81 15.50
C TYR A 136 23.01 1.89 15.35
N ILE A 137 23.20 0.83 14.57
CA ILE A 137 22.27 -0.29 14.55
C ILE A 137 22.73 -1.32 15.57
N ILE A 138 21.85 -1.70 16.47
CA ILE A 138 22.19 -2.68 17.50
C ILE A 138 21.42 -3.99 17.31
N GLU A 139 22.02 -5.08 17.77
CA GLU A 139 21.39 -6.39 17.74
C GLU A 139 20.41 -6.57 18.88
N PRO A 140 19.48 -7.54 18.77
CA PRO A 140 18.56 -7.87 19.86
C PRO A 140 19.21 -8.01 21.23
N GLU A 141 20.31 -8.76 21.33
CA GLU A 141 20.97 -8.96 22.63
C GLU A 141 21.19 -7.63 23.33
N LYS A 142 21.72 -6.66 22.59
CA LYS A 142 22.00 -5.34 23.13
C LYS A 142 20.71 -4.60 23.49
N ILE A 143 19.68 -4.75 22.66
CA ILE A 143 18.39 -4.12 22.92
C ILE A 143 17.80 -4.64 24.23
N HIS A 144 17.87 -5.96 24.40
CA HIS A 144 17.37 -6.60 25.61
C HIS A 144 18.15 -6.17 26.85
N GLU A 145 19.45 -5.92 26.69
CA GLU A 145 20.25 -5.45 27.82
C GLU A 145 19.79 -4.07 28.29
N LEU A 146 19.49 -3.19 27.33
CA LEU A 146 19.12 -1.81 27.64
C LEU A 146 17.65 -1.63 28.01
N PHE A 147 16.78 -2.41 27.38
CA PHE A 147 15.35 -2.39 27.71
C PHE A 147 14.93 -3.82 28.02
N PRO A 148 15.19 -4.26 29.27
CA PRO A 148 14.97 -5.67 29.62
C PRO A 148 13.51 -6.12 29.63
N LEU A 149 12.57 -5.16 29.69
CA LEU A 149 11.13 -5.45 29.75
C LEU A 149 10.47 -5.56 28.36
N LEU A 150 11.29 -5.68 27.32
CA LEU A 150 10.81 -5.70 25.95
C LEU A 150 10.55 -7.11 25.48
N ASN A 151 9.44 -7.32 24.79
CA ASN A 151 9.16 -8.62 24.19
C ASN A 151 10.03 -8.77 22.96
N MET A 152 10.96 -9.72 23.01
CA MET A 152 11.96 -9.88 21.96
C MET A 152 11.51 -10.75 20.78
N ASP A 153 10.31 -11.33 20.84
CA ASP A 153 9.86 -12.30 19.83
C ASP A 153 10.10 -11.85 18.40
N LYS A 154 9.74 -10.61 18.08
CA LYS A 154 9.79 -10.11 16.70
C LYS A 154 10.95 -9.16 16.42
N ILE A 155 11.70 -8.80 17.46
CA ILE A 155 12.71 -7.75 17.34
C ILE A 155 13.89 -8.24 16.51
N LEU A 156 14.13 -7.57 15.38
CA LEU A 156 15.26 -7.87 14.49
C LEU A 156 16.46 -6.97 14.73
N ALA A 157 16.21 -5.70 15.04
CA ALA A 157 17.27 -4.70 15.18
C ALA A 157 16.72 -3.44 15.80
N GLY A 158 17.62 -2.63 16.33
CA GLY A 158 17.27 -1.33 16.86
C GLY A 158 18.16 -0.27 16.25
N LEU A 159 17.63 0.94 16.10
CA LEU A 159 18.46 2.09 15.71
C LEU A 159 18.63 2.92 16.97
N TYR A 160 19.87 3.04 17.42
CA TYR A 160 20.20 3.52 18.75
C TYR A 160 21.00 4.83 18.68
N ASN A 161 20.47 5.87 19.34
CA ASN A 161 21.17 7.13 19.54
C ASN A 161 21.51 7.25 21.03
N PRO A 162 22.77 7.01 21.41
CA PRO A 162 23.08 7.19 22.82
C PRO A 162 23.14 8.67 23.15
N GLY A 163 22.98 9.00 24.42
CA GLY A 163 23.15 10.38 24.89
C GLY A 163 21.96 11.31 24.77
N ASP A 164 20.81 10.79 24.37
CA ASP A 164 19.59 11.62 24.28
C ASP A 164 18.55 11.03 25.20
N GLY A 165 17.34 11.58 25.16
CA GLY A 165 16.25 11.04 25.92
C GLY A 165 15.03 11.93 25.93
N HIS A 166 14.84 12.67 27.02
CA HIS A 166 13.68 13.53 27.19
C HIS A 166 13.93 14.55 28.29
N ILE A 167 13.15 15.61 28.27
CA ILE A 167 13.37 16.72 29.18
C ILE A 167 12.03 17.27 29.65
N ASP A 168 12.05 17.97 30.77
CA ASP A 168 10.88 18.68 31.29
C ASP A 168 10.70 19.99 30.50
N PRO A 169 9.61 20.09 29.70
CA PRO A 169 9.42 21.27 28.84
C PRO A 169 9.34 22.59 29.62
N TYR A 170 8.76 22.55 30.81
CA TYR A 170 8.60 23.74 31.62
C TYR A 170 9.95 24.20 32.17
N SER A 171 10.68 23.27 32.78
CA SER A 171 11.97 23.61 33.39
C SER A 171 12.91 24.12 32.29
N LEU A 172 12.85 23.47 31.12
CA LEU A 172 13.67 23.90 29.98
C LEU A 172 13.40 25.36 29.64
N THR A 173 12.13 25.69 29.44
CA THR A 173 11.74 27.04 29.07
C THR A 173 12.11 28.07 30.15
N MET A 174 11.93 27.70 31.41
CA MET A 174 12.30 28.57 32.53
C MET A 174 13.80 28.87 32.55
N ALA A 175 14.60 27.83 32.32
CA ALA A 175 16.06 27.99 32.27
C ALA A 175 16.45 28.91 31.13
N LEU A 176 15.87 28.68 29.95
CA LEU A 176 16.14 29.52 28.78
C LEU A 176 15.75 30.97 29.05
N ALA A 177 14.69 31.18 29.84
CA ALA A 177 14.23 32.52 30.16
C ALA A 177 15.21 33.25 31.08
N THR A 178 15.72 32.55 32.10
CA THR A 178 16.74 33.13 32.97
C THR A 178 18.01 33.49 32.19
N GLY A 179 18.43 32.62 31.30
CA GLY A 179 19.54 32.93 30.40
C GLY A 179 19.28 34.21 29.62
N ALA A 180 18.13 34.24 28.94
CA ALA A 180 17.73 35.41 28.16
C ALA A 180 17.78 36.69 28.97
N ARG A 181 17.20 36.64 30.18
CA ARG A 181 17.18 37.79 31.08
C ARG A 181 18.58 38.18 31.52
N LYS A 182 19.41 37.18 31.78
CA LYS A 182 20.80 37.39 32.17
C LYS A 182 21.63 38.09 31.08
N TYR A 183 21.31 37.86 29.82
CA TYR A 183 22.05 38.47 28.70
C TYR A 183 21.41 39.74 28.12
N GLY A 184 20.32 40.21 28.74
CA GLY A 184 19.75 41.53 28.39
C GLY A 184 18.34 41.52 27.83
N ALA A 185 17.76 40.35 27.59
CA ALA A 185 16.41 40.26 27.03
C ALA A 185 15.36 40.66 28.06
N LEU A 186 14.25 41.18 27.56
CA LEU A 186 13.10 41.55 28.38
C LEU A 186 11.90 40.68 28.02
N LEU A 187 11.38 39.93 29.01
CA LEU A 187 10.25 39.04 28.76
C LEU A 187 9.00 39.59 29.47
N LYS A 188 8.06 40.10 28.68
CA LYS A 188 6.84 40.74 29.20
C LYS A 188 5.59 39.85 29.07
N TYR A 189 4.89 39.65 30.18
CA TYR A 189 3.61 38.92 30.21
C TYR A 189 2.87 39.14 31.53
N PRO A 190 1.52 39.18 31.50
CA PRO A 190 0.66 39.13 30.31
C PRO A 190 0.75 40.39 29.46
N ALA A 191 1.06 40.20 28.18
CA ALA A 191 1.25 41.31 27.24
C ALA A 191 0.96 40.84 25.81
N PRO A 192 -0.31 40.48 25.53
CA PRO A 192 -0.66 39.98 24.20
C PRO A 192 -0.50 41.02 23.09
N VAL A 193 0.03 40.60 21.96
CA VAL A 193 0.06 41.45 20.76
C VAL A 193 -1.34 41.47 20.15
N THR A 194 -1.90 42.66 20.01
CA THR A 194 -3.27 42.84 19.50
C THR A 194 -3.33 43.40 18.09
N SER A 195 -2.29 44.14 17.68
CA SER A 195 -2.20 44.66 16.32
C SER A 195 -0.73 44.88 15.90
N LEU A 196 -0.52 44.98 14.60
CA LEU A 196 0.80 45.08 14.01
C LEU A 196 0.69 45.94 12.77
N LYS A 197 1.46 47.03 12.76
CA LYS A 197 1.46 47.96 11.65
C LYS A 197 2.87 48.11 11.09
N PRO A 198 3.05 47.78 9.79
CA PRO A 198 4.32 48.08 9.16
C PRO A 198 4.50 49.58 8.98
N ARG A 199 5.75 50.03 8.90
CA ARG A 199 6.04 51.42 8.65
C ARG A 199 6.78 51.51 7.34
N PRO A 200 6.78 52.72 6.71
CA PRO A 200 7.46 52.87 5.41
C PRO A 200 8.97 52.54 5.43
N ASP A 201 9.64 52.83 6.54
CA ASP A 201 11.08 52.51 6.67
C ASP A 201 11.37 51.02 6.99
N GLY A 202 10.34 50.17 6.98
CA GLY A 202 10.53 48.73 7.15
C GLY A 202 10.41 48.23 8.59
N THR A 203 10.16 49.14 9.54
CA THR A 203 10.00 48.77 10.96
C THR A 203 8.51 48.55 11.30
N TRP A 204 8.22 48.25 12.57
CA TRP A 204 6.90 47.81 13.01
C TRP A 204 6.43 48.50 14.29
N ASP A 205 5.16 48.87 14.34
CA ASP A 205 4.51 49.28 15.58
C ASP A 205 3.75 48.08 16.10
N VAL A 206 3.98 47.74 17.37
CA VAL A 206 3.34 46.58 17.97
C VAL A 206 2.47 47.07 19.11
N GLU A 207 1.23 46.59 19.16
CA GLU A 207 0.29 47.01 20.18
C GLU A 207 0.03 45.89 21.17
N THR A 208 0.20 46.20 22.46
CA THR A 208 -0.29 45.34 23.55
C THR A 208 -1.06 46.20 24.53
N PRO A 209 -1.85 45.56 25.42
CA PRO A 209 -2.52 46.27 26.51
C PRO A 209 -1.56 47.00 27.45
N GLN A 210 -0.31 46.57 27.52
CA GLN A 210 0.69 47.20 28.36
C GLN A 210 1.38 48.41 27.68
N GLY A 211 1.17 48.60 26.38
CA GLY A 211 1.78 49.74 25.66
C GLY A 211 2.33 49.35 24.29
N SER A 212 2.91 50.32 23.59
CA SER A 212 3.39 50.15 22.23
C SER A 212 4.90 49.94 22.16
N VAL A 213 5.32 49.00 21.33
CA VAL A 213 6.73 48.84 20.98
C VAL A 213 6.91 49.12 19.49
N ARG A 214 7.90 49.96 19.16
CA ARG A 214 8.37 50.16 17.79
C ARG A 214 9.62 49.29 17.55
N ALA A 215 9.44 48.21 16.81
CA ALA A 215 10.47 47.19 16.59
C ALA A 215 11.06 47.28 15.18
N ASN A 216 12.39 47.10 15.10
CA ASN A 216 13.07 46.99 13.81
C ASN A 216 12.66 45.74 13.04
N ARG A 217 12.30 44.70 13.78
CA ARG A 217 11.79 43.48 13.17
C ARG A 217 10.88 42.76 14.16
N ILE A 218 10.04 41.88 13.63
CA ILE A 218 9.13 41.09 14.47
C ILE A 218 9.24 39.62 14.12
N VAL A 219 8.96 38.77 15.12
CA VAL A 219 9.08 37.33 14.96
C VAL A 219 7.86 36.63 15.55
N ASN A 220 7.17 35.88 14.68
CA ASN A 220 6.00 35.13 15.09
C ASN A 220 6.44 33.80 15.67
N ALA A 221 6.16 33.60 16.96
CA ALA A 221 6.44 32.33 17.62
C ALA A 221 5.23 31.91 18.47
N ALA A 222 4.04 32.05 17.90
CA ALA A 222 2.80 32.05 18.69
C ALA A 222 2.03 30.73 18.68
N GLY A 223 2.72 29.63 18.40
CA GLY A 223 2.12 28.32 18.49
C GLY A 223 0.88 28.17 17.62
N PHE A 224 -0.19 27.63 18.21
CA PHE A 224 -1.43 27.41 17.47
C PHE A 224 -2.24 28.69 17.26
N TRP A 225 -1.72 29.81 17.78
CA TRP A 225 -2.21 31.13 17.42
C TRP A 225 -1.40 31.73 16.28
N ALA A 226 -0.43 31.01 15.73
CA ALA A 226 0.47 31.59 14.73
C ALA A 226 -0.29 32.09 13.51
N ARG A 227 -1.27 31.31 13.06
CA ARG A 227 -2.11 31.71 11.92
C ARG A 227 -2.82 33.04 12.20
N GLU A 228 -3.43 33.18 13.39
CA GLU A 228 -4.10 34.44 13.77
C GLU A 228 -3.16 35.63 13.80
N VAL A 229 -1.93 35.44 14.27
CA VAL A 229 -0.96 36.54 14.30
C VAL A 229 -0.53 36.90 12.87
N GLY A 230 -0.36 35.91 12.01
CA GLY A 230 -0.06 36.14 10.61
C GLY A 230 -1.10 37.02 9.94
N LYS A 231 -2.37 36.77 10.23
CA LYS A 231 -3.47 37.52 9.63
C LYS A 231 -3.54 38.97 10.07
N MET A 232 -2.88 39.34 11.18
CA MET A 232 -2.79 40.75 11.60
C MET A 232 -2.03 41.58 10.57
N ILE A 233 -1.21 40.92 9.76
CA ILE A 233 -0.42 41.62 8.73
C ILE A 233 -0.75 41.13 7.32
N GLY A 234 -1.93 40.54 7.17
CA GLY A 234 -2.44 40.15 5.85
C GLY A 234 -1.78 38.94 5.22
N LEU A 235 -1.31 38.00 6.04
CA LEU A 235 -0.77 36.73 5.53
C LEU A 235 -1.60 35.56 6.06
N ASP A 236 -1.60 34.47 5.29
CA ASP A 236 -2.26 33.22 5.70
C ASP A 236 -1.22 32.12 5.84
N HIS A 237 -0.93 31.76 7.10
CA HIS A 237 0.05 30.72 7.39
C HIS A 237 -0.65 29.35 7.35
N PRO A 238 -0.20 28.43 6.49
CA PRO A 238 -0.88 27.14 6.38
C PRO A 238 -0.62 26.26 7.58
N LEU A 239 -1.38 26.49 8.65
CA LEU A 239 -1.21 25.76 9.91
C LEU A 239 -2.55 25.32 10.44
N ILE A 240 -2.60 24.12 11.01
CA ILE A 240 -3.79 23.61 11.64
C ILE A 240 -3.42 22.87 12.92
N PRO A 241 -4.05 23.23 14.04
CA PRO A 241 -3.78 22.52 15.29
C PRO A 241 -4.35 21.12 15.26
N VAL A 242 -3.52 20.11 15.49
CA VAL A 242 -3.96 18.73 15.57
C VAL A 242 -4.02 18.30 17.02
N GLN A 243 -4.78 17.22 17.28
CA GLN A 243 -4.82 16.60 18.60
C GLN A 243 -3.79 15.47 18.70
N HIS A 244 -3.08 15.40 19.82
CA HIS A 244 -2.21 14.27 20.09
C HIS A 244 -2.32 13.82 21.55
N GLN A 245 -2.28 12.51 21.76
CA GLN A 245 -2.47 11.90 23.09
C GLN A 245 -1.30 11.02 23.53
N TYR A 246 -0.90 11.14 24.79
CA TYR A 246 -0.10 10.11 25.43
C TYR A 246 -0.75 9.63 26.73
N VAL A 247 -0.39 8.40 27.11
CA VAL A 247 -0.96 7.72 28.27
C VAL A 247 0.11 7.46 29.34
N ILE A 248 -0.11 8.00 30.53
CA ILE A 248 0.79 7.79 31.66
C ILE A 248 0.26 6.62 32.50
N THR A 249 1.13 5.66 32.79
CA THR A 249 0.80 4.49 33.58
C THR A 249 1.20 4.70 35.05
N SER A 250 0.56 3.97 35.96
CA SER A 250 0.92 3.99 37.38
C SER A 250 2.24 3.27 37.59
N THR A 251 2.74 3.26 38.82
CA THR A 251 4.00 2.60 39.16
C THR A 251 3.96 1.11 38.79
N ILE A 252 5.07 0.62 38.25
CA ILE A 252 5.21 -0.78 37.87
C ILE A 252 6.39 -1.38 38.64
N PRO A 253 6.15 -2.48 39.39
CA PRO A 253 7.21 -3.08 40.21
C PRO A 253 8.49 -3.36 39.43
N GLU A 254 8.35 -3.98 38.26
CA GLU A 254 9.51 -4.33 37.44
C GLU A 254 10.29 -3.10 36.96
N VAL A 255 9.63 -1.95 36.86
CA VAL A 255 10.28 -0.71 36.45
C VAL A 255 10.95 -0.02 37.65
N LYS A 256 10.30 -0.07 38.81
CA LYS A 256 10.87 0.50 40.03
C LYS A 256 12.12 -0.25 40.45
N ALA A 257 12.06 -1.56 40.33
CA ALA A 257 13.19 -2.47 40.63
C ALA A 257 14.48 -2.16 39.88
N LEU A 258 14.38 -1.56 38.69
CA LEU A 258 15.56 -1.21 37.91
C LEU A 258 16.33 -0.05 38.52
N LYS A 259 17.64 -0.10 38.37
CA LYS A 259 18.54 0.93 38.91
C LYS A 259 18.78 2.03 37.87
N ARG A 260 18.93 1.65 36.61
CA ARG A 260 19.09 2.61 35.52
C ARG A 260 17.77 2.84 34.79
N GLU A 261 17.54 4.07 34.36
CA GLU A 261 16.34 4.42 33.61
C GLU A 261 16.32 3.68 32.27
N LEU A 262 15.11 3.34 31.81
CA LEU A 262 14.92 2.73 30.49
C LEU A 262 15.13 3.76 29.38
N PRO A 263 15.73 3.34 28.26
CA PRO A 263 15.85 4.24 27.12
C PRO A 263 14.48 4.48 26.45
N VAL A 264 14.40 5.56 25.68
CA VAL A 264 13.18 5.92 24.97
C VAL A 264 13.03 5.02 23.76
N LEU A 265 11.87 4.40 23.61
CA LEU A 265 11.58 3.53 22.48
C LEU A 265 10.70 4.22 21.45
N ARG A 266 10.76 3.70 20.23
CA ARG A 266 9.70 3.93 19.27
C ARG A 266 9.35 2.59 18.64
N ASP A 267 8.07 2.18 18.78
CA ASP A 267 7.56 0.95 18.16
C ASP A 267 6.96 1.37 16.83
N LEU A 268 7.72 1.12 15.77
CA LEU A 268 7.41 1.76 14.51
C LEU A 268 6.17 1.15 13.88
N GLU A 269 6.06 -0.17 13.90
CA GLU A 269 4.89 -0.85 13.34
C GLU A 269 3.65 -0.60 14.20
N GLY A 270 3.82 -0.62 15.52
CA GLY A 270 2.74 -0.26 16.45
C GLY A 270 2.43 1.23 16.45
N SER A 271 3.33 2.03 15.87
CA SER A 271 3.18 3.48 15.75
C SER A 271 2.91 4.16 17.11
N TYR A 272 3.85 4.01 18.04
CA TYR A 272 3.83 4.79 19.26
C TYR A 272 5.26 4.97 19.80
N TYR A 273 5.49 6.07 20.52
CA TYR A 273 6.73 6.24 21.28
C TYR A 273 6.47 5.84 22.73
N LEU A 274 7.51 5.49 23.46
CA LEU A 274 7.36 5.04 24.85
C LEU A 274 8.58 5.41 25.69
N ARG A 275 8.34 5.95 26.88
CA ARG A 275 9.43 6.30 27.79
C ARG A 275 9.07 6.01 29.23
N GLN A 276 10.09 5.97 30.08
CA GLN A 276 9.88 5.86 31.49
C GLN A 276 9.40 7.21 32.03
N GLU A 277 8.44 7.15 32.96
CA GLU A 277 7.91 8.31 33.66
C GLU A 277 7.78 7.95 35.13
N ARG A 278 8.69 8.48 35.95
CA ARG A 278 8.85 8.01 37.34
C ARG A 278 9.16 6.50 37.30
N ASP A 279 8.35 5.69 37.97
CA ASP A 279 8.54 4.26 37.97
C ASP A 279 7.42 3.59 37.20
N GLY A 280 6.75 4.39 36.36
CA GLY A 280 5.77 3.89 35.43
C GLY A 280 6.21 4.19 34.00
N LEU A 281 5.29 4.02 33.07
CA LEU A 281 5.59 4.27 31.67
C LEU A 281 4.65 5.31 31.04
N LEU A 282 5.10 5.84 29.90
CA LEU A 282 4.38 6.86 29.16
C LEU A 282 4.53 6.53 27.68
N PHE A 283 3.41 6.41 26.97
CA PHE A 283 3.46 6.11 25.55
C PHE A 283 2.38 6.88 24.78
N GLY A 284 2.74 7.30 23.57
CA GLY A 284 1.92 8.20 22.78
C GLY A 284 1.79 7.67 21.37
N PRO A 285 0.57 7.27 20.97
CA PRO A 285 0.38 6.75 19.64
C PRO A 285 0.24 7.82 18.56
N TYR A 286 0.65 7.46 17.35
CA TYR A 286 0.25 8.20 16.17
C TYR A 286 -0.68 7.27 15.41
N GLU A 287 -1.97 7.47 15.64
CA GLU A 287 -3.01 6.64 15.07
C GLU A 287 -3.23 6.98 13.60
N SER A 288 -4.07 6.18 12.94
CA SER A 288 -4.32 6.34 11.52
C SER A 288 -4.76 7.76 11.16
N GLN A 289 -4.48 8.14 9.92
CA GLN A 289 -4.95 9.42 9.40
C GLN A 289 -6.47 9.44 9.30
N GLU A 290 -7.09 8.26 9.23
CA GLU A 290 -8.54 8.15 9.21
C GLU A 290 -9.15 8.38 10.59
N LYS A 291 -8.37 8.10 11.64
CA LYS A 291 -8.86 8.16 13.03
C LYS A 291 -8.43 9.41 13.80
N MET A 292 -7.33 10.04 13.41
CA MET A 292 -6.81 11.17 14.16
C MET A 292 -7.83 12.30 14.16
N LYS A 293 -7.67 13.23 15.10
CA LYS A 293 -8.54 14.39 15.18
C LYS A 293 -7.72 15.67 15.16
N LEU A 294 -8.33 16.72 14.62
CA LEU A 294 -7.68 18.03 14.50
C LEU A 294 -8.73 19.13 14.66
N GLN A 295 -8.26 20.36 14.77
CA GLN A 295 -9.11 21.50 15.13
C GLN A 295 -9.48 22.35 13.94
N ALA A 296 -10.23 21.78 13.00
CA ALA A 296 -10.76 22.53 11.86
C ALA A 296 -11.53 23.79 12.29
N SER A 297 -12.26 23.69 13.41
CA SER A 297 -13.01 24.83 13.98
C SER A 297 -12.08 26.00 14.35
N TRP A 298 -10.87 25.68 14.80
CA TRP A 298 -9.92 26.72 15.17
C TRP A 298 -9.30 27.42 13.96
N VAL A 299 -9.38 26.79 12.79
CA VAL A 299 -8.97 27.46 11.55
C VAL A 299 -10.07 28.43 11.11
N ALA A 300 -11.29 27.91 10.99
CA ALA A 300 -12.45 28.70 10.55
C ALA A 300 -12.77 29.89 11.46
N HIS A 301 -12.73 29.65 12.77
CA HIS A 301 -13.19 30.64 13.75
C HIS A 301 -12.11 31.16 14.66
N GLY A 302 -10.90 30.62 14.55
CA GLY A 302 -9.81 30.97 15.47
C GLY A 302 -9.82 30.17 16.77
N VAL A 303 -8.76 30.35 17.54
CA VAL A 303 -8.61 29.68 18.83
C VAL A 303 -9.63 30.27 19.81
N PRO A 304 -10.40 29.43 20.49
CA PRO A 304 -11.26 29.99 21.52
C PRO A 304 -10.45 30.86 22.48
N PRO A 305 -10.88 32.11 22.70
CA PRO A 305 -10.21 32.91 23.73
C PRO A 305 -10.47 32.28 25.11
N GLY A 306 -9.53 32.44 26.02
CA GLY A 306 -9.59 31.74 27.30
C GLY A 306 -9.18 30.28 27.20
N PHE A 307 -8.69 29.85 26.03
CA PHE A 307 -7.98 28.59 25.94
C PHE A 307 -6.53 28.86 26.29
N GLY A 308 -6.03 28.11 27.26
CA GLY A 308 -4.66 28.25 27.74
C GLY A 308 -4.49 27.38 28.97
N LYS A 309 -3.33 26.74 29.09
CA LYS A 309 -3.04 25.91 30.25
C LYS A 309 -4.12 24.83 30.42
N GLU A 310 -4.54 24.24 29.31
CA GLU A 310 -5.69 23.36 29.34
C GLU A 310 -5.65 22.35 28.18
N LEU A 311 -6.47 21.32 28.30
CA LEU A 311 -6.42 20.17 27.41
C LEU A 311 -7.79 19.84 26.82
N PHE A 312 -7.82 18.84 25.94
CA PHE A 312 -9.06 18.30 25.41
C PHE A 312 -9.40 17.06 26.22
N GLU A 313 -10.62 16.56 26.05
CA GLU A 313 -11.05 15.34 26.69
C GLU A 313 -10.29 14.14 26.14
N SER A 314 -10.00 13.17 26.99
CA SER A 314 -9.38 11.92 26.57
C SER A 314 -10.25 11.17 25.58
N ASP A 315 -9.61 10.39 24.71
CA ASP A 315 -10.32 9.53 23.77
C ASP A 315 -9.49 8.28 23.53
N LEU A 316 -9.48 7.40 24.53
CA LEU A 316 -8.71 6.17 24.47
C LEU A 316 -9.17 5.29 23.30
N ASP A 317 -10.46 5.33 22.99
CA ASP A 317 -11.04 4.47 21.98
C ASP A 317 -10.41 4.56 20.61
N ARG A 318 -10.01 5.78 20.23
CA ARG A 318 -9.46 6.00 18.91
C ARG A 318 -7.99 5.56 18.79
N ILE A 319 -7.33 5.32 19.93
CA ILE A 319 -5.97 4.79 19.94
C ILE A 319 -5.85 3.33 20.43
N THR A 320 -6.98 2.66 20.66
CA THR A 320 -6.98 1.27 21.17
C THR A 320 -6.05 0.31 20.42
N GLU A 321 -6.10 0.32 19.09
CA GLU A 321 -5.27 -0.57 18.28
C GLU A 321 -3.78 -0.50 18.64
N HIS A 322 -3.32 0.70 18.99
CA HIS A 322 -1.92 0.96 19.33
C HIS A 322 -1.63 0.71 20.79
N VAL A 323 -2.63 0.90 21.63
CA VAL A 323 -2.53 0.53 23.03
C VAL A 323 -2.25 -0.97 23.12
N GLU A 324 -2.99 -1.76 22.33
CA GLU A 324 -2.81 -3.21 22.35
C GLU A 324 -1.44 -3.65 21.83
N ALA A 325 -0.94 -2.99 20.79
CA ALA A 325 0.39 -3.32 20.25
C ALA A 325 1.47 -3.04 21.28
N ALA A 326 1.29 -1.97 22.06
CA ALA A 326 2.17 -1.66 23.19
C ALA A 326 2.07 -2.68 24.33
N MET A 327 0.85 -3.11 24.64
CA MET A 327 0.62 -4.09 25.71
C MET A 327 1.31 -5.40 25.41
N GLU A 328 1.38 -5.79 24.14
CA GLU A 328 2.07 -7.02 23.76
C GLU A 328 3.58 -6.86 23.64
N MET A 329 4.02 -5.67 23.24
CA MET A 329 5.44 -5.38 23.05
C MET A 329 6.14 -5.11 24.39
N VAL A 330 5.41 -4.53 25.33
CA VAL A 330 5.91 -4.33 26.69
C VAL A 330 4.92 -4.97 27.67
N PRO A 331 4.99 -6.30 27.81
CA PRO A 331 3.97 -7.07 28.52
C PRO A 331 3.51 -6.45 29.83
N VAL A 332 4.43 -5.81 30.53
CA VAL A 332 4.15 -5.21 31.81
C VAL A 332 3.01 -4.17 31.81
N LEU A 333 2.77 -3.55 30.65
CA LEU A 333 1.63 -2.65 30.50
C LEU A 333 0.30 -3.36 30.73
N LYS A 334 0.19 -4.60 30.24
CA LYS A 334 -1.03 -5.41 30.41
C LYS A 334 -1.62 -5.32 31.83
N LYS A 335 -0.76 -5.32 32.84
CA LYS A 335 -1.18 -5.33 34.23
C LYS A 335 -1.21 -3.95 34.88
N ALA A 336 -0.53 -2.98 34.27
CA ALA A 336 -0.47 -1.65 34.86
C ALA A 336 -1.83 -0.95 34.80
N ASP A 337 -2.00 0.03 35.67
CA ASP A 337 -3.17 0.90 35.65
C ASP A 337 -2.77 2.25 35.03
N ILE A 338 -3.75 2.95 34.47
CA ILE A 338 -3.52 4.24 33.80
C ILE A 338 -3.82 5.37 34.77
N ILE A 339 -2.81 6.18 35.11
CA ILE A 339 -3.02 7.37 35.96
C ILE A 339 -3.74 8.45 35.17
N ASN A 340 -3.31 8.65 33.93
CA ASN A 340 -3.59 9.89 33.21
C ASN A 340 -3.43 9.77 31.70
N ILE A 341 -4.21 10.57 30.98
CA ILE A 341 -4.16 10.64 29.53
C ILE A 341 -4.14 12.11 29.09
N VAL A 342 -3.08 12.51 28.37
CA VAL A 342 -2.91 13.91 27.98
C VAL A 342 -3.25 14.09 26.50
N ASN A 343 -4.39 14.73 26.26
CA ASN A 343 -4.83 15.10 24.91
C ASN A 343 -4.69 16.61 24.71
N GLY A 344 -3.81 17.01 23.81
CA GLY A 344 -3.54 18.44 23.60
C GLY A 344 -3.18 18.77 22.17
N PRO A 345 -3.13 20.07 21.85
CA PRO A 345 -2.92 20.51 20.48
C PRO A 345 -1.45 20.70 20.08
N ILE A 346 -1.16 20.35 18.82
CA ILE A 346 0.13 20.65 18.21
C ILE A 346 -0.15 21.39 16.92
N THR A 347 0.62 22.46 16.69
CA THR A 347 0.50 23.26 15.47
C THR A 347 1.27 22.59 14.33
N TYR A 348 0.55 22.03 13.39
CA TYR A 348 1.15 21.33 12.24
C TYR A 348 1.14 22.24 11.04
N SER A 349 2.16 22.08 10.21
CA SER A 349 2.10 22.55 8.84
C SER A 349 1.85 21.28 8.04
N PRO A 350 1.54 21.42 6.74
CA PRO A 350 1.15 20.30 5.88
C PRO A 350 2.16 19.16 5.84
N ASP A 351 3.45 19.48 5.75
CA ASP A 351 4.47 18.43 5.60
C ASP A 351 5.13 18.01 6.93
N ILE A 352 4.56 18.47 8.04
CA ILE A 352 4.98 18.12 9.40
C ILE A 352 6.17 18.94 9.88
N LEU A 353 6.86 19.61 8.96
CA LEU A 353 8.01 20.43 9.30
C LEU A 353 7.58 21.87 9.57
N PRO A 354 8.32 22.57 10.43
CA PRO A 354 7.98 23.95 10.75
C PRO A 354 8.36 24.95 9.66
N MET A 355 7.85 26.17 9.82
CA MET A 355 8.22 27.28 8.97
C MET A 355 9.14 28.16 9.79
N VAL A 356 10.41 28.15 9.41
CA VAL A 356 11.45 28.86 10.14
C VAL A 356 12.26 29.71 9.17
N GLY A 357 12.17 31.03 9.31
CA GLY A 357 12.95 31.93 8.47
C GLY A 357 12.24 33.26 8.30
N PRO A 358 12.82 34.17 7.48
CA PRO A 358 12.20 35.44 7.14
C PRO A 358 11.15 35.25 6.07
N HIS A 359 10.05 36.00 6.14
CA HIS A 359 8.89 35.78 5.26
C HIS A 359 8.95 36.68 4.03
N GLN A 360 8.71 36.08 2.87
CA GLN A 360 8.65 36.80 1.61
C GLN A 360 7.45 37.76 1.55
N GLY A 361 7.61 38.87 0.82
CA GLY A 361 6.51 39.77 0.52
C GLY A 361 6.13 40.74 1.61
N VAL A 362 6.96 40.83 2.65
CA VAL A 362 6.85 41.87 3.66
C VAL A 362 8.25 42.12 4.21
N ARG A 363 8.42 43.26 4.87
CA ARG A 363 9.72 43.64 5.38
C ARG A 363 9.87 43.29 6.87
N ASN A 364 10.99 42.65 7.19
CA ASN A 364 11.40 42.39 8.56
C ASN A 364 10.39 41.67 9.41
N TYR A 365 9.75 40.67 8.82
CA TYR A 365 8.90 39.73 9.55
C TYR A 365 9.54 38.35 9.42
N TRP A 366 9.68 37.66 10.54
CA TRP A 366 10.27 36.34 10.60
C TRP A 366 9.27 35.45 11.30
N VAL A 367 9.38 34.15 11.07
CA VAL A 367 8.49 33.19 11.67
C VAL A 367 9.29 32.01 12.18
N ALA A 368 8.80 31.46 13.28
CA ALA A 368 9.27 30.18 13.81
C ALA A 368 8.00 29.52 14.32
N ILE A 369 7.31 28.84 13.42
CA ILE A 369 5.96 28.39 13.66
C ILE A 369 5.68 26.99 13.11
N GLY A 370 4.61 26.38 13.62
CA GLY A 370 4.17 25.07 13.18
C GLY A 370 5.12 23.93 13.48
N PHE A 371 5.47 23.77 14.76
CA PHE A 371 6.38 22.71 15.18
C PHE A 371 5.64 21.46 15.64
N GLY A 372 5.79 20.38 14.88
CA GLY A 372 5.34 19.07 15.34
C GLY A 372 6.20 18.56 16.49
N TYR A 373 7.46 19.00 16.50
CA TYR A 373 8.45 18.55 17.47
C TYR A 373 9.22 19.75 18.06
N GLY A 374 8.49 20.67 18.67
CA GLY A 374 9.08 21.91 19.16
C GLY A 374 10.08 21.81 20.30
N ILE A 375 9.90 20.82 21.19
CA ILE A 375 10.78 20.65 22.35
C ILE A 375 12.19 20.32 21.86
N ILE A 376 12.28 19.36 20.94
CA ILE A 376 13.56 18.96 20.36
C ILE A 376 14.14 20.02 19.40
N HIS A 377 13.29 20.82 18.75
CA HIS A 377 13.78 21.80 17.76
C HIS A 377 14.06 23.22 18.31
N ALA A 378 13.56 23.53 19.50
CA ALA A 378 13.62 24.89 20.04
C ALA A 378 15.06 25.40 20.14
N GLY A 379 15.92 24.57 20.70
CA GLY A 379 17.30 24.93 20.97
C GLY A 379 18.05 25.26 19.69
N GLY A 380 18.09 24.30 18.78
CA GLY A 380 18.78 24.48 17.50
C GLY A 380 18.20 25.59 16.66
N VAL A 381 16.87 25.72 16.67
CA VAL A 381 16.23 26.74 15.85
C VAL A 381 16.52 28.14 16.39
N GLY A 382 16.61 28.27 17.70
CA GLY A 382 16.98 29.55 18.31
C GLY A 382 18.34 30.05 17.84
N THR A 383 19.35 29.18 17.91
CA THR A 383 20.67 29.56 17.45
C THR A 383 20.70 29.77 15.93
N TYR A 384 19.95 28.95 15.19
CA TYR A 384 19.87 29.08 13.73
C TYR A 384 19.26 30.41 13.29
N LEU A 385 18.10 30.74 13.85
CA LEU A 385 17.41 32.00 13.52
C LEU A 385 18.24 33.18 13.97
N SER A 386 18.83 33.06 15.16
CA SER A 386 19.71 34.12 15.68
C SER A 386 20.79 34.44 14.65
N ASP A 387 21.50 33.41 14.19
CA ASP A 387 22.55 33.58 13.20
C ASP A 387 22.03 34.27 11.92
N TRP A 388 20.92 33.77 11.39
CA TRP A 388 20.32 34.33 10.17
C TRP A 388 19.94 35.80 10.37
N ILE A 389 19.35 36.11 11.51
CA ILE A 389 18.95 37.49 11.80
C ILE A 389 20.17 38.39 11.91
N LEU A 390 21.21 37.94 12.63
CA LEU A 390 22.39 38.74 12.87
C LEU A 390 23.31 38.85 11.65
N HIS A 391 23.33 37.83 10.80
CA HIS A 391 24.31 37.77 9.71
C HIS A 391 23.75 38.07 8.31
N GLY A 392 22.44 37.97 8.13
CA GLY A 392 21.80 38.23 6.83
C GLY A 392 21.77 37.02 5.90
N GLU A 393 22.15 35.85 6.43
CA GLU A 393 22.14 34.58 5.69
C GLU A 393 22.15 33.45 6.71
N PRO A 394 21.52 32.33 6.36
CA PRO A 394 21.50 31.22 7.31
C PRO A 394 22.87 30.59 7.46
N PRO A 395 23.16 30.04 8.65
CA PRO A 395 24.45 29.38 8.90
C PRO A 395 24.62 28.03 8.21
N PHE A 396 23.50 27.40 7.84
CA PHE A 396 23.54 26.22 7.00
C PHE A 396 22.18 26.13 6.32
N ASP A 397 22.04 25.27 5.33
CA ASP A 397 20.84 25.28 4.52
C ASP A 397 19.72 24.50 5.20
N LEU A 398 18.57 25.16 5.37
CA LEU A 398 17.36 24.55 5.87
C LEU A 398 16.15 24.97 5.06
N ILE A 399 16.31 24.98 3.74
CA ILE A 399 15.21 25.32 2.84
C ILE A 399 13.98 24.43 3.04
N GLU A 400 14.20 23.20 3.47
CA GLU A 400 13.08 22.30 3.83
C GLU A 400 12.15 22.90 4.91
N LEU A 401 12.64 23.90 5.65
CA LEU A 401 11.82 24.65 6.61
C LEU A 401 11.47 26.07 6.14
N ASP A 402 11.74 26.40 4.88
CA ASP A 402 11.55 27.76 4.41
C ASP A 402 10.08 28.12 4.52
N PRO A 403 9.77 29.26 5.17
CA PRO A 403 8.36 29.58 5.34
C PRO A 403 7.60 29.69 4.04
N ASN A 404 8.29 30.08 2.97
CA ASN A 404 7.66 30.32 1.70
C ASN A 404 7.82 29.18 0.70
N ARG A 405 7.98 27.95 1.22
CA ARG A 405 7.85 26.76 0.38
C ARG A 405 6.38 26.52 0.07
N TYR A 406 5.50 27.17 0.83
CA TYR A 406 4.06 27.14 0.61
C TYR A 406 3.63 28.41 -0.08
N GLY A 407 2.41 28.38 -0.64
CA GLY A 407 1.87 29.51 -1.39
C GLY A 407 0.36 29.56 -1.38
N LYS A 408 -0.22 30.18 -2.41
CA LYS A 408 -1.66 30.37 -2.51
C LYS A 408 -2.37 29.06 -2.71
N TRP A 409 -1.70 28.15 -3.40
CA TRP A 409 -2.18 26.78 -3.57
C TRP A 409 -2.38 26.01 -2.26
N THR A 410 -1.60 26.35 -1.23
CA THR A 410 -1.67 25.67 0.06
C THR A 410 -2.90 26.17 0.81
N THR A 411 -4.07 25.68 0.42
CA THR A 411 -5.33 26.23 0.93
C THR A 411 -5.64 25.62 2.30
N THR A 412 -6.69 26.11 2.96
CA THR A 412 -7.11 25.53 4.22
C THR A 412 -7.51 24.05 4.05
N GLN A 413 -8.08 23.72 2.89
CA GLN A 413 -8.54 22.35 2.61
C GLN A 413 -7.36 21.40 2.41
N TYR A 414 -6.36 21.87 1.65
CA TYR A 414 -5.13 21.12 1.46
C TYR A 414 -4.41 20.93 2.78
N THR A 415 -4.25 22.04 3.50
CA THR A 415 -3.59 22.02 4.79
C THR A 415 -4.22 21.00 5.73
N GLU A 416 -5.55 21.01 5.85
CA GLU A 416 -6.24 20.08 6.73
C GLU A 416 -5.98 18.62 6.35
N ALA A 417 -6.08 18.30 5.07
CA ALA A 417 -5.95 16.91 4.62
C ALA A 417 -4.52 16.43 4.70
N LYS A 418 -3.57 17.31 4.36
CA LYS A 418 -2.15 16.93 4.38
C LYS A 418 -1.67 16.78 5.83
N ALA A 419 -2.07 17.68 6.70
CA ALA A 419 -1.74 17.55 8.12
C ALA A 419 -2.21 16.20 8.67
N ARG A 420 -3.42 15.81 8.31
CA ARG A 420 -4.01 14.53 8.75
C ARG A 420 -3.13 13.35 8.33
N GLU A 421 -2.67 13.40 7.08
CA GLU A 421 -1.80 12.37 6.53
C GLU A 421 -0.43 12.37 7.17
N SER A 422 0.12 13.55 7.41
CA SER A 422 1.44 13.65 8.03
C SER A 422 1.43 13.12 9.46
N TYR A 423 0.30 13.29 10.16
CA TYR A 423 0.11 12.71 11.48
C TYR A 423 0.13 11.20 11.39
N GLY A 424 -0.79 10.62 10.65
CA GLY A 424 -0.91 9.17 10.52
C GLY A 424 0.30 8.49 9.92
N PHE A 425 1.09 9.24 9.15
CA PHE A 425 2.34 8.73 8.55
C PHE A 425 3.58 8.88 9.44
N ASN A 426 3.41 9.44 10.63
CA ASN A 426 4.53 9.64 11.56
C ASN A 426 5.57 8.51 11.57
N ASN A 427 5.12 7.27 11.60
CA ASN A 427 6.03 6.13 11.77
C ASN A 427 6.07 5.13 10.62
N ILE A 428 5.48 5.46 9.47
CA ILE A 428 5.56 4.54 8.34
C ILE A 428 6.98 4.48 7.81
N VAL A 429 7.26 3.41 7.05
CA VAL A 429 8.57 3.19 6.49
C VAL A 429 8.84 4.30 5.48
N GLY A 430 9.93 5.04 5.68
CA GLY A 430 10.32 6.14 4.81
C GLY A 430 11.24 5.66 3.70
N TYR A 431 10.66 5.47 2.52
CA TYR A 431 11.42 5.07 1.33
C TYR A 431 12.00 6.28 0.61
N PRO A 432 13.07 6.06 -0.17
CA PRO A 432 13.51 7.13 -1.06
C PRO A 432 12.48 7.30 -2.16
N LYS A 433 12.43 8.49 -2.75
CA LYS A 433 11.44 8.82 -3.77
C LYS A 433 10.01 8.57 -3.28
N GLU A 434 9.79 8.79 -1.99
CA GLU A 434 8.50 8.56 -1.35
C GLU A 434 7.43 9.39 -2.04
N GLU A 435 6.20 8.87 -2.09
CA GLU A 435 5.07 9.60 -2.67
C GLU A 435 3.89 9.63 -1.71
N ARG A 436 3.24 10.78 -1.64
CA ARG A 436 2.03 10.95 -0.85
C ARG A 436 0.93 11.59 -1.68
N PHE A 437 -0.30 11.18 -1.46
CA PHE A 437 -1.41 11.55 -2.34
C PHE A 437 -2.50 12.42 -1.73
N ALA A 438 -2.46 12.66 -0.44
CA ALA A 438 -3.49 13.49 0.19
C ALA A 438 -3.46 14.90 -0.33
N GLY A 439 -4.65 15.47 -0.55
CA GLY A 439 -4.79 16.87 -0.96
C GLY A 439 -4.44 17.12 -2.40
N ARG A 440 -4.09 16.07 -3.13
CA ARG A 440 -3.69 16.19 -4.53
C ARG A 440 -4.80 15.74 -5.48
N PRO A 441 -4.90 16.36 -6.65
CA PRO A 441 -4.11 17.52 -7.12
C PRO A 441 -4.58 18.83 -6.47
N THR A 442 -3.67 19.79 -6.26
CA THR A 442 -4.07 21.13 -5.83
C THR A 442 -4.63 21.85 -7.06
N GLN A 443 -4.98 23.12 -6.89
CA GLN A 443 -5.40 23.96 -8.02
C GLN A 443 -4.23 24.40 -8.90
N ARG A 444 -3.00 24.09 -8.51
CA ARG A 444 -1.82 24.55 -9.23
C ARG A 444 -1.44 23.61 -10.38
N VAL A 445 -2.32 23.55 -11.37
CA VAL A 445 -2.13 22.68 -12.53
C VAL A 445 -2.56 23.39 -13.80
N SER A 446 -2.04 22.91 -14.92
CA SER A 446 -2.55 23.33 -16.23
C SER A 446 -3.50 22.24 -16.76
N GLY A 447 -4.08 22.47 -17.93
CA GLY A 447 -4.94 21.48 -18.58
C GLY A 447 -4.15 20.26 -19.04
N LEU A 448 -2.82 20.40 -19.08
CA LEU A 448 -1.92 19.30 -19.41
C LEU A 448 -1.99 18.17 -18.38
N TYR A 449 -2.36 18.51 -17.15
CA TYR A 449 -2.52 17.53 -16.09
C TYR A 449 -3.57 16.45 -16.42
N LYS A 450 -4.76 16.88 -16.83
CA LYS A 450 -5.82 15.95 -17.27
C LYS A 450 -5.35 14.97 -18.33
N ILE A 451 -4.55 15.45 -19.27
CA ILE A 451 -4.07 14.63 -20.38
C ILE A 451 -3.04 13.57 -19.93
N LEU A 452 -2.07 13.98 -19.12
CA LEU A 452 -0.91 13.13 -18.82
C LEU A 452 -0.97 12.33 -17.53
N GLU A 453 -1.96 12.61 -16.69
CA GLU A 453 -2.06 11.93 -15.41
C GLU A 453 -2.13 10.40 -15.55
N SER A 454 -2.91 9.94 -16.53
CA SER A 454 -3.09 8.50 -16.75
C SER A 454 -1.91 7.86 -17.46
N LYS A 455 -1.04 8.68 -18.05
CA LYS A 455 0.09 8.21 -18.82
C LYS A 455 1.41 8.30 -18.06
N CYS A 456 1.37 8.72 -16.78
CA CYS A 456 2.59 8.74 -15.97
C CYS A 456 2.33 8.83 -14.47
N SER A 457 3.41 8.61 -13.73
CA SER A 457 3.45 8.88 -12.30
C SER A 457 3.71 10.37 -12.10
N MET A 458 2.69 11.10 -11.65
CA MET A 458 2.84 12.51 -11.32
C MET A 458 3.51 12.67 -9.96
N GLY A 459 4.52 13.53 -9.90
CA GLY A 459 5.19 13.86 -8.64
C GLY A 459 4.71 15.17 -8.05
N PHE A 460 4.80 15.32 -6.73
CA PHE A 460 4.37 16.54 -6.04
C PHE A 460 5.55 17.49 -5.82
N HIS A 461 5.40 18.73 -6.27
CA HIS A 461 6.48 19.72 -6.17
C HIS A 461 5.87 21.08 -5.89
N ALA A 462 5.81 21.44 -4.62
CA ALA A 462 5.31 22.72 -4.19
C ALA A 462 3.93 23.01 -4.77
N GLY A 463 3.08 21.99 -4.83
CA GLY A 463 1.71 22.14 -5.32
C GLY A 463 1.51 21.68 -6.74
N TRP A 464 2.56 21.81 -7.55
CA TRP A 464 2.50 21.35 -8.95
C TRP A 464 2.42 19.84 -9.03
N GLU A 465 1.89 19.36 -10.14
CA GLU A 465 1.95 17.96 -10.51
C GLU A 465 2.91 17.83 -11.68
N GLN A 466 4.08 17.24 -11.46
CA GLN A 466 5.09 17.12 -12.50
C GLN A 466 5.37 15.66 -12.81
N PRO A 467 5.48 15.32 -14.11
CA PRO A 467 5.76 13.92 -14.46
C PRO A 467 7.13 13.45 -14.00
N HIS A 468 7.13 12.39 -13.21
CA HIS A 468 8.37 11.73 -12.80
C HIS A 468 8.86 10.76 -13.87
N TRP A 469 7.96 9.87 -14.29
CA TRP A 469 8.29 8.83 -15.26
C TRP A 469 7.00 8.34 -15.92
N PHE A 470 7.12 7.83 -17.14
CA PHE A 470 5.96 7.51 -17.94
C PHE A 470 5.72 6.01 -18.05
N TYR A 471 4.44 5.64 -18.05
CA TYR A 471 4.03 4.23 -18.06
C TYR A 471 4.35 3.58 -19.40
N LYS A 472 4.65 2.29 -19.37
CA LYS A 472 4.92 1.49 -20.57
C LYS A 472 3.91 0.37 -20.65
N PRO A 473 3.49 0.01 -21.87
CA PRO A 473 2.57 -1.13 -22.01
C PRO A 473 3.19 -2.42 -21.48
N GLY A 474 2.39 -3.23 -20.79
CA GLY A 474 2.86 -4.49 -20.24
C GLY A 474 3.92 -4.33 -19.14
N GLN A 475 3.84 -3.24 -18.37
CA GLN A 475 4.69 -3.03 -17.19
C GLN A 475 3.95 -2.28 -16.08
N ASP A 476 4.21 -2.69 -14.84
CA ASP A 476 3.48 -2.20 -13.68
C ASP A 476 3.54 -0.69 -13.51
N THR A 477 2.39 -0.09 -13.23
CA THR A 477 2.24 1.36 -13.15
C THR A 477 2.11 1.91 -11.74
N GLN A 478 1.94 1.01 -10.76
CA GLN A 478 1.51 1.41 -9.42
C GLN A 478 2.67 1.97 -8.59
N TYR A 479 2.34 2.84 -7.64
CA TYR A 479 3.30 3.31 -6.66
C TYR A 479 3.90 2.10 -5.97
N ARG A 480 5.18 1.85 -6.24
CA ARG A 480 5.85 0.68 -5.74
C ARG A 480 7.20 1.09 -5.12
N PRO A 481 7.15 1.70 -3.91
CA PRO A 481 8.36 2.26 -3.30
C PRO A 481 9.33 1.18 -2.82
N SER A 482 10.62 1.50 -2.82
CA SER A 482 11.65 0.55 -2.46
C SER A 482 12.95 1.25 -2.08
N PHE A 483 13.77 0.58 -1.29
CA PHE A 483 15.14 1.04 -1.05
C PHE A 483 16.06 0.61 -2.18
N ARG A 484 15.56 -0.25 -3.06
CA ARG A 484 16.32 -0.73 -4.22
C ARG A 484 15.64 -0.28 -5.50
N ARG A 485 16.11 -0.78 -6.65
CA ARG A 485 15.43 -0.48 -7.91
C ARG A 485 14.01 -1.04 -7.91
N THR A 486 13.11 -0.33 -8.59
CA THR A 486 11.71 -0.70 -8.60
C THR A 486 11.12 -0.52 -10.01
N ASN A 487 9.79 -0.43 -10.12
CA ASN A 487 9.10 -0.52 -11.42
C ASN A 487 9.42 0.58 -12.45
N TRP A 488 9.94 1.72 -12.01
CA TRP A 488 10.32 2.82 -12.92
C TRP A 488 11.71 2.69 -13.54
N PHE A 489 12.45 1.66 -13.11
CA PHE A 489 13.82 1.53 -13.56
C PHE A 489 13.96 1.39 -15.08
N GLU A 490 13.25 0.43 -15.68
CA GLU A 490 13.39 0.22 -17.12
C GLU A 490 12.71 1.30 -17.93
N PRO A 491 11.53 1.77 -17.50
CA PRO A 491 10.92 2.90 -18.17
C PRO A 491 11.81 4.14 -18.24
N VAL A 492 12.54 4.42 -17.15
CA VAL A 492 13.46 5.54 -17.14
C VAL A 492 14.58 5.34 -18.15
N GLY A 493 15.02 4.10 -18.33
CA GLY A 493 16.01 3.75 -19.34
C GLY A 493 15.54 4.03 -20.75
N SER A 494 14.31 3.63 -21.07
CA SER A 494 13.71 3.99 -22.35
C SER A 494 13.60 5.50 -22.57
N GLU A 495 13.22 6.24 -21.54
CA GLU A 495 13.11 7.68 -21.67
C GLU A 495 14.48 8.28 -21.93
N TYR A 496 15.49 7.74 -21.25
CA TYR A 496 16.86 8.15 -21.51
C TYR A 496 17.22 7.96 -23.00
N LYS A 497 16.95 6.75 -23.52
CA LYS A 497 17.15 6.47 -24.95
C LYS A 497 16.36 7.44 -25.82
N GLN A 498 15.10 7.66 -25.44
CA GLN A 498 14.22 8.54 -26.18
C GLN A 498 14.88 9.88 -26.44
N VAL A 499 15.53 10.42 -25.42
CA VAL A 499 16.13 11.73 -25.54
C VAL A 499 17.44 11.67 -26.34
N MET A 500 18.27 10.65 -26.12
CA MET A 500 19.55 10.54 -26.82
C MET A 500 19.39 10.18 -28.30
N GLN A 501 18.36 9.39 -28.63
CA GLN A 501 18.18 8.89 -30.00
C GLN A 501 17.14 9.63 -30.82
N ARG A 502 16.00 9.94 -30.21
CA ARG A 502 14.90 10.59 -30.94
C ARG A 502 14.64 12.01 -30.45
N VAL A 503 13.56 12.22 -29.71
CA VAL A 503 13.19 13.55 -29.24
C VAL A 503 12.13 13.41 -28.15
N GLY A 504 12.42 13.96 -26.97
CA GLY A 504 11.54 13.88 -25.83
C GLY A 504 10.85 15.19 -25.51
N VAL A 505 9.65 15.11 -24.96
CA VAL A 505 8.93 16.27 -24.47
C VAL A 505 8.71 16.14 -22.97
N ILE A 506 9.05 17.20 -22.23
CA ILE A 506 8.95 17.21 -20.76
C ILE A 506 8.21 18.45 -20.28
N ASP A 507 7.34 18.27 -19.28
CA ASP A 507 6.66 19.40 -18.63
C ASP A 507 7.57 20.01 -17.57
N LEU A 508 8.12 21.19 -17.86
CA LEU A 508 9.00 21.91 -16.93
C LEU A 508 8.31 23.10 -16.26
N SER A 509 6.98 23.09 -16.27
CA SER A 509 6.18 24.23 -15.82
C SER A 509 6.43 24.69 -14.36
N PRO A 510 6.83 23.78 -13.45
CA PRO A 510 7.04 24.21 -12.07
C PRO A 510 8.11 25.29 -11.79
N PHE A 511 9.06 25.48 -12.69
CA PHE A 511 10.06 26.55 -12.57
C PHE A 511 9.54 27.85 -11.96
N GLY A 512 10.28 28.40 -11.01
CA GLY A 512 10.02 29.73 -10.53
C GLY A 512 10.43 30.72 -11.62
N LYS A 513 9.57 31.70 -11.90
CA LYS A 513 9.79 32.62 -13.02
C LYS A 513 9.57 34.05 -12.55
N PHE A 514 10.57 34.91 -12.73
CA PHE A 514 10.49 36.30 -12.32
C PHE A 514 10.78 37.29 -13.46
N ASN A 515 9.89 38.27 -13.65
CA ASN A 515 10.11 39.37 -14.58
C ASN A 515 10.73 40.58 -13.86
N ILE A 516 11.93 40.97 -14.29
CA ILE A 516 12.59 42.15 -13.76
C ILE A 516 12.68 43.23 -14.82
N LYS A 517 12.18 44.42 -14.52
CA LYS A 517 12.40 45.58 -15.40
C LYS A 517 12.47 46.89 -14.60
N GLY A 518 12.66 48.00 -15.30
CA GLY A 518 12.88 49.31 -14.66
C GLY A 518 14.28 49.80 -14.99
N GLN A 519 14.62 50.98 -14.48
CA GLN A 519 15.86 51.63 -14.89
C GLN A 519 17.10 50.92 -14.34
N ASP A 520 17.00 50.42 -13.10
CA ASP A 520 18.12 49.74 -12.44
C ASP A 520 18.06 48.21 -12.53
N SER A 521 17.29 47.66 -13.47
CA SER A 521 17.21 46.21 -13.65
C SER A 521 18.60 45.59 -13.80
N THR A 522 19.36 46.08 -14.76
CA THR A 522 20.70 45.56 -15.02
C THR A 522 21.62 45.67 -13.79
N GLN A 523 21.63 46.84 -13.16
CA GLN A 523 22.51 47.08 -12.00
C GLN A 523 22.17 46.18 -10.81
N LEU A 524 20.89 46.00 -10.54
CA LEU A 524 20.43 45.07 -9.51
C LEU A 524 20.96 43.65 -9.75
N LEU A 525 20.73 43.12 -10.95
CA LEU A 525 21.15 41.77 -11.30
C LEU A 525 22.65 41.62 -11.27
N ASP A 526 23.36 42.66 -11.69
CA ASP A 526 24.82 42.65 -11.76
C ASP A 526 25.40 42.54 -10.34
N HIS A 527 24.70 43.12 -9.37
CA HIS A 527 25.09 43.05 -7.97
C HIS A 527 24.59 41.75 -7.28
N LEU A 528 23.48 41.20 -7.73
CA LEU A 528 22.97 39.96 -7.17
C LEU A 528 23.74 38.73 -7.65
N CYS A 529 24.13 38.72 -8.93
CA CYS A 529 24.64 37.50 -9.57
C CYS A 529 26.14 37.51 -9.83
N ALA A 530 26.74 36.32 -9.83
CA ALA A 530 28.20 36.19 -9.92
C ALA A 530 28.70 36.02 -11.35
N ASN A 531 27.78 35.85 -12.29
CA ASN A 531 28.12 35.80 -13.70
C ASN A 531 27.87 37.18 -14.31
N VAL A 532 28.41 37.42 -15.51
CA VAL A 532 28.09 38.66 -16.22
C VAL A 532 26.62 38.63 -16.61
N ILE A 533 26.05 39.80 -16.76
CA ILE A 533 24.67 39.93 -17.20
C ILE A 533 24.66 39.75 -18.72
N PRO A 534 23.85 38.80 -19.21
CA PRO A 534 23.90 38.54 -20.65
C PRO A 534 23.41 39.73 -21.47
N LYS A 535 23.89 39.82 -22.72
CA LYS A 535 23.43 40.83 -23.65
C LYS A 535 22.00 40.49 -24.06
N VAL A 536 21.23 41.50 -24.44
CA VAL A 536 19.87 41.31 -24.94
C VAL A 536 19.81 40.24 -26.05
N GLY A 537 18.82 39.34 -25.93
CA GLY A 537 18.67 38.19 -26.84
C GLY A 537 19.33 36.92 -26.31
N PHE A 538 20.09 37.03 -25.23
CA PHE A 538 20.86 35.90 -24.73
C PHE A 538 20.44 35.48 -23.32
N THR A 539 20.71 34.22 -23.03
CA THR A 539 20.48 33.63 -21.72
C THR A 539 21.81 33.07 -21.22
N ASN A 540 22.04 33.16 -19.92
CA ASN A 540 23.16 32.45 -19.28
C ASN A 540 22.78 31.93 -17.88
N ILE A 541 23.64 31.07 -17.33
CA ILE A 541 23.42 30.47 -16.03
C ILE A 541 24.17 31.34 -15.04
N SER A 542 23.54 31.67 -13.92
CA SER A 542 24.08 32.66 -12.99
C SER A 542 23.70 32.34 -11.55
N HIS A 543 24.56 32.69 -10.60
CA HIS A 543 24.36 32.33 -9.19
C HIS A 543 24.26 33.51 -8.26
N MET A 544 23.26 33.50 -7.39
CA MET A 544 23.16 34.49 -6.33
C MET A 544 23.91 33.97 -5.13
N LEU A 545 24.99 34.66 -4.77
CA LEU A 545 25.79 34.26 -3.61
C LEU A 545 25.43 35.10 -2.39
N THR A 546 25.66 34.52 -1.21
CA THR A 546 25.51 35.24 0.07
C THR A 546 26.82 35.97 0.32
N PRO A 547 26.82 36.97 1.21
CA PRO A 547 28.08 37.69 1.49
C PRO A 547 29.28 36.80 1.87
N ARG A 548 29.01 35.68 2.55
CA ARG A 548 30.05 34.70 2.88
C ARG A 548 30.51 33.92 1.64
N GLY A 549 29.79 34.05 0.54
CA GLY A 549 30.13 33.34 -0.68
C GLY A 549 29.51 31.96 -0.76
N ARG A 550 28.32 31.80 -0.20
CA ARG A 550 27.58 30.55 -0.30
C ARG A 550 26.59 30.69 -1.43
N VAL A 551 26.26 29.57 -2.06
CA VAL A 551 25.39 29.58 -3.23
C VAL A 551 23.92 29.54 -2.78
N TYR A 552 23.36 30.72 -2.59
CA TYR A 552 21.97 30.88 -2.22
C TYR A 552 21.02 30.42 -3.30
N ALA A 553 21.43 30.56 -4.58
CA ALA A 553 20.58 30.14 -5.69
C ALA A 553 21.32 30.01 -7.03
N GLU A 554 20.83 29.12 -7.88
CA GLU A 554 21.27 29.01 -9.27
C GLU A 554 20.11 29.37 -10.17
N LEU A 555 20.32 30.35 -11.06
CA LEU A 555 19.28 30.81 -11.97
C LEU A 555 19.72 30.67 -13.42
N THR A 556 18.78 30.85 -14.34
CA THR A 556 19.14 31.32 -15.67
C THR A 556 18.64 32.77 -15.81
N VAL A 557 19.41 33.60 -16.48
CA VAL A 557 19.03 34.98 -16.72
C VAL A 557 18.85 35.18 -18.21
N SER A 558 17.62 35.47 -18.63
CA SER A 558 17.31 35.81 -20.02
C SER A 558 17.14 37.31 -20.15
N HIS A 559 17.94 37.95 -20.99
CA HIS A 559 17.81 39.36 -21.31
C HIS A 559 16.91 39.44 -22.55
N GLN A 560 15.62 39.71 -22.35
CA GLN A 560 14.60 39.56 -23.41
C GLN A 560 14.41 40.79 -24.29
N SER A 561 14.32 41.94 -23.65
CA SER A 561 14.36 43.23 -24.34
C SER A 561 15.19 44.15 -23.46
N PRO A 562 15.78 45.20 -24.05
CA PRO A 562 16.73 46.02 -23.28
C PRO A 562 16.15 46.43 -21.92
N GLY A 563 16.92 46.22 -20.86
CA GLY A 563 16.46 46.50 -19.49
C GLY A 563 15.47 45.53 -18.86
N GLU A 564 15.10 44.47 -19.59
CA GLU A 564 14.01 43.59 -19.16
C GLU A 564 14.45 42.13 -19.17
N PHE A 565 14.24 41.44 -18.05
CA PHE A 565 14.82 40.12 -17.82
C PHE A 565 13.82 39.10 -17.34
N LEU A 566 14.12 37.82 -17.63
CA LEU A 566 13.39 36.68 -17.06
C LEU A 566 14.37 35.79 -16.30
N LEU A 567 14.15 35.68 -15.00
CA LEU A 567 14.94 34.83 -14.13
C LEU A 567 14.18 33.54 -13.93
N ILE A 568 14.86 32.41 -14.08
CA ILE A 568 14.25 31.09 -13.89
C ILE A 568 15.00 30.33 -12.79
N THR A 569 14.26 29.78 -11.84
CA THR A 569 14.83 28.92 -10.81
C THR A 569 13.96 27.70 -10.56
N GLY A 570 14.49 26.76 -9.78
CA GLY A 570 13.79 25.53 -9.48
C GLY A 570 12.49 25.77 -8.73
N SER A 571 11.61 24.78 -8.81
CA SER A 571 10.32 24.85 -8.13
C SER A 571 10.45 25.10 -6.63
N GLY A 572 11.37 24.39 -5.99
CA GLY A 572 11.57 24.51 -4.55
C GLY A 572 12.19 25.83 -4.12
N SER A 573 12.79 26.56 -5.07
CA SER A 573 13.48 27.80 -4.78
C SER A 573 12.65 29.07 -5.10
N GLU A 574 11.41 28.92 -5.55
CA GLU A 574 10.61 30.07 -6.02
C GLU A 574 10.61 31.29 -5.08
N LEU A 575 9.87 31.21 -3.98
CA LEU A 575 9.72 32.36 -3.10
C LEU A 575 11.00 32.59 -2.31
N HIS A 576 11.71 31.51 -2.01
CA HIS A 576 13.02 31.58 -1.39
C HIS A 576 13.90 32.58 -2.14
N ASP A 577 13.93 32.45 -3.46
CA ASP A 577 14.75 33.32 -4.29
C ASP A 577 14.16 34.70 -4.41
N LEU A 578 12.85 34.77 -4.67
CA LEU A 578 12.16 36.04 -4.79
C LEU A 578 12.41 36.93 -3.59
N ARG A 579 12.26 36.35 -2.39
CA ARG A 579 12.50 37.07 -1.15
C ARG A 579 13.87 37.73 -1.11
N TRP A 580 14.89 36.96 -1.47
CA TRP A 580 16.28 37.45 -1.51
C TRP A 580 16.46 38.62 -2.47
N ILE A 581 15.89 38.45 -3.65
CA ILE A 581 15.92 39.45 -4.72
C ILE A 581 15.18 40.71 -4.33
N GLU A 582 13.98 40.55 -3.77
CA GLU A 582 13.23 41.71 -3.29
C GLU A 582 13.95 42.48 -2.18
N GLU A 583 14.63 41.78 -1.28
CA GLU A 583 15.37 42.45 -0.20
C GLU A 583 16.53 43.29 -0.74
N ALA A 584 17.29 42.75 -1.69
CA ALA A 584 18.40 43.50 -2.32
C ALA A 584 17.90 44.75 -3.06
N ALA A 585 16.77 44.62 -3.76
CA ALA A 585 16.14 45.76 -4.42
C ALA A 585 15.81 46.88 -3.42
N VAL A 586 15.12 46.53 -2.32
CA VAL A 586 14.77 47.55 -1.30
C VAL A 586 16.01 48.07 -0.57
N ARG A 587 16.94 47.18 -0.24
CA ARG A 587 18.16 47.52 0.50
C ARG A 587 19.04 48.53 -0.25
N GLY A 588 19.24 48.29 -1.56
CA GLY A 588 20.10 49.15 -2.38
C GLY A 588 19.36 50.27 -3.07
N GLY A 589 18.12 50.52 -2.67
CA GLY A 589 17.27 51.55 -3.26
C GLY A 589 17.14 51.47 -4.77
N TYR A 590 17.15 50.25 -5.32
CA TYR A 590 17.09 50.04 -6.77
C TYR A 590 15.70 50.38 -7.29
N ASP A 591 15.65 51.09 -8.42
CA ASP A 591 14.39 51.43 -9.06
C ASP A 591 14.04 50.34 -10.08
N VAL A 592 13.19 49.40 -9.68
CA VAL A 592 12.81 48.27 -10.53
C VAL A 592 11.38 47.84 -10.27
N GLU A 593 10.82 47.12 -11.22
CA GLU A 593 9.53 46.44 -11.03
C GLU A 593 9.83 44.95 -11.11
N ILE A 594 9.40 44.21 -10.09
CA ILE A 594 9.64 42.77 -10.00
C ILE A 594 8.30 42.03 -9.93
N ARG A 595 8.06 41.13 -10.89
CA ARG A 595 6.81 40.35 -10.94
C ARG A 595 7.05 38.85 -10.86
N ASN A 596 6.38 38.18 -9.93
CA ASN A 596 6.39 36.73 -9.90
C ASN A 596 5.40 36.23 -10.95
N ILE A 597 5.90 35.72 -12.07
CA ILE A 597 5.03 35.17 -13.11
C ILE A 597 5.06 33.64 -13.17
N THR A 598 5.50 33.00 -12.08
CA THR A 598 5.54 31.54 -11.98
C THR A 598 4.25 30.85 -12.45
N ASP A 599 3.09 31.33 -11.98
CA ASP A 599 1.83 30.66 -12.27
C ASP A 599 1.14 31.14 -13.56
N GLU A 600 1.65 32.21 -14.19
CA GLU A 600 1.11 32.68 -15.47
C GLU A 600 1.60 31.85 -16.66
N LEU A 601 2.77 31.23 -16.52
CA LEU A 601 3.44 30.58 -17.64
C LEU A 601 3.66 29.08 -17.42
N GLY A 602 3.55 28.34 -18.52
CA GLY A 602 3.94 26.94 -18.55
C GLY A 602 5.23 26.86 -19.32
N VAL A 603 5.90 25.72 -19.22
CA VAL A 603 7.13 25.49 -19.98
C VAL A 603 7.13 24.05 -20.47
N LEU A 604 7.50 23.87 -21.74
CA LEU A 604 7.77 22.54 -22.27
C LEU A 604 9.19 22.49 -22.81
N GLY A 605 9.93 21.45 -22.41
CA GLY A 605 11.26 21.20 -22.93
C GLY A 605 11.14 20.18 -24.04
N VAL A 606 11.66 20.53 -25.22
CA VAL A 606 11.76 19.59 -26.33
C VAL A 606 13.24 19.35 -26.56
N ALA A 607 13.69 18.12 -26.36
CA ALA A 607 15.13 17.83 -26.37
C ALA A 607 15.45 16.49 -27.02
N GLY A 608 16.61 16.46 -27.68
CA GLY A 608 17.08 15.30 -28.42
C GLY A 608 17.41 15.65 -29.85
N PRO A 609 18.14 14.77 -30.55
CA PRO A 609 18.64 15.05 -31.92
C PRO A 609 17.58 15.55 -32.93
N TYR A 610 16.35 15.07 -32.80
CA TYR A 610 15.28 15.45 -33.72
C TYR A 610 14.39 16.59 -33.19
N ALA A 611 14.88 17.33 -32.20
CA ALA A 611 14.12 18.43 -31.62
C ALA A 611 13.95 19.56 -32.60
N ARG A 612 15.03 19.93 -33.28
CA ARG A 612 14.95 20.97 -34.31
C ARG A 612 13.98 20.58 -35.42
N ARG A 613 14.15 19.37 -35.96
CA ARG A 613 13.31 18.90 -37.05
C ARG A 613 11.83 19.04 -36.70
N VAL A 614 11.44 18.47 -35.55
CA VAL A 614 10.03 18.50 -35.12
C VAL A 614 9.50 19.92 -34.98
N LEU A 615 10.22 20.75 -34.23
CA LEU A 615 9.76 22.11 -33.95
C LEU A 615 9.69 22.99 -35.19
N GLN A 616 10.64 22.83 -36.10
CA GLN A 616 10.66 23.63 -37.32
C GLN A 616 9.34 23.56 -38.08
N LYS A 617 8.73 22.38 -38.07
CA LYS A 617 7.47 22.15 -38.77
C LYS A 617 6.35 23.06 -38.29
N LEU A 618 6.46 23.56 -37.06
CA LEU A 618 5.37 24.28 -36.41
C LEU A 618 5.54 25.80 -36.36
N THR A 619 6.63 26.32 -36.92
CA THR A 619 6.93 27.74 -36.81
C THR A 619 7.62 28.30 -38.05
N SER A 620 7.18 29.49 -38.45
CA SER A 620 7.81 30.22 -39.52
C SER A 620 9.18 30.78 -39.11
N GLU A 621 9.49 30.76 -37.81
CA GLU A 621 10.81 31.16 -37.34
C GLU A 621 11.85 30.12 -37.76
N ASP A 622 13.04 30.60 -38.09
CA ASP A 622 14.10 29.72 -38.56
C ASP A 622 14.88 29.15 -37.39
N LEU A 623 14.75 27.84 -37.19
CA LEU A 623 15.40 27.13 -36.08
C LEU A 623 16.73 26.49 -36.45
N SER A 624 17.30 26.85 -37.61
CA SER A 624 18.58 26.24 -38.04
C SER A 624 19.71 26.73 -37.13
N ASP A 625 20.75 25.90 -36.99
CA ASP A 625 21.93 26.25 -36.18
C ASP A 625 22.56 27.56 -36.67
N ASP A 626 22.27 27.94 -37.92
CA ASP A 626 22.74 29.18 -38.51
C ASP A 626 22.08 30.40 -37.85
N VAL A 627 20.75 30.42 -37.84
CA VAL A 627 19.99 31.56 -37.27
C VAL A 627 19.91 31.53 -35.73
N PHE A 628 19.62 30.36 -35.15
CA PHE A 628 19.26 30.21 -33.72
C PHE A 628 20.36 29.49 -32.93
N LYS A 629 21.29 30.29 -32.41
CA LYS A 629 22.45 29.78 -31.67
C LYS A 629 22.05 29.26 -30.29
N PHE A 630 22.97 28.53 -29.67
CA PHE A 630 22.78 28.03 -28.31
C PHE A 630 22.67 29.21 -27.33
N LEU A 631 21.75 29.08 -26.38
CA LEU A 631 21.50 30.10 -25.34
C LEU A 631 20.91 31.42 -25.86
N GLN A 632 20.34 31.40 -27.05
CA GLN A 632 19.59 32.54 -27.54
C GLN A 632 18.15 32.43 -27.09
N THR A 633 17.50 33.57 -26.88
CA THR A 633 16.09 33.61 -26.54
C THR A 633 15.36 34.54 -27.51
N LYS A 634 14.23 34.08 -28.04
CA LYS A 634 13.52 34.75 -29.13
C LYS A 634 12.02 34.52 -29.00
N SER A 635 11.23 35.56 -29.21
CA SER A 635 9.78 35.37 -29.28
C SER A 635 9.40 34.88 -30.67
N LEU A 636 8.49 33.92 -30.69
CA LEU A 636 7.96 33.35 -31.92
C LEU A 636 6.58 32.73 -31.67
N LYS A 637 5.98 32.18 -32.72
CA LYS A 637 4.74 31.42 -32.59
C LYS A 637 5.00 29.97 -32.93
N ILE A 638 4.45 29.07 -32.11
CA ILE A 638 4.48 27.66 -32.40
C ILE A 638 3.04 27.31 -32.70
N SER A 639 2.72 27.22 -33.99
CA SER A 639 1.39 26.82 -34.42
C SER A 639 0.35 27.79 -33.86
N ASP A 640 0.55 29.08 -34.14
CA ASP A 640 -0.37 30.15 -33.72
C ASP A 640 -0.46 30.37 -32.20
N ILE A 641 0.43 29.75 -31.45
CA ILE A 641 0.51 29.96 -30.01
C ILE A 641 1.77 30.79 -29.72
N PRO A 642 1.62 31.96 -29.07
CA PRO A 642 2.80 32.78 -28.80
C PRO A 642 3.73 32.11 -27.79
N VAL A 643 5.02 32.21 -28.03
CA VAL A 643 6.00 31.49 -27.25
C VAL A 643 7.29 32.31 -27.15
N THR A 644 7.92 32.23 -26.00
CA THR A 644 9.31 32.66 -25.85
C THR A 644 10.15 31.40 -25.82
N ALA A 645 11.00 31.25 -26.84
CA ALA A 645 11.78 30.02 -26.98
C ALA A 645 13.23 30.28 -26.63
N ILE A 646 13.77 29.46 -25.74
CA ILE A 646 15.18 29.52 -25.41
C ILE A 646 15.82 28.23 -25.84
N ARG A 647 16.88 28.34 -26.64
CA ARG A 647 17.63 27.14 -27.02
C ARG A 647 18.51 26.75 -25.84
N ILE A 648 17.96 25.85 -25.02
CA ILE A 648 18.65 25.35 -23.84
C ILE A 648 17.98 24.06 -23.38
N SER A 649 18.76 23.20 -22.74
CA SER A 649 18.22 22.01 -22.11
C SER A 649 19.13 21.50 -21.02
N TYR A 650 18.55 21.25 -19.85
CA TYR A 650 19.25 20.62 -18.73
C TYR A 650 19.50 19.13 -19.02
N THR A 651 18.98 18.63 -20.14
CA THR A 651 19.40 17.31 -20.66
C THR A 651 20.78 17.35 -21.29
N GLY A 652 21.22 18.54 -21.71
CA GLY A 652 22.52 18.68 -22.38
C GLY A 652 22.48 18.33 -23.87
N GLU A 653 21.40 17.72 -24.32
CA GLU A 653 21.20 17.46 -25.75
C GLU A 653 20.60 18.70 -26.43
N LEU A 654 20.59 18.70 -27.76
CA LEU A 654 19.91 19.73 -28.55
C LEU A 654 18.50 19.89 -28.02
N GLY A 655 18.07 21.12 -27.77
CA GLY A 655 16.71 21.34 -27.34
C GLY A 655 16.33 22.77 -27.08
N TRP A 656 15.02 22.98 -26.98
CA TRP A 656 14.44 24.29 -26.66
C TRP A 656 13.54 24.16 -25.46
N GLU A 657 13.44 25.25 -24.72
CA GLU A 657 12.40 25.40 -23.70
C GLU A 657 11.41 26.42 -24.20
N LEU A 658 10.14 26.06 -24.15
CA LEU A 658 9.09 26.87 -24.73
C LEU A 658 8.17 27.44 -23.64
N TYR A 659 8.34 28.74 -23.40
CA TYR A 659 7.57 29.47 -22.40
C TYR A 659 6.30 30.05 -23.03
N HIS A 660 5.16 29.79 -22.41
CA HIS A 660 3.85 30.14 -22.97
C HIS A 660 2.84 30.37 -21.85
N ARG A 661 1.66 30.86 -22.20
CA ARG A 661 0.58 31.02 -21.25
C ARG A 661 0.11 29.66 -20.72
N ARG A 662 -0.18 29.59 -19.42
CA ARG A 662 -0.64 28.33 -18.78
C ARG A 662 -1.82 27.67 -19.49
N GLU A 663 -2.77 28.47 -19.94
CA GLU A 663 -3.96 27.93 -20.62
C GLU A 663 -3.66 27.38 -22.03
N ASP A 664 -2.47 27.61 -22.55
CA ASP A 664 -2.05 27.08 -23.84
C ASP A 664 -1.24 25.79 -23.75
N SER A 665 -0.96 25.32 -22.55
CA SER A 665 -0.08 24.17 -22.37
C SER A 665 -0.63 22.91 -23.07
N ALA A 666 -1.94 22.68 -22.93
CA ALA A 666 -2.60 21.52 -23.52
C ALA A 666 -2.51 21.53 -25.05
N ALA A 667 -2.91 22.65 -25.63
CA ALA A 667 -2.90 22.82 -27.10
C ALA A 667 -1.49 22.72 -27.67
N LEU A 668 -0.55 23.45 -27.06
CA LEU A 668 0.85 23.41 -27.46
C LEU A 668 1.41 21.98 -27.44
N TYR A 669 1.18 21.29 -26.33
CA TYR A 669 1.63 19.91 -26.19
C TYR A 669 1.06 19.03 -27.31
N GLU A 670 -0.26 19.10 -27.49
CA GLU A 670 -0.94 18.34 -28.54
C GLU A 670 -0.28 18.53 -29.91
N ARG A 671 -0.03 19.79 -30.28
CA ARG A 671 0.52 20.09 -31.61
C ARG A 671 1.96 19.65 -31.79
N ILE A 672 2.73 19.68 -30.71
CA ILE A 672 4.12 19.22 -30.75
C ILE A 672 4.17 17.69 -30.92
N MET A 673 3.36 16.97 -30.16
CA MET A 673 3.35 15.50 -30.23
C MET A 673 2.84 15.00 -31.58
N ASN A 674 1.90 15.73 -32.14
CA ASN A 674 1.40 15.43 -33.47
C ASN A 674 2.48 15.62 -34.55
N ALA A 675 3.17 16.75 -34.49
CA ALA A 675 4.18 17.08 -35.49
C ALA A 675 5.42 16.17 -35.44
N GLY A 676 5.57 15.43 -34.34
CA GLY A 676 6.69 14.52 -34.14
C GLY A 676 6.37 13.05 -34.35
N GLN A 677 5.29 12.76 -35.07
CA GLN A 677 4.93 11.37 -35.43
C GLN A 677 6.10 10.61 -36.04
N GLU A 678 6.59 11.11 -37.17
CA GLU A 678 7.67 10.49 -37.92
C GLU A 678 8.82 10.10 -37.03
N GLU A 679 9.20 11.04 -36.17
CA GLU A 679 10.42 10.94 -35.40
C GLU A 679 10.22 10.11 -34.12
N GLY A 680 9.02 9.59 -33.91
CA GLY A 680 8.75 8.72 -32.77
C GLY A 680 8.94 9.51 -31.49
N ILE A 681 8.40 10.73 -31.51
CA ILE A 681 8.42 11.62 -30.37
C ILE A 681 7.70 10.94 -29.21
N ASP A 682 8.17 11.20 -27.99
CA ASP A 682 7.52 10.65 -26.81
C ASP A 682 7.82 11.54 -25.62
N ASN A 683 7.23 11.18 -24.48
CA ASN A 683 7.39 11.93 -23.25
C ASN A 683 8.60 11.48 -22.46
N PHE A 684 9.15 12.39 -21.67
CA PHE A 684 10.05 12.00 -20.60
C PHE A 684 9.83 12.87 -19.36
N GLY A 685 10.18 12.32 -18.20
CA GLY A 685 9.97 12.98 -16.91
C GLY A 685 11.26 13.25 -16.15
N THR A 686 11.10 13.76 -14.93
CA THR A 686 12.20 14.25 -14.12
C THR A 686 13.24 13.19 -13.76
N TYR A 687 12.79 11.95 -13.54
CA TYR A 687 13.72 10.86 -13.19
C TYR A 687 14.74 10.66 -14.30
N ALA A 688 14.26 10.58 -15.54
CA ALA A 688 15.14 10.51 -16.70
C ALA A 688 16.00 11.78 -16.85
N LEU A 689 15.38 12.95 -16.67
CA LEU A 689 16.11 14.22 -16.73
C LEU A 689 17.33 14.17 -15.84
N ASN A 690 17.15 13.65 -14.63
CA ASN A 690 18.23 13.50 -13.69
C ASN A 690 19.32 12.56 -14.20
N ALA A 691 18.91 11.47 -14.84
CA ALA A 691 19.87 10.56 -15.45
C ALA A 691 20.69 11.30 -16.52
N LEU A 692 20.05 12.17 -17.29
CA LEU A 692 20.73 12.89 -18.37
C LEU A 692 21.69 13.98 -17.88
N ARG A 693 21.22 14.85 -17.00
CA ARG A 693 22.03 15.96 -16.52
C ARG A 693 23.26 15.46 -15.76
N LEU A 694 23.13 14.32 -15.08
CA LEU A 694 24.24 13.75 -14.32
C LEU A 694 25.34 13.26 -15.25
N GLU A 695 24.96 12.64 -16.36
CA GLU A 695 25.92 12.26 -17.40
C GLU A 695 26.68 13.48 -17.89
N LYS A 696 26.01 14.62 -17.99
CA LYS A 696 26.64 15.86 -18.49
C LYS A 696 27.38 16.67 -17.41
N ALA A 697 27.43 16.15 -16.19
CA ALA A 697 28.03 16.81 -15.02
C ALA A 697 27.37 18.13 -14.63
N PHE A 698 26.08 18.28 -14.91
CA PHE A 698 25.34 19.47 -14.49
C PHE A 698 25.03 19.44 -13.01
N ARG A 699 25.38 20.53 -12.32
CA ARG A 699 25.05 20.65 -10.92
C ARG A 699 23.60 21.08 -10.77
N ALA A 700 22.98 20.60 -9.69
CA ALA A 700 21.61 20.93 -9.35
C ALA A 700 21.60 21.67 -8.03
N TRP A 701 20.92 22.80 -7.96
CA TRP A 701 20.81 23.49 -6.70
C TRP A 701 20.03 22.63 -5.70
N GLY A 702 20.48 22.58 -4.45
CA GLY A 702 19.82 21.78 -3.44
C GLY A 702 20.52 20.46 -3.22
N SER A 703 21.22 19.96 -4.23
CA SER A 703 22.03 18.73 -4.10
C SER A 703 23.52 19.05 -4.12
N GLU A 704 24.00 19.60 -5.24
CA GLU A 704 25.42 19.86 -5.37
C GLU A 704 25.83 21.17 -4.74
N MET A 705 24.90 22.11 -4.64
CA MET A 705 25.21 23.38 -4.00
C MET A 705 23.98 24.03 -3.39
N ASN A 706 24.23 24.71 -2.28
CA ASN A 706 23.25 25.52 -1.59
C ASN A 706 24.00 26.41 -0.58
N CYS A 707 23.35 26.81 0.52
CA CYS A 707 24.01 27.69 1.49
C CYS A 707 25.14 27.05 2.28
N ASP A 708 25.30 25.73 2.14
CA ASP A 708 26.41 25.01 2.76
C ASP A 708 27.66 25.00 1.89
N THR A 709 27.56 25.46 0.65
CA THR A 709 28.67 25.34 -0.29
C THR A 709 29.01 26.67 -0.94
N ASN A 710 30.29 26.87 -1.21
CA ASN A 710 30.69 27.94 -2.09
C ASN A 710 30.77 27.38 -3.52
N PRO A 711 30.69 28.26 -4.53
CA PRO A 711 30.64 27.77 -5.92
C PRO A 711 31.93 27.12 -6.44
N LEU A 712 33.07 27.43 -5.84
CA LEU A 712 34.36 26.90 -6.30
C LEU A 712 34.58 25.42 -5.92
N GLU A 713 34.35 25.09 -4.65
CA GLU A 713 34.36 23.68 -4.22
C GLU A 713 33.33 22.83 -4.97
N ALA A 714 32.22 23.46 -5.36
CA ALA A 714 31.18 22.79 -6.12
C ALA A 714 31.49 22.65 -7.61
N GLY A 715 32.52 23.35 -8.10
CA GLY A 715 32.96 23.25 -9.51
C GLY A 715 32.21 24.15 -10.50
N LEU A 716 31.74 25.29 -10.03
CA LEU A 716 30.98 26.21 -10.88
C LEU A 716 31.83 27.40 -11.34
N ASP A 717 33.15 27.23 -11.30
CA ASP A 717 34.11 28.26 -11.71
C ASP A 717 33.71 28.95 -13.01
N TYR A 718 33.31 28.13 -13.98
CA TYR A 718 32.95 28.62 -15.31
C TYR A 718 31.89 29.73 -15.30
N PHE A 719 31.01 29.70 -14.29
CA PHE A 719 29.92 30.67 -14.19
C PHE A 719 30.24 31.87 -13.28
N ILE A 720 31.35 31.81 -12.56
CA ILE A 720 31.74 32.86 -11.63
C ILE A 720 32.74 33.81 -12.28
N LYS A 721 32.37 35.10 -12.42
CA LYS A 721 33.28 36.11 -12.97
C LYS A 721 33.82 37.02 -11.86
N LEU A 722 34.91 36.61 -11.24
CA LEU A 722 35.51 37.37 -10.17
C LEU A 722 36.03 38.73 -10.61
N ASN A 723 36.43 38.84 -11.87
CA ASN A 723 37.06 40.04 -12.41
C ASN A 723 36.10 41.00 -13.11
N LYS A 724 34.79 40.76 -13.04
CA LYS A 724 33.85 41.75 -13.57
C LYS A 724 33.85 42.94 -12.62
N PRO A 725 33.74 44.16 -13.17
CA PRO A 725 33.86 45.39 -12.38
C PRO A 725 32.92 45.46 -11.18
N ALA A 726 31.63 45.18 -11.39
CA ALA A 726 30.62 45.33 -10.33
C ALA A 726 30.95 44.47 -9.11
N ASN A 727 30.75 45.04 -7.93
CA ASN A 727 31.00 44.31 -6.68
C ASN A 727 29.80 43.50 -6.24
N PHE A 728 29.62 42.36 -6.88
CA PHE A 728 28.52 41.45 -6.56
C PHE A 728 28.67 40.82 -5.17
N THR A 729 27.53 40.53 -4.56
CA THR A 729 27.50 39.90 -3.23
C THR A 729 28.34 38.63 -3.21
N GLY A 730 29.27 38.56 -2.25
CA GLY A 730 30.15 37.40 -2.09
C GLY A 730 31.45 37.45 -2.88
N LYS A 731 31.63 38.46 -3.72
CA LYS A 731 32.83 38.54 -4.56
C LYS A 731 34.09 38.46 -3.71
N GLN A 732 34.17 39.27 -2.67
CA GLN A 732 35.37 39.33 -1.83
C GLN A 732 35.61 38.05 -1.04
N ALA A 733 34.53 37.46 -0.52
CA ALA A 733 34.64 36.18 0.20
C ALA A 733 35.19 35.08 -0.70
N LEU A 734 34.78 35.11 -1.96
CA LEU A 734 35.29 34.19 -2.97
C LEU A 734 36.76 34.39 -3.25
N LYS A 735 37.18 35.64 -3.43
CA LYS A 735 38.61 35.92 -3.60
C LYS A 735 39.41 35.33 -2.44
N GLN A 736 38.96 35.62 -1.23
CA GLN A 736 39.60 35.12 -0.01
C GLN A 736 39.59 33.58 0.08
N ILE A 737 38.45 32.96 -0.23
CA ILE A 737 38.36 31.48 -0.25
C ILE A 737 39.34 30.86 -1.24
N LYS A 738 39.36 31.41 -2.46
CA LYS A 738 40.24 30.91 -3.53
C LYS A 738 41.73 31.02 -3.16
N ALA A 739 42.14 32.17 -2.65
CA ALA A 739 43.53 32.40 -2.28
C ALA A 739 43.98 31.44 -1.19
N LYS A 740 43.07 31.09 -0.29
CA LYS A 740 43.35 30.17 0.80
C LYS A 740 43.50 28.70 0.34
N GLY A 741 42.91 28.38 -0.81
CA GLY A 741 42.95 27.02 -1.35
C GLY A 741 41.78 26.20 -0.82
N LEU A 742 41.20 25.40 -1.69
CA LEU A 742 40.07 24.54 -1.35
C LEU A 742 40.46 23.37 -0.44
N LYS A 743 39.58 23.01 0.49
CA LYS A 743 39.76 21.85 1.36
C LYS A 743 39.08 20.59 0.83
N ARG A 744 38.01 20.79 0.07
CA ARG A 744 37.29 19.70 -0.57
C ARG A 744 36.85 20.11 -1.96
N ARG A 745 36.42 19.13 -2.75
CA ARG A 745 35.99 19.37 -4.12
C ARG A 745 34.89 18.41 -4.52
N LEU A 746 33.92 18.92 -5.26
CA LEU A 746 32.87 18.09 -5.81
C LEU A 746 33.44 17.22 -6.92
N VAL A 747 33.20 15.92 -6.84
CA VAL A 747 33.65 14.99 -7.89
C VAL A 747 32.53 14.07 -8.35
N CYS A 748 32.78 13.43 -9.48
CA CYS A 748 31.84 12.56 -10.14
C CYS A 748 32.37 11.13 -10.04
N LEU A 749 31.54 10.24 -9.52
CA LEU A 749 31.92 8.86 -9.19
C LEU A 749 31.17 7.84 -10.05
N THR A 750 31.82 6.71 -10.34
CA THR A 750 31.17 5.57 -10.97
C THR A 750 31.32 4.34 -10.06
N LEU A 751 30.29 3.49 -10.07
CA LEU A 751 30.34 2.27 -9.27
C LEU A 751 29.38 1.21 -9.78
N ALA A 752 29.86 -0.02 -9.86
CA ALA A 752 29.01 -1.17 -10.18
C ALA A 752 28.22 -1.54 -8.95
N THR A 753 26.93 -1.80 -9.15
CA THR A 753 26.04 -2.18 -8.07
C THR A 753 25.21 -3.40 -8.48
N ASP A 754 24.67 -4.10 -7.50
CA ASP A 754 23.82 -5.26 -7.78
C ASP A 754 22.44 -4.78 -8.26
N ASN A 755 21.71 -4.12 -7.36
CA ASN A 755 20.34 -3.70 -7.62
C ASN A 755 19.95 -2.41 -6.89
N VAL A 756 20.91 -1.53 -6.65
CA VAL A 756 20.66 -0.29 -5.91
C VAL A 756 21.52 0.85 -6.45
N ASP A 757 20.93 2.03 -6.60
CA ASP A 757 21.63 3.21 -7.10
C ASP A 757 21.78 4.29 -6.03
N PRO A 758 22.90 5.04 -6.05
CA PRO A 758 22.98 6.17 -5.15
C PRO A 758 21.98 7.23 -5.55
N GLU A 759 21.37 7.88 -4.56
CA GLU A 759 20.52 9.04 -4.78
C GLU A 759 21.12 10.33 -4.18
N GLY A 760 22.28 10.23 -3.53
CA GLY A 760 22.80 11.34 -2.74
C GLY A 760 22.58 11.15 -1.25
N ASN A 761 23.34 11.90 -0.46
CA ASN A 761 23.37 11.82 1.00
C ASN A 761 23.88 10.51 1.58
N GLU A 762 24.68 9.77 0.80
CA GLU A 762 25.28 8.53 1.28
C GLU A 762 26.74 8.72 1.65
N SER A 763 27.21 7.98 2.63
CA SER A 763 28.56 8.13 3.15
C SER A 763 29.59 7.61 2.17
N VAL A 764 30.66 8.37 2.01
CA VAL A 764 31.81 7.96 1.23
C VAL A 764 32.93 7.59 2.20
N TRP A 765 33.43 6.37 2.05
CA TRP A 765 34.48 5.83 2.89
C TRP A 765 35.81 5.74 2.14
N TYR A 766 36.89 5.73 2.90
CA TYR A 766 38.24 5.50 2.38
C TYR A 766 39.12 5.00 3.51
N LYS A 767 39.62 3.77 3.35
CA LYS A 767 40.53 3.17 4.31
C LYS A 767 39.94 3.14 5.73
N GLY A 768 38.68 2.72 5.82
CA GLY A 768 38.02 2.48 7.09
C GLY A 768 37.53 3.72 7.80
N LYS A 769 37.53 4.86 7.11
CA LYS A 769 36.99 6.10 7.67
C LYS A 769 36.08 6.82 6.67
N VAL A 770 35.06 7.50 7.19
CA VAL A 770 34.17 8.32 6.36
C VAL A 770 34.87 9.63 6.06
N ILE A 771 35.04 9.95 4.78
CA ILE A 771 35.74 11.18 4.35
C ILE A 771 34.87 12.19 3.60
N GLY A 772 33.60 11.87 3.37
CA GLY A 772 32.73 12.72 2.58
C GLY A 772 31.38 12.09 2.35
N ASN A 773 30.64 12.63 1.36
CA ASN A 773 29.27 12.16 1.10
C ASN A 773 28.86 12.37 -0.34
N THR A 774 27.95 11.53 -0.82
CA THR A 774 27.35 11.72 -2.14
C THR A 774 26.32 12.83 -1.99
N THR A 775 26.14 13.63 -3.05
CA THR A 775 25.13 14.69 -3.05
C THR A 775 23.93 14.36 -3.93
N SER A 776 24.14 13.59 -4.99
CA SER A 776 23.05 13.07 -5.81
C SER A 776 23.58 11.92 -6.65
N GLY A 777 22.68 11.19 -7.32
CA GLY A 777 23.11 10.04 -8.12
C GLY A 777 22.04 9.50 -9.04
N SER A 778 22.45 8.57 -9.90
CA SER A 778 21.54 7.89 -10.80
C SER A 778 22.26 6.72 -11.45
N TYR A 779 21.50 5.81 -12.01
CA TYR A 779 22.07 4.79 -12.89
C TYR A 779 22.39 5.49 -14.21
N SER A 780 23.56 5.18 -14.78
CA SER A 780 23.87 5.60 -16.14
C SER A 780 23.60 4.44 -17.06
N TYR A 781 22.58 4.57 -17.89
CA TYR A 781 22.18 3.50 -18.79
C TYR A 781 23.18 3.31 -19.92
N SER A 782 23.95 4.36 -20.25
CA SER A 782 24.96 4.28 -21.32
C SER A 782 26.16 3.41 -20.93
N ILE A 783 26.64 3.54 -19.70
CA ILE A 783 27.77 2.73 -19.23
C ILE A 783 27.42 1.55 -18.33
N GLN A 784 26.14 1.37 -18.03
CA GLN A 784 25.71 0.22 -17.20
C GLN A 784 26.33 0.26 -15.79
N LYS A 785 26.48 1.47 -15.25
CA LYS A 785 27.02 1.69 -13.91
C LYS A 785 26.30 2.87 -13.27
N SER A 786 26.29 2.90 -11.95
CA SER A 786 25.74 4.00 -11.19
C SER A 786 26.67 5.20 -11.23
N LEU A 787 26.08 6.38 -11.40
CA LEU A 787 26.79 7.65 -11.29
C LEU A 787 26.40 8.32 -9.99
N ALA A 788 27.33 9.10 -9.44
CA ALA A 788 27.05 9.93 -8.29
C ALA A 788 27.96 11.15 -8.29
N PHE A 789 27.46 12.22 -7.68
CA PHE A 789 28.28 13.37 -7.33
C PHE A 789 28.59 13.23 -5.85
N ALA A 790 29.80 13.63 -5.45
CA ALA A 790 30.19 13.55 -4.06
C ALA A 790 31.19 14.63 -3.69
N TYR A 791 31.20 15.00 -2.41
CA TYR A 791 32.25 15.87 -1.88
C TYR A 791 33.26 14.98 -1.22
N VAL A 792 34.54 15.20 -1.54
CA VAL A 792 35.64 14.48 -0.89
C VAL A 792 36.76 15.47 -0.70
N PRO A 793 37.70 15.19 0.23
CA PRO A 793 38.86 16.08 0.47
C PRO A 793 39.70 16.28 -0.81
N VAL A 794 40.27 17.46 -0.99
CA VAL A 794 41.04 17.76 -2.23
C VAL A 794 42.07 16.68 -2.56
N GLU A 795 42.81 16.23 -1.55
CA GLU A 795 43.87 15.25 -1.75
C GLU A 795 43.37 13.88 -2.24
N LEU A 796 42.05 13.66 -2.23
CA LEU A 796 41.48 12.41 -2.73
C LEU A 796 40.52 12.68 -3.87
N SER A 797 40.70 13.82 -4.56
CA SER A 797 39.80 14.24 -5.63
C SER A 797 40.39 14.01 -7.03
N GLU A 798 41.55 13.36 -7.08
CA GLU A 798 42.21 13.07 -8.35
C GLU A 798 41.39 12.07 -9.15
N VAL A 799 41.42 12.22 -10.48
CA VAL A 799 40.77 11.27 -11.35
C VAL A 799 41.49 9.92 -11.20
N GLY A 800 40.71 8.85 -11.12
CA GLY A 800 41.28 7.51 -10.90
C GLY A 800 41.21 7.06 -9.44
N GLN A 801 41.14 8.00 -8.50
CA GLN A 801 41.05 7.67 -7.08
C GLN A 801 39.93 6.67 -6.77
N GLN A 802 40.29 5.63 -6.02
CA GLN A 802 39.38 4.63 -5.51
C GLN A 802 38.82 5.02 -4.14
N VAL A 803 37.49 5.04 -4.01
CA VAL A 803 36.82 5.19 -2.73
C VAL A 803 35.69 4.16 -2.64
N GLU A 804 35.00 4.11 -1.49
CA GLU A 804 33.83 3.22 -1.31
C GLU A 804 32.57 4.06 -1.02
N VAL A 805 31.45 3.67 -1.62
CA VAL A 805 30.17 4.32 -1.33
C VAL A 805 29.25 3.37 -0.57
N GLU A 806 28.77 3.81 0.58
CA GLU A 806 27.90 2.99 1.43
C GLU A 806 26.46 3.11 0.96
N LEU A 807 25.95 2.05 0.33
CA LEU A 807 24.57 1.97 -0.09
C LEU A 807 23.88 0.84 0.64
N LEU A 808 22.84 1.20 1.39
CA LEU A 808 21.97 0.22 2.03
C LEU A 808 22.74 -0.93 2.68
N GLY A 809 23.72 -0.59 3.52
CA GLY A 809 24.43 -1.57 4.36
C GLY A 809 25.62 -2.29 3.74
N LYS A 810 25.97 -1.93 2.50
CA LYS A 810 27.12 -2.48 1.84
C LYS A 810 27.95 -1.36 1.22
N ASN A 811 29.26 -1.47 1.39
CA ASN A 811 30.21 -0.59 0.72
C ASN A 811 30.54 -1.09 -0.68
N TYR A 812 30.32 -0.24 -1.67
CA TYR A 812 30.64 -0.55 -3.06
C TYR A 812 31.84 0.29 -3.48
N PRO A 813 32.85 -0.34 -4.10
CA PRO A 813 33.99 0.44 -4.60
C PRO A 813 33.58 1.41 -5.70
N ALA A 814 34.24 2.56 -5.74
CA ALA A 814 33.89 3.63 -6.66
C ALA A 814 35.14 4.32 -7.19
N THR A 815 35.05 4.85 -8.39
CA THR A 815 36.17 5.53 -9.00
C THR A 815 35.76 6.94 -9.37
N ILE A 816 36.62 7.90 -9.07
CA ILE A 816 36.46 9.27 -9.59
C ILE A 816 36.79 9.27 -11.08
N ILE A 817 35.90 9.86 -11.88
CA ILE A 817 36.11 9.95 -13.33
C ILE A 817 36.29 11.39 -13.81
N GLN A 818 36.88 11.53 -14.98
CA GLN A 818 37.02 12.80 -15.66
C GLN A 818 35.62 13.22 -16.09
N GLU A 819 35.25 14.45 -15.76
CA GLU A 819 33.95 14.97 -16.14
C GLU A 819 34.07 15.80 -17.41
N PRO A 820 33.00 15.86 -18.21
CA PRO A 820 31.75 15.14 -18.01
C PRO A 820 31.85 13.74 -18.58
N LEU A 821 31.00 12.82 -18.12
CA LEU A 821 30.94 11.48 -18.71
C LEU A 821 30.53 11.57 -20.17
N VAL A 822 29.57 12.43 -20.46
CA VAL A 822 29.11 12.70 -21.82
C VAL A 822 29.12 14.20 -22.04
N LEU A 823 29.54 14.61 -23.24
CA LEU A 823 29.64 16.02 -23.57
C LEU A 823 28.28 16.52 -24.03
N THR A 824 28.02 17.80 -23.83
CA THR A 824 26.75 18.38 -24.27
C THR A 824 26.76 18.52 -25.80
N GLU A 825 25.56 18.52 -26.40
CA GLU A 825 25.42 18.65 -27.85
C GLU A 825 26.17 19.87 -28.41
N PRO A 826 26.06 21.04 -27.75
CA PRO A 826 26.84 22.18 -28.24
C PRO A 826 28.35 21.95 -28.19
N THR A 827 28.83 21.29 -27.14
CA THR A 827 30.27 20.95 -27.04
C THR A 827 30.67 19.90 -28.07
N ARG A 828 29.77 18.97 -28.38
CA ARG A 828 30.02 17.98 -29.43
C ARG A 828 30.01 18.63 -30.83
N THR A 829 29.05 19.53 -31.05
CA THR A 829 28.91 20.27 -32.31
C THR A 829 30.13 21.16 -32.59
N ARG A 830 30.70 21.74 -31.55
CA ARG A 830 31.87 22.61 -31.69
C ARG A 830 33.15 21.86 -32.09
N LEU A 831 33.30 20.59 -31.69
CA LEU A 831 34.47 19.81 -32.12
C LEU A 831 34.32 19.31 -33.56
N GLN A 832 33.10 19.29 -34.09
CA GLN A 832 32.87 18.85 -35.47
C GLN A 832 33.72 19.64 -36.46
N LYS A 833 33.71 20.97 -36.29
CA LYS A 833 34.53 21.85 -37.12
C LYS A 833 36.01 21.69 -36.72
N ASP A 834 36.28 21.75 -35.42
CA ASP A 834 37.65 21.69 -34.89
C ASP A 834 38.07 20.24 -34.68
N GLU B 19 -53.35 -24.20 10.27
CA GLU B 19 -52.99 -24.66 8.89
C GLU B 19 -51.49 -25.01 8.94
N TRP B 20 -51.20 -26.25 9.31
CA TRP B 20 -49.89 -26.59 9.89
C TRP B 20 -49.44 -28.00 9.54
N LYS B 21 -48.17 -28.14 9.14
CA LYS B 21 -47.57 -29.46 8.94
C LYS B 21 -46.62 -29.77 10.08
N ASP B 22 -46.87 -30.89 10.76
CA ASP B 22 -46.02 -31.35 11.86
C ASP B 22 -44.93 -32.32 11.34
N ARG B 23 -45.07 -32.77 10.10
CA ARG B 23 -44.03 -33.52 9.39
C ARG B 23 -43.63 -32.78 8.11
N ALA B 24 -42.32 -32.61 7.90
CA ALA B 24 -41.80 -31.93 6.72
C ALA B 24 -40.55 -32.63 6.21
N GLU B 25 -40.38 -32.60 4.89
CA GLU B 25 -39.19 -33.12 4.28
C GLU B 25 -38.00 -32.19 4.64
N THR B 26 -38.15 -30.91 4.33
CA THR B 26 -37.12 -29.92 4.57
C THR B 26 -37.72 -28.69 5.23
N VAL B 27 -37.11 -28.25 6.34
CA VAL B 27 -37.49 -27.01 6.99
C VAL B 27 -36.45 -25.94 6.68
N ILE B 28 -36.93 -24.80 6.22
CA ILE B 28 -36.08 -23.67 5.90
C ILE B 28 -36.36 -22.61 6.94
N ILE B 29 -35.31 -22.20 7.64
CA ILE B 29 -35.40 -21.24 8.72
C ILE B 29 -35.02 -19.87 8.20
N GLY B 30 -36.01 -19.05 7.89
CA GLY B 30 -35.77 -17.68 7.46
C GLY B 30 -36.42 -17.39 6.13
N GLY B 31 -37.20 -16.31 6.09
CA GLY B 31 -37.89 -15.92 4.87
C GLY B 31 -37.34 -14.66 4.24
N GLY B 32 -36.03 -14.55 4.14
CA GLY B 32 -35.40 -13.50 3.34
C GLY B 32 -35.42 -13.95 1.91
N CYS B 33 -34.75 -13.22 1.01
CA CYS B 33 -34.73 -13.62 -0.39
C CYS B 33 -34.12 -15.00 -0.57
N VAL B 34 -33.12 -15.32 0.24
CA VAL B 34 -32.39 -16.57 0.10
C VAL B 34 -33.24 -17.76 0.51
N GLY B 35 -33.83 -17.67 1.69
CA GLY B 35 -34.68 -18.75 2.20
C GLY B 35 -35.87 -19.01 1.28
N VAL B 36 -36.44 -17.94 0.73
CA VAL B 36 -37.59 -18.05 -0.13
C VAL B 36 -37.14 -18.64 -1.47
N SER B 37 -36.06 -18.12 -2.04
CA SER B 37 -35.53 -18.66 -3.31
C SER B 37 -35.32 -20.16 -3.22
N LEU B 38 -34.77 -20.63 -2.11
CA LEU B 38 -34.53 -22.06 -1.95
C LEU B 38 -35.84 -22.85 -1.91
N ALA B 39 -36.80 -22.35 -1.12
CA ALA B 39 -38.12 -22.97 -0.98
C ALA B 39 -38.80 -23.13 -2.32
N TYR B 40 -38.68 -22.10 -3.14
CA TYR B 40 -39.17 -22.11 -4.49
C TYR B 40 -38.55 -23.24 -5.31
N HIS B 41 -37.21 -23.33 -5.31
CA HIS B 41 -36.50 -24.26 -6.19
C HIS B 41 -36.78 -25.71 -5.84
N LEU B 42 -36.76 -26.00 -4.55
CA LEU B 42 -37.03 -27.34 -4.04
C LEU B 42 -38.43 -27.84 -4.36
N ALA B 43 -39.41 -26.95 -4.19
CA ALA B 43 -40.80 -27.24 -4.53
C ALA B 43 -40.96 -27.49 -6.03
N LYS B 44 -40.41 -26.57 -6.83
CA LYS B 44 -40.44 -26.66 -8.28
C LYS B 44 -39.72 -27.91 -8.78
N ALA B 45 -38.62 -28.25 -8.14
CA ALA B 45 -37.87 -29.46 -8.47
C ALA B 45 -38.58 -30.75 -8.00
N GLY B 46 -39.69 -30.61 -7.27
CA GLY B 46 -40.55 -31.75 -6.95
C GLY B 46 -40.51 -32.28 -5.52
N MET B 47 -39.83 -31.56 -4.63
CA MET B 47 -39.77 -31.99 -3.25
C MET B 47 -41.09 -31.69 -2.54
N ARG B 48 -41.66 -32.71 -1.92
CA ARG B 48 -42.91 -32.58 -1.21
C ARG B 48 -42.67 -32.11 0.22
N ASP B 49 -43.64 -31.40 0.77
CA ASP B 49 -43.62 -30.96 2.16
C ASP B 49 -42.38 -30.13 2.48
N VAL B 50 -42.12 -29.14 1.65
CA VAL B 50 -41.13 -28.11 1.93
C VAL B 50 -41.82 -27.05 2.79
N VAL B 51 -41.24 -26.75 3.95
CA VAL B 51 -41.83 -25.81 4.91
C VAL B 51 -40.84 -24.72 5.28
N LEU B 52 -41.23 -23.47 5.09
CA LEU B 52 -40.39 -22.34 5.46
C LEU B 52 -40.98 -21.67 6.69
N LEU B 53 -40.14 -21.36 7.66
CA LEU B 53 -40.58 -20.73 8.91
C LEU B 53 -39.89 -19.40 9.05
N GLU B 54 -40.69 -18.33 9.13
CA GLU B 54 -40.18 -16.99 9.21
C GLU B 54 -40.66 -16.33 10.50
N LYS B 55 -39.72 -15.67 11.16
CA LYS B 55 -39.92 -15.06 12.47
C LYS B 55 -41.13 -14.14 12.51
N SER B 56 -41.13 -13.15 11.62
CA SER B 56 -42.16 -12.10 11.62
C SER B 56 -42.93 -12.08 10.30
N GLU B 57 -42.30 -11.57 9.25
CA GLU B 57 -42.88 -11.53 7.91
C GLU B 57 -41.76 -11.72 6.89
N LEU B 58 -42.12 -12.06 5.66
CA LEU B 58 -41.11 -12.22 4.61
C LEU B 58 -40.40 -10.88 4.36
N THR B 59 -39.09 -10.94 4.12
CA THR B 59 -38.22 -9.75 3.89
C THR B 59 -37.90 -8.92 5.12
N ALA B 60 -38.31 -9.37 6.31
CA ALA B 60 -38.13 -8.60 7.55
C ALA B 60 -36.67 -8.32 7.97
N GLY B 61 -35.72 -9.09 7.44
CA GLY B 61 -34.29 -8.89 7.72
C GLY B 61 -33.64 -7.84 6.83
N SER B 62 -32.47 -8.16 6.31
CA SER B 62 -31.73 -7.25 5.41
C SER B 62 -32.41 -7.08 4.05
N THR B 63 -33.21 -8.06 3.65
CA THR B 63 -33.71 -8.11 2.28
C THR B 63 -34.52 -6.88 1.87
N TRP B 64 -35.44 -6.44 2.71
CA TRP B 64 -36.31 -5.31 2.31
C TRP B 64 -35.55 -4.00 2.04
N HIS B 65 -34.40 -3.80 2.69
CA HIS B 65 -33.73 -2.48 2.63
C HIS B 65 -32.73 -2.32 1.47
N ALA B 66 -32.43 -3.42 0.79
CA ALA B 66 -31.30 -3.46 -0.13
C ALA B 66 -31.52 -2.65 -1.39
N ALA B 67 -30.41 -2.16 -1.94
CA ALA B 67 -30.42 -1.36 -3.15
C ALA B 67 -30.85 -2.19 -4.36
N GLY B 68 -30.65 -3.49 -4.29
CA GLY B 68 -31.15 -4.41 -5.31
C GLY B 68 -30.29 -4.56 -6.55
N LEU B 69 -29.03 -4.16 -6.47
CA LEU B 69 -28.11 -4.33 -7.58
C LEU B 69 -27.91 -5.80 -7.86
N THR B 70 -28.06 -6.17 -9.14
CA THR B 70 -27.86 -7.52 -9.62
C THR B 70 -27.02 -7.45 -10.89
N THR B 71 -25.72 -7.75 -10.78
CA THR B 71 -24.81 -7.68 -11.93
C THR B 71 -24.31 -9.07 -12.30
N TYR B 72 -23.95 -9.25 -13.57
CA TYR B 72 -23.31 -10.48 -14.01
C TYR B 72 -21.86 -10.55 -13.49
N PHE B 73 -21.30 -9.42 -13.11
CA PHE B 73 -19.90 -9.37 -12.69
C PHE B 73 -19.63 -10.03 -11.35
N HIS B 74 -18.67 -10.95 -11.34
CA HIS B 74 -18.00 -11.38 -10.11
C HIS B 74 -16.49 -11.46 -10.39
N PRO B 75 -15.66 -11.14 -9.38
CA PRO B 75 -14.20 -11.22 -9.59
C PRO B 75 -13.65 -12.64 -9.51
N GLY B 76 -14.47 -13.58 -9.10
CA GLY B 76 -14.08 -14.97 -8.91
C GLY B 76 -14.30 -15.78 -10.19
N ILE B 77 -14.71 -17.03 -10.04
CA ILE B 77 -14.87 -17.93 -11.18
C ILE B 77 -16.28 -18.51 -11.19
N ASN B 78 -16.52 -19.57 -10.43
CA ASN B 78 -17.81 -20.23 -10.46
C ASN B 78 -18.94 -19.43 -9.82
N LEU B 79 -18.60 -18.37 -9.10
CA LEU B 79 -19.65 -17.45 -8.59
C LEU B 79 -20.29 -16.66 -9.73
N LYS B 80 -19.62 -16.61 -10.87
CA LYS B 80 -20.21 -16.06 -12.08
C LYS B 80 -21.48 -16.84 -12.42
N LYS B 81 -21.42 -18.16 -12.26
CA LYS B 81 -22.56 -19.03 -12.53
C LYS B 81 -23.72 -18.62 -11.66
N ILE B 82 -23.44 -18.35 -10.39
CA ILE B 82 -24.48 -18.00 -9.44
C ILE B 82 -25.16 -16.71 -9.87
N HIS B 83 -24.36 -15.74 -10.26
CA HIS B 83 -24.86 -14.47 -10.77
C HIS B 83 -25.67 -14.69 -12.05
N TYR B 84 -25.14 -15.53 -12.93
CA TYR B 84 -25.80 -15.83 -14.19
C TYR B 84 -27.18 -16.45 -13.93
N ASP B 85 -27.23 -17.53 -13.17
CA ASP B 85 -28.51 -18.21 -12.91
C ASP B 85 -29.53 -17.29 -12.20
N SER B 86 -29.06 -16.44 -11.31
CA SER B 86 -29.94 -15.51 -10.63
C SER B 86 -30.65 -14.60 -11.62
N ILE B 87 -29.87 -13.95 -12.47
CA ILE B 87 -30.42 -13.02 -13.44
C ILE B 87 -31.36 -13.72 -14.42
N LYS B 88 -30.95 -14.89 -14.94
CA LYS B 88 -31.82 -15.63 -15.89
C LYS B 88 -33.17 -15.94 -15.26
N LEU B 89 -33.14 -16.37 -13.99
CA LEU B 89 -34.36 -16.61 -13.24
C LEU B 89 -35.19 -15.35 -13.16
N TYR B 90 -34.57 -14.27 -12.72
CA TYR B 90 -35.29 -13.02 -12.46
C TYR B 90 -36.00 -12.51 -13.73
N GLU B 91 -35.40 -12.72 -14.89
CA GLU B 91 -36.02 -12.35 -16.18
C GLU B 91 -37.35 -13.08 -16.47
N ARG B 92 -37.49 -14.28 -15.90
CA ARG B 92 -38.61 -15.18 -16.19
C ARG B 92 -39.69 -15.27 -15.11
N LEU B 93 -39.45 -14.66 -13.94
CA LEU B 93 -40.37 -14.80 -12.81
C LEU B 93 -41.73 -14.13 -13.03
N GLU B 94 -41.74 -13.01 -13.74
CA GLU B 94 -42.98 -12.25 -13.99
C GLU B 94 -43.95 -13.03 -14.87
N GLU B 95 -43.42 -13.75 -15.86
CA GLU B 95 -44.25 -14.59 -16.72
C GLU B 95 -44.74 -15.82 -15.95
N GLU B 96 -43.84 -16.45 -15.20
CA GLU B 96 -44.11 -17.72 -14.54
C GLU B 96 -45.12 -17.60 -13.41
N THR B 97 -45.01 -16.56 -12.61
CA THR B 97 -45.81 -16.43 -11.39
C THR B 97 -46.99 -15.46 -11.49
N GLY B 98 -46.99 -14.62 -12.52
CA GLY B 98 -48.03 -13.60 -12.68
C GLY B 98 -47.82 -12.43 -11.72
N GLN B 99 -46.56 -12.18 -11.38
CA GLN B 99 -46.19 -11.20 -10.34
C GLN B 99 -45.06 -10.33 -10.87
N VAL B 100 -45.24 -9.02 -10.79
CA VAL B 100 -44.20 -8.06 -11.21
C VAL B 100 -43.00 -8.17 -10.28
N VAL B 101 -41.80 -7.93 -10.82
CA VAL B 101 -40.59 -7.87 -9.98
C VAL B 101 -39.79 -6.57 -10.12
N GLY B 102 -40.15 -5.71 -11.06
CA GLY B 102 -39.44 -4.45 -11.25
C GLY B 102 -37.96 -4.66 -11.49
N PHE B 103 -37.65 -5.48 -12.49
CA PHE B 103 -36.27 -5.78 -12.87
C PHE B 103 -35.83 -4.84 -13.98
N HIS B 104 -34.99 -3.86 -13.61
CA HIS B 104 -34.45 -2.89 -14.55
C HIS B 104 -33.15 -3.46 -15.12
N GLN B 105 -32.96 -3.37 -16.44
CA GLN B 105 -31.81 -4.00 -17.06
C GLN B 105 -31.07 -3.08 -18.04
N PRO B 106 -30.60 -1.93 -17.55
CA PRO B 106 -29.84 -1.01 -18.43
C PRO B 106 -28.36 -1.38 -18.59
N GLY B 107 -27.90 -2.45 -17.96
CA GLY B 107 -26.49 -2.84 -18.01
C GLY B 107 -25.69 -2.25 -16.85
N SER B 108 -24.51 -2.82 -16.59
CA SER B 108 -23.61 -2.34 -15.55
C SER B 108 -22.24 -2.04 -16.10
N ILE B 109 -21.61 -0.99 -15.57
CA ILE B 109 -20.27 -0.62 -15.97
C ILE B 109 -19.42 -0.37 -14.72
N ARG B 110 -18.30 -1.09 -14.62
CA ARG B 110 -17.27 -0.77 -13.65
C ARG B 110 -16.27 0.15 -14.36
N LEU B 111 -15.86 1.22 -13.69
CA LEU B 111 -15.01 2.24 -14.31
C LEU B 111 -13.53 2.11 -13.94
N ALA B 112 -12.67 2.30 -14.94
CA ALA B 112 -11.23 2.36 -14.74
C ALA B 112 -10.74 3.78 -14.95
N THR B 113 -10.05 4.32 -13.95
CA THR B 113 -9.50 5.68 -14.01
C THR B 113 -7.98 5.73 -13.82
N THR B 114 -7.36 4.55 -13.74
CA THR B 114 -5.90 4.45 -13.70
C THR B 114 -5.48 3.28 -14.60
N PRO B 115 -4.23 3.30 -15.08
CA PRO B 115 -3.74 2.19 -15.90
C PRO B 115 -3.66 0.85 -15.15
N GLU B 116 -3.36 0.92 -13.83
CA GLU B 116 -3.43 -0.23 -12.91
C GLU B 116 -4.79 -0.92 -13.02
N ARG B 117 -5.83 -0.09 -13.03
CA ARG B 117 -7.19 -0.59 -13.03
C ARG B 117 -7.63 -1.14 -14.39
N VAL B 118 -7.08 -0.59 -15.48
CA VAL B 118 -7.27 -1.17 -16.79
C VAL B 118 -6.68 -2.60 -16.81
N ASP B 119 -5.50 -2.80 -16.24
CA ASP B 119 -4.91 -4.13 -16.15
C ASP B 119 -5.83 -5.08 -15.42
N GLU B 120 -6.45 -4.63 -14.33
CA GLU B 120 -7.38 -5.48 -13.60
C GLU B 120 -8.52 -5.95 -14.51
N PHE B 121 -9.04 -5.07 -15.34
CA PHE B 121 -10.09 -5.46 -16.30
C PHE B 121 -9.56 -6.56 -17.24
N LYS B 122 -8.32 -6.43 -17.69
CA LYS B 122 -7.73 -7.42 -18.61
C LYS B 122 -7.58 -8.77 -17.94
N TYR B 123 -7.15 -8.74 -16.68
CA TYR B 123 -7.15 -9.91 -15.81
C TYR B 123 -8.54 -10.55 -15.78
N GLN B 124 -9.55 -9.73 -15.49
CA GLN B 124 -10.93 -10.22 -15.38
C GLN B 124 -11.52 -10.71 -16.71
N MET B 125 -11.06 -10.15 -17.83
CA MET B 125 -11.53 -10.57 -19.14
C MET B 125 -11.06 -11.95 -19.54
N THR B 126 -9.77 -12.25 -19.36
CA THR B 126 -9.28 -13.58 -19.71
C THR B 126 -9.97 -14.62 -18.81
N ARG B 127 -10.29 -14.22 -17.59
CA ARG B 127 -11.02 -15.08 -16.64
C ARG B 127 -12.49 -15.28 -17.02
N THR B 128 -13.04 -14.38 -17.82
CA THR B 128 -14.47 -14.38 -18.14
C THR B 128 -14.80 -14.85 -19.57
N ASN B 129 -13.80 -14.86 -20.46
CA ASN B 129 -14.05 -15.16 -21.87
C ASN B 129 -14.41 -16.61 -22.13
N TRP B 130 -14.06 -17.50 -21.21
CA TRP B 130 -14.43 -18.91 -21.35
C TRP B 130 -15.69 -19.23 -20.53
N HIS B 131 -16.43 -18.20 -20.13
CA HIS B 131 -17.76 -18.42 -19.54
C HIS B 131 -18.84 -17.81 -20.42
N ALA B 132 -20.05 -18.28 -20.23
CA ALA B 132 -21.22 -17.79 -20.97
C ALA B 132 -21.56 -16.35 -20.62
N THR B 133 -21.21 -15.93 -19.41
CA THR B 133 -21.39 -14.54 -18.99
C THR B 133 -20.87 -13.57 -20.04
N GLU B 134 -21.73 -12.66 -20.46
CA GLU B 134 -21.39 -11.68 -21.47
C GLU B 134 -20.72 -10.50 -20.79
N GLN B 135 -19.54 -10.11 -21.27
CA GLN B 135 -18.71 -9.12 -20.60
C GLN B 135 -17.64 -8.56 -21.54
N TYR B 136 -17.53 -7.22 -21.61
CA TYR B 136 -16.56 -6.54 -22.50
C TYR B 136 -15.89 -5.35 -21.84
N ILE B 137 -14.71 -5.00 -22.37
CA ILE B 137 -14.09 -3.74 -22.07
C ILE B 137 -14.54 -2.72 -23.11
N ILE B 138 -15.09 -1.59 -22.67
CA ILE B 138 -15.52 -0.56 -23.60
C ILE B 138 -14.67 0.72 -23.49
N GLU B 139 -14.58 1.44 -24.60
CA GLU B 139 -13.84 2.71 -24.62
C GLU B 139 -14.70 3.85 -24.08
N PRO B 140 -14.05 4.96 -23.70
CA PRO B 140 -14.76 6.14 -23.20
C PRO B 140 -15.95 6.57 -24.05
N GLU B 141 -15.78 6.66 -25.38
CA GLU B 141 -16.88 7.09 -26.26
C GLU B 141 -18.15 6.32 -25.95
N LYS B 142 -18.02 5.00 -25.87
CA LYS B 142 -19.15 4.12 -25.60
C LYS B 142 -19.69 4.34 -24.18
N ILE B 143 -18.81 4.58 -23.22
CA ILE B 143 -19.23 4.86 -21.83
C ILE B 143 -20.06 6.13 -21.79
N HIS B 144 -19.59 7.17 -22.49
CA HIS B 144 -20.28 8.45 -22.55
C HIS B 144 -21.63 8.32 -23.25
N GLU B 145 -21.72 7.44 -24.23
CA GLU B 145 -22.97 7.19 -24.91
C GLU B 145 -24.01 6.63 -23.94
N LEU B 146 -23.60 5.67 -23.12
CA LEU B 146 -24.51 4.97 -22.20
C LEU B 146 -24.79 5.73 -20.90
N PHE B 147 -23.78 6.42 -20.39
CA PHE B 147 -23.94 7.26 -19.21
C PHE B 147 -23.48 8.67 -19.56
N PRO B 148 -24.36 9.46 -20.19
CA PRO B 148 -23.96 10.79 -20.69
C PRO B 148 -23.63 11.83 -19.61
N LEU B 149 -24.07 11.59 -18.37
CA LEU B 149 -23.85 12.52 -17.26
C LEU B 149 -22.54 12.28 -16.50
N LEU B 150 -21.64 11.49 -17.09
CA LEU B 150 -20.40 11.08 -16.45
C LEU B 150 -19.30 12.04 -16.80
N ASN B 151 -18.51 12.41 -15.80
CA ASN B 151 -17.34 13.22 -16.05
C ASN B 151 -16.28 12.34 -16.68
N MET B 152 -15.93 12.64 -17.93
CA MET B 152 -15.03 11.78 -18.69
C MET B 152 -13.54 12.10 -18.49
N ASP B 153 -13.24 13.14 -17.72
CA ASP B 153 -11.85 13.62 -17.56
C ASP B 153 -10.84 12.51 -17.32
N LYS B 154 -11.14 11.60 -16.39
CA LYS B 154 -10.20 10.55 -15.96
C LYS B 154 -10.52 9.15 -16.50
N ILE B 155 -11.63 9.00 -17.20
CA ILE B 155 -12.12 7.67 -17.60
C ILE B 155 -11.29 7.07 -18.72
N LEU B 156 -10.66 5.94 -18.42
CA LEU B 156 -9.83 5.23 -19.37
C LEU B 156 -10.56 4.10 -20.07
N ALA B 157 -11.42 3.41 -19.31
CA ALA B 157 -12.09 2.22 -19.80
C ALA B 157 -13.21 1.83 -18.85
N GLY B 158 -14.14 1.04 -19.37
CA GLY B 158 -15.22 0.49 -18.57
C GLY B 158 -15.27 -1.02 -18.77
N LEU B 159 -15.68 -1.73 -17.74
CA LEU B 159 -15.94 -3.16 -17.83
C LEU B 159 -17.45 -3.28 -17.83
N TYR B 160 -18.00 -3.75 -18.94
CA TYR B 160 -19.42 -3.63 -19.23
C TYR B 160 -20.07 -5.02 -19.31
N ASN B 161 -21.09 -5.23 -18.50
CA ASN B 161 -21.96 -6.39 -18.58
C ASN B 161 -23.33 -5.94 -19.07
N PRO B 162 -23.64 -6.17 -20.36
CA PRO B 162 -25.00 -5.84 -20.79
C PRO B 162 -26.02 -6.82 -20.21
N GLY B 163 -27.27 -6.40 -20.14
CA GLY B 163 -28.38 -7.27 -19.73
C GLY B 163 -28.63 -7.45 -18.25
N ASP B 164 -27.92 -6.70 -17.41
CA ASP B 164 -28.13 -6.78 -15.96
C ASP B 164 -28.55 -5.40 -15.46
N GLY B 165 -28.68 -5.25 -14.14
CA GLY B 165 -29.00 -3.96 -13.55
C GLY B 165 -29.33 -4.01 -12.09
N HIS B 166 -30.63 -3.96 -11.77
CA HIS B 166 -31.10 -3.99 -10.40
C HIS B 166 -32.57 -4.34 -10.33
N ILE B 167 -33.00 -4.76 -9.14
CA ILE B 167 -34.33 -5.28 -8.96
C ILE B 167 -34.89 -4.83 -7.61
N ASP B 168 -36.21 -4.84 -7.49
CA ASP B 168 -36.89 -4.57 -6.24
C ASP B 168 -36.80 -5.82 -5.36
N PRO B 169 -36.05 -5.75 -4.24
CA PRO B 169 -35.89 -6.93 -3.38
C PRO B 169 -37.20 -7.50 -2.82
N TYR B 170 -38.16 -6.63 -2.51
CA TYR B 170 -39.43 -7.07 -1.94
C TYR B 170 -40.26 -7.79 -2.98
N SER B 171 -40.40 -7.18 -4.14
CA SER B 171 -41.22 -7.76 -5.20
C SER B 171 -40.59 -9.08 -5.65
N LEU B 172 -39.26 -9.12 -5.72
CA LEU B 172 -38.54 -10.36 -6.04
C LEU B 172 -38.93 -11.48 -5.07
N THR B 173 -38.80 -11.21 -3.77
CA THR B 173 -39.11 -12.21 -2.76
C THR B 173 -40.57 -12.66 -2.80
N MET B 174 -41.47 -11.69 -3.01
CA MET B 174 -42.89 -12.00 -3.11
C MET B 174 -43.18 -12.90 -4.29
N ALA B 175 -42.55 -12.61 -5.43
CA ALA B 175 -42.72 -13.45 -6.60
C ALA B 175 -42.21 -14.86 -6.35
N LEU B 176 -41.02 -14.97 -5.76
CA LEU B 176 -40.46 -16.27 -5.43
C LEU B 176 -41.34 -17.04 -4.45
N ALA B 177 -42.02 -16.32 -3.56
CA ALA B 177 -42.93 -16.95 -2.60
C ALA B 177 -44.18 -17.51 -3.28
N THR B 178 -44.76 -16.75 -4.20
CA THR B 178 -45.92 -17.25 -4.95
C THR B 178 -45.54 -18.50 -5.76
N GLY B 179 -44.37 -18.47 -6.38
CA GLY B 179 -43.85 -19.64 -7.08
C GLY B 179 -43.77 -20.84 -6.15
N ALA B 180 -43.11 -20.63 -5.00
CA ALA B 180 -42.95 -21.69 -4.00
C ALA B 180 -44.28 -22.28 -3.59
N ARG B 181 -45.26 -21.40 -3.30
CA ARG B 181 -46.60 -21.81 -2.90
C ARG B 181 -47.31 -22.56 -4.02
N LYS B 182 -47.12 -22.10 -5.24
CA LYS B 182 -47.69 -22.73 -6.44
C LYS B 182 -47.17 -24.15 -6.66
N TYR B 183 -45.92 -24.42 -6.28
CA TYR B 183 -45.33 -25.76 -6.47
C TYR B 183 -45.40 -26.67 -5.24
N GLY B 184 -46.07 -26.22 -4.17
CA GLY B 184 -46.35 -27.07 -3.02
C GLY B 184 -45.72 -26.66 -1.70
N ALA B 185 -44.89 -25.62 -1.70
CA ALA B 185 -44.23 -25.19 -0.46
C ALA B 185 -45.19 -24.49 0.46
N LEU B 186 -44.92 -24.58 1.76
CA LEU B 186 -45.72 -23.94 2.78
C LEU B 186 -44.86 -22.88 3.48
N LEU B 187 -45.29 -21.63 3.42
CA LEU B 187 -44.56 -20.54 4.07
C LEU B 187 -45.32 -20.03 5.31
N LYS B 188 -44.82 -20.34 6.50
CA LYS B 188 -45.47 -19.99 7.77
C LYS B 188 -44.81 -18.80 8.48
N TYR B 189 -45.62 -17.80 8.83
CA TYR B 189 -45.16 -16.64 9.62
C TYR B 189 -46.37 -15.84 10.15
N PRO B 190 -46.24 -15.26 11.38
CA PRO B 190 -45.08 -15.36 12.29
C PRO B 190 -44.97 -16.74 12.95
N ALA B 191 -43.79 -17.35 12.80
CA ALA B 191 -43.54 -18.70 13.29
C ALA B 191 -42.05 -18.89 13.56
N PRO B 192 -41.52 -18.18 14.58
CA PRO B 192 -40.08 -18.21 14.83
C PRO B 192 -39.62 -19.57 15.35
N VAL B 193 -38.47 -20.04 14.88
CA VAL B 193 -37.86 -21.25 15.41
C VAL B 193 -37.21 -20.89 16.73
N THR B 194 -37.61 -21.60 17.79
CA THR B 194 -37.13 -21.34 19.15
C THR B 194 -36.18 -22.41 19.69
N SER B 195 -36.27 -23.63 19.17
CA SER B 195 -35.36 -24.70 19.55
C SER B 195 -35.23 -25.75 18.45
N LEU B 196 -34.17 -26.54 18.52
CA LEU B 196 -33.84 -27.52 17.51
C LEU B 196 -33.19 -28.70 18.19
N LYS B 197 -33.81 -29.88 18.03
CA LYS B 197 -33.31 -31.11 18.62
C LYS B 197 -33.02 -32.14 17.52
N PRO B 198 -31.75 -32.59 17.40
CA PRO B 198 -31.47 -33.72 16.51
C PRO B 198 -32.06 -35.01 17.06
N ARG B 199 -32.34 -35.96 16.17
CA ARG B 199 -32.82 -37.26 16.58
C ARG B 199 -31.80 -38.31 16.19
N PRO B 200 -31.84 -39.49 16.84
CA PRO B 200 -30.85 -40.54 16.54
C PRO B 200 -30.85 -41.00 15.08
N ASP B 201 -32.02 -41.00 14.43
CA ASP B 201 -32.10 -41.36 13.01
C ASP B 201 -31.67 -40.24 12.04
N GLY B 202 -31.17 -39.13 12.56
CA GLY B 202 -30.65 -38.05 11.71
C GLY B 202 -31.63 -36.95 11.35
N THR B 203 -32.87 -37.07 11.81
CA THR B 203 -33.90 -36.05 11.58
C THR B 203 -33.94 -35.04 12.73
N TRP B 204 -34.88 -34.09 12.66
CA TRP B 204 -34.91 -32.92 13.54
C TRP B 204 -36.32 -32.63 14.05
N ASP B 205 -36.43 -32.27 15.34
CA ASP B 205 -37.64 -31.67 15.88
C ASP B 205 -37.42 -30.16 15.92
N VAL B 206 -38.36 -29.41 15.36
CA VAL B 206 -38.26 -27.95 15.32
C VAL B 206 -39.40 -27.38 16.15
N GLU B 207 -39.09 -26.42 17.03
CA GLU B 207 -40.12 -25.76 17.85
C GLU B 207 -40.39 -24.36 17.38
N THR B 208 -41.67 -24.06 17.17
CA THR B 208 -42.14 -22.68 17.03
C THR B 208 -43.33 -22.50 17.97
N PRO B 209 -43.70 -21.23 18.24
CA PRO B 209 -44.95 -20.94 18.96
C PRO B 209 -46.20 -21.51 18.31
N GLN B 210 -46.16 -21.76 17.00
CA GLN B 210 -47.30 -22.34 16.27
C GLN B 210 -47.37 -23.86 16.30
N GLY B 211 -46.32 -24.51 16.78
CA GLY B 211 -46.30 -25.96 16.90
C GLY B 211 -45.00 -26.56 16.45
N SER B 212 -44.92 -27.89 16.49
CA SER B 212 -43.70 -28.62 16.21
C SER B 212 -43.70 -29.19 14.81
N VAL B 213 -42.55 -29.08 14.13
CA VAL B 213 -42.29 -29.79 12.87
C VAL B 213 -41.16 -30.80 13.06
N ARG B 214 -41.39 -32.04 12.65
CA ARG B 214 -40.34 -33.07 12.55
C ARG B 214 -39.84 -33.12 11.11
N ALA B 215 -38.64 -32.59 10.89
CA ALA B 215 -38.04 -32.44 9.57
C ALA B 215 -36.93 -33.44 9.30
N ASN B 216 -36.88 -33.97 8.07
CA ASN B 216 -35.77 -34.82 7.64
C ASN B 216 -34.46 -34.04 7.55
N ARG B 217 -34.57 -32.75 7.28
CA ARG B 217 -33.39 -31.89 7.26
C ARG B 217 -33.79 -30.47 7.58
N ILE B 218 -32.81 -29.67 8.00
CA ILE B 218 -33.07 -28.26 8.32
C ILE B 218 -32.05 -27.37 7.61
N VAL B 219 -32.48 -26.16 7.30
CA VAL B 219 -31.66 -25.21 6.57
C VAL B 219 -31.71 -23.83 7.22
N ASN B 220 -30.54 -23.35 7.64
CA ASN B 220 -30.40 -22.04 8.26
C ASN B 220 -30.29 -20.98 7.17
N ALA B 221 -31.28 -20.09 7.11
CA ALA B 221 -31.29 -18.97 6.17
C ALA B 221 -31.70 -17.70 6.89
N ALA B 222 -31.16 -17.48 8.08
CA ALA B 222 -31.72 -16.54 9.03
C ALA B 222 -31.02 -15.20 9.09
N GLY B 223 -30.30 -14.84 8.03
CA GLY B 223 -29.69 -13.53 7.94
C GLY B 223 -28.74 -13.23 9.10
N PHE B 224 -28.89 -12.06 9.69
CA PHE B 224 -28.04 -11.64 10.80
C PHE B 224 -28.41 -12.30 12.13
N TRP B 225 -29.44 -13.14 12.12
CA TRP B 225 -29.74 -14.05 13.22
C TRP B 225 -29.10 -15.43 12.98
N ALA B 226 -28.36 -15.60 11.89
CA ALA B 226 -27.87 -16.95 11.53
C ALA B 226 -26.98 -17.52 12.62
N ARG B 227 -26.12 -16.69 13.19
CA ARG B 227 -25.26 -17.12 14.29
C ARG B 227 -26.08 -17.64 15.49
N GLU B 228 -27.13 -16.92 15.87
CA GLU B 228 -28.00 -17.36 16.98
C GLU B 228 -28.71 -18.68 16.69
N VAL B 229 -29.13 -18.90 15.45
CA VAL B 229 -29.78 -20.17 15.10
C VAL B 229 -28.76 -21.30 15.14
N GLY B 230 -27.55 -21.03 14.67
CA GLY B 230 -26.48 -22.01 14.75
C GLY B 230 -26.25 -22.49 16.16
N LYS B 231 -26.26 -21.55 17.11
CA LYS B 231 -26.01 -21.85 18.52
C LYS B 231 -27.11 -22.68 19.18
N MET B 232 -28.30 -22.76 18.57
CA MET B 232 -29.34 -23.69 19.06
C MET B 232 -28.93 -25.15 18.93
N ILE B 233 -27.96 -25.43 18.05
CA ILE B 233 -27.47 -26.79 17.84
C ILE B 233 -25.99 -26.92 18.15
N GLY B 234 -25.46 -25.99 18.95
CA GLY B 234 -24.09 -26.06 19.44
C GLY B 234 -23.00 -25.79 18.40
N LEU B 235 -23.29 -24.93 17.43
CA LEU B 235 -22.30 -24.48 16.46
C LEU B 235 -22.10 -22.97 16.57
N ASP B 236 -20.90 -22.51 16.22
CA ASP B 236 -20.60 -21.08 16.16
C ASP B 236 -20.29 -20.70 14.71
N HIS B 237 -21.22 -19.98 14.08
CA HIS B 237 -21.05 -19.54 12.71
C HIS B 237 -20.30 -18.20 12.70
N PRO B 238 -19.16 -18.14 12.02
CA PRO B 238 -18.36 -16.91 12.05
C PRO B 238 -18.98 -15.80 11.22
N LEU B 239 -19.94 -15.10 11.81
CA LEU B 239 -20.70 -14.06 11.12
C LEU B 239 -20.84 -12.84 12.01
N ILE B 240 -20.77 -11.67 11.39
CA ILE B 240 -20.96 -10.42 12.09
C ILE B 240 -21.73 -9.47 11.21
N PRO B 241 -22.83 -8.89 11.73
CA PRO B 241 -23.57 -7.90 10.96
C PRO B 241 -22.81 -6.59 10.83
N VAL B 242 -22.59 -6.14 9.60
CA VAL B 242 -21.95 -4.86 9.35
C VAL B 242 -22.99 -3.81 8.96
N GLN B 243 -22.64 -2.53 9.09
CA GLN B 243 -23.49 -1.43 8.63
C GLN B 243 -23.11 -1.03 7.21
N HIS B 244 -24.13 -0.79 6.37
CA HIS B 244 -23.89 -0.26 5.06
C HIS B 244 -24.95 0.77 4.69
N GLN B 245 -24.49 1.84 4.01
CA GLN B 245 -25.34 2.99 3.66
C GLN B 245 -25.38 3.31 2.16
N TYR B 246 -26.57 3.62 1.67
CA TYR B 246 -26.69 4.28 0.39
C TYR B 246 -27.53 5.56 0.51
N VAL B 247 -27.31 6.47 -0.44
CA VAL B 247 -27.93 7.78 -0.46
C VAL B 247 -28.82 7.94 -1.69
N ILE B 248 -30.11 8.19 -1.45
CA ILE B 248 -31.07 8.47 -2.53
C ILE B 248 -31.17 10.00 -2.73
N THR B 249 -31.01 10.46 -3.99
CA THR B 249 -31.19 11.88 -4.33
C THR B 249 -32.60 12.16 -4.81
N SER B 250 -32.98 13.44 -4.74
CA SER B 250 -34.25 13.91 -5.27
C SER B 250 -34.18 13.92 -6.79
N THR B 251 -35.28 14.26 -7.43
CA THR B 251 -35.36 14.28 -8.88
C THR B 251 -34.29 15.23 -9.45
N ILE B 252 -33.66 14.82 -10.56
CA ILE B 252 -32.66 15.63 -11.24
C ILE B 252 -33.15 15.88 -12.65
N PRO B 253 -33.24 17.17 -13.07
CA PRO B 253 -33.75 17.50 -14.40
C PRO B 253 -33.04 16.74 -15.52
N GLU B 254 -31.71 16.72 -15.48
CA GLU B 254 -30.92 16.06 -16.52
C GLU B 254 -31.18 14.55 -16.59
N VAL B 255 -31.61 13.96 -15.48
CA VAL B 255 -31.92 12.53 -15.42
C VAL B 255 -33.35 12.24 -15.89
N LYS B 256 -34.28 13.14 -15.54
CA LYS B 256 -35.67 13.02 -15.98
C LYS B 256 -35.74 13.19 -17.50
N ALA B 257 -34.98 14.15 -18.01
CA ALA B 257 -34.90 14.44 -19.45
C ALA B 257 -34.50 13.26 -20.33
N LEU B 258 -33.77 12.29 -19.77
CA LEU B 258 -33.37 11.11 -20.53
C LEU B 258 -34.54 10.17 -20.77
N LYS B 259 -34.51 9.51 -21.91
CA LYS B 259 -35.55 8.55 -22.28
C LYS B 259 -35.18 7.13 -21.85
N ARG B 260 -33.91 6.77 -21.99
CA ARG B 260 -33.41 5.46 -21.54
C ARG B 260 -32.78 5.56 -20.15
N GLU B 261 -32.99 4.52 -19.33
CA GLU B 261 -32.42 4.47 -17.99
C GLU B 261 -30.90 4.40 -18.07
N LEU B 262 -30.25 5.02 -17.09
CA LEU B 262 -28.79 4.96 -16.96
C LEU B 262 -28.35 3.57 -16.48
N PRO B 263 -27.22 3.08 -17.01
CA PRO B 263 -26.68 1.83 -16.52
C PRO B 263 -26.11 1.99 -15.12
N VAL B 264 -25.97 0.87 -14.42
CA VAL B 264 -25.42 0.86 -13.08
C VAL B 264 -23.91 1.03 -13.16
N LEU B 265 -23.38 1.98 -12.39
CA LEU B 265 -21.95 2.22 -12.33
C LEU B 265 -21.31 1.65 -11.07
N ARG B 266 -19.99 1.46 -11.13
CA ARG B 266 -19.17 1.33 -9.95
C ARG B 266 -17.94 2.20 -10.13
N ASP B 267 -17.77 3.18 -9.24
CA ASP B 267 -16.58 4.04 -9.27
C ASP B 267 -15.55 3.40 -8.33
N LEU B 268 -14.58 2.72 -8.90
CA LEU B 268 -13.75 1.82 -8.13
C LEU B 268 -12.80 2.60 -7.20
N GLU B 269 -12.14 3.65 -7.73
CA GLU B 269 -11.24 4.49 -6.93
C GLU B 269 -12.02 5.28 -5.87
N GLY B 270 -13.18 5.83 -6.27
CA GLY B 270 -14.09 6.48 -5.34
C GLY B 270 -14.80 5.52 -4.38
N SER B 271 -14.74 4.21 -4.70
CA SER B 271 -15.34 3.16 -3.87
C SER B 271 -16.81 3.40 -3.55
N TYR B 272 -17.63 3.48 -4.59
CA TYR B 272 -19.08 3.47 -4.43
C TYR B 272 -19.76 2.89 -5.68
N TYR B 273 -20.94 2.32 -5.52
CA TYR B 273 -21.80 1.96 -6.67
C TYR B 273 -22.83 3.08 -6.86
N LEU B 274 -23.40 3.17 -8.06
CA LEU B 274 -24.38 4.21 -8.35
C LEU B 274 -25.39 3.73 -9.39
N ARG B 275 -26.67 3.99 -9.14
CA ARG B 275 -27.73 3.63 -10.08
C ARG B 275 -28.83 4.68 -10.12
N GLN B 276 -29.63 4.62 -11.18
CA GLN B 276 -30.79 5.47 -11.28
C GLN B 276 -31.88 4.95 -10.36
N GLU B 277 -32.57 5.89 -9.70
CA GLU B 277 -33.71 5.60 -8.83
C GLU B 277 -34.81 6.62 -9.13
N ARG B 278 -35.86 6.18 -9.83
CA ARG B 278 -36.84 7.08 -10.42
C ARG B 278 -36.10 8.03 -11.35
N ASP B 279 -36.21 9.34 -11.13
CA ASP B 279 -35.50 10.33 -11.94
C ASP B 279 -34.42 11.00 -11.12
N GLY B 280 -34.03 10.33 -10.03
CA GLY B 280 -32.89 10.74 -9.23
C GLY B 280 -31.87 9.63 -9.25
N LEU B 281 -30.88 9.75 -8.37
CA LEU B 281 -29.80 8.79 -8.29
C LEU B 281 -29.68 8.16 -6.90
N LEU B 282 -28.97 7.04 -6.86
CA LEU B 282 -28.75 6.28 -5.63
C LEU B 282 -27.32 5.78 -5.68
N PHE B 283 -26.54 6.06 -4.64
CA PHE B 283 -25.18 5.60 -4.58
C PHE B 283 -24.81 5.17 -3.17
N GLY B 284 -23.98 4.13 -3.09
CA GLY B 284 -23.64 3.48 -1.82
C GLY B 284 -22.15 3.28 -1.70
N PRO B 285 -21.50 4.00 -0.78
CA PRO B 285 -20.07 3.85 -0.60
C PRO B 285 -19.63 2.64 0.21
N TYR B 286 -18.43 2.15 -0.10
CA TYR B 286 -17.72 1.23 0.79
C TYR B 286 -16.53 2.00 1.30
N GLU B 287 -16.72 2.57 2.48
CA GLU B 287 -15.73 3.45 3.07
C GLU B 287 -14.59 2.63 3.66
N SER B 288 -13.56 3.33 4.14
CA SER B 288 -12.38 2.68 4.70
C SER B 288 -12.73 1.67 5.80
N GLN B 289 -11.86 0.68 5.96
CA GLN B 289 -11.97 -0.29 7.04
C GLN B 289 -11.79 0.40 8.39
N GLU B 290 -11.13 1.55 8.40
CA GLU B 290 -10.94 2.33 9.62
C GLU B 290 -12.23 3.07 10.00
N LYS B 291 -13.06 3.41 9.01
CA LYS B 291 -14.25 4.24 9.22
C LYS B 291 -15.55 3.45 9.26
N MET B 292 -15.59 2.26 8.66
CA MET B 292 -16.84 1.51 8.61
C MET B 292 -17.28 1.14 10.01
N LYS B 293 -18.56 0.80 10.14
CA LYS B 293 -19.11 0.39 11.42
C LYS B 293 -19.77 -0.98 11.30
N LEU B 294 -19.76 -1.72 12.40
CA LEU B 294 -20.36 -3.06 12.45
C LEU B 294 -20.95 -3.30 13.83
N GLN B 295 -21.68 -4.39 13.97
CA GLN B 295 -22.47 -4.66 15.17
C GLN B 295 -21.82 -5.68 16.07
N ALA B 296 -20.66 -5.33 16.61
CA ALA B 296 -19.99 -6.17 17.59
C ALA B 296 -20.95 -6.54 18.74
N SER B 297 -21.78 -5.58 19.14
CA SER B 297 -22.72 -5.79 20.26
C SER B 297 -23.73 -6.88 19.95
N TRP B 298 -24.10 -7.02 18.67
CA TRP B 298 -25.00 -8.09 18.25
C TRP B 298 -24.34 -9.47 18.25
N VAL B 299 -23.01 -9.54 18.21
CA VAL B 299 -22.32 -10.81 18.37
C VAL B 299 -22.30 -11.20 19.85
N ALA B 300 -21.81 -10.28 20.68
CA ALA B 300 -21.72 -10.51 22.14
C ALA B 300 -23.09 -10.78 22.83
N HIS B 301 -24.09 -9.98 22.47
CA HIS B 301 -25.38 -9.98 23.12
C HIS B 301 -26.56 -10.39 22.25
N GLY B 302 -26.28 -10.73 20.99
CA GLY B 302 -27.34 -11.15 20.08
C GLY B 302 -28.09 -9.96 19.50
N VAL B 303 -28.94 -10.24 18.53
CA VAL B 303 -29.72 -9.21 17.88
C VAL B 303 -30.77 -8.72 18.85
N PRO B 304 -30.90 -7.39 19.02
CA PRO B 304 -31.98 -6.91 19.87
C PRO B 304 -33.31 -7.51 19.41
N PRO B 305 -34.06 -8.13 20.34
CA PRO B 305 -35.40 -8.59 19.95
C PRO B 305 -36.28 -7.36 19.65
N GLY B 306 -37.24 -7.51 18.75
CA GLY B 306 -37.99 -6.37 18.27
C GLY B 306 -37.23 -5.54 17.24
N PHE B 307 -36.07 -6.01 16.81
CA PHE B 307 -35.45 -5.45 15.62
C PHE B 307 -36.02 -6.18 14.42
N GLY B 308 -36.52 -5.39 13.48
CA GLY B 308 -37.14 -5.91 12.27
C GLY B 308 -37.80 -4.78 11.51
N LYS B 309 -37.70 -4.81 10.19
CA LYS B 309 -38.31 -3.79 9.33
C LYS B 309 -37.82 -2.40 9.78
N GLU B 310 -36.53 -2.35 10.11
CA GLU B 310 -35.97 -1.26 10.90
C GLU B 310 -34.54 -0.96 10.42
N LEU B 311 -34.11 0.29 10.59
CA LEU B 311 -32.79 0.73 10.15
C LEU B 311 -32.00 1.37 11.29
N PHE B 312 -30.76 1.73 11.02
CA PHE B 312 -29.93 2.50 11.94
C PHE B 312 -30.02 3.95 11.53
N GLU B 313 -29.54 4.86 12.38
CA GLU B 313 -29.46 6.27 11.99
C GLU B 313 -28.47 6.49 10.88
N SER B 314 -28.75 7.46 10.01
CA SER B 314 -27.79 7.86 8.99
C SER B 314 -26.51 8.44 9.61
N ASP B 315 -25.41 8.31 8.87
CA ASP B 315 -24.13 8.86 9.26
C ASP B 315 -23.39 9.28 8.00
N LEU B 316 -23.83 10.39 7.43
CA LEU B 316 -23.23 10.91 6.22
C LEU B 316 -21.75 11.27 6.41
N ASP B 317 -21.40 11.74 7.59
CA ASP B 317 -20.05 12.22 7.82
C ASP B 317 -18.97 11.18 7.59
N ARG B 318 -19.25 9.92 7.89
CA ARG B 318 -18.26 8.86 7.73
C ARG B 318 -18.07 8.41 6.28
N ILE B 319 -19.01 8.78 5.41
CA ILE B 319 -18.87 8.51 3.97
C ILE B 319 -18.56 9.75 3.11
N THR B 320 -18.34 10.90 3.75
CA THR B 320 -18.07 12.16 3.06
C THR B 320 -17.05 12.07 1.93
N GLU B 321 -15.89 11.47 2.21
CA GLU B 321 -14.83 11.38 1.21
C GLU B 321 -15.31 10.79 -0.12
N HIS B 322 -16.23 9.84 -0.03
CA HIS B 322 -16.77 9.14 -1.20
C HIS B 322 -17.93 9.90 -1.83
N VAL B 323 -18.67 10.62 -1.00
CA VAL B 323 -19.72 11.48 -1.48
C VAL B 323 -19.09 12.51 -2.42
N GLU B 324 -17.95 13.07 -2.01
CA GLU B 324 -17.26 14.06 -2.82
C GLU B 324 -16.70 13.50 -4.12
N ALA B 325 -16.17 12.29 -4.09
CA ALA B 325 -15.66 11.65 -5.32
C ALA B 325 -16.80 11.42 -6.30
N ALA B 326 -17.98 11.08 -5.79
CA ALA B 326 -19.19 10.93 -6.61
C ALA B 326 -19.67 12.25 -7.18
N MET B 327 -19.62 13.30 -6.36
CA MET B 327 -20.06 14.63 -6.78
C MET B 327 -19.22 15.15 -7.95
N GLU B 328 -17.94 14.82 -7.97
CA GLU B 328 -17.07 15.28 -9.06
C GLU B 328 -17.14 14.33 -10.28
N MET B 329 -17.42 13.04 -10.05
CA MET B 329 -17.55 12.06 -11.13
C MET B 329 -18.91 12.15 -11.84
N VAL B 330 -19.95 12.50 -11.09
CA VAL B 330 -21.28 12.74 -11.67
C VAL B 330 -21.73 14.15 -11.24
N PRO B 331 -21.22 15.19 -11.94
CA PRO B 331 -21.38 16.59 -11.53
C PRO B 331 -22.78 16.96 -11.07
N VAL B 332 -23.81 16.39 -11.69
CA VAL B 332 -25.19 16.76 -11.34
C VAL B 332 -25.55 16.45 -9.87
N LEU B 333 -24.81 15.55 -9.22
CA LEU B 333 -24.99 15.30 -7.78
C LEU B 333 -24.70 16.56 -6.94
N LYS B 334 -23.65 17.31 -7.32
CA LYS B 334 -23.29 18.57 -6.66
C LYS B 334 -24.49 19.42 -6.28
N LYS B 335 -25.46 19.49 -7.17
CA LYS B 335 -26.61 20.35 -6.99
C LYS B 335 -27.87 19.62 -6.47
N ALA B 336 -27.89 18.29 -6.56
CA ALA B 336 -29.07 17.53 -6.14
C ALA B 336 -29.28 17.59 -4.63
N ASP B 337 -30.52 17.38 -4.23
CA ASP B 337 -30.89 17.28 -2.83
C ASP B 337 -30.97 15.82 -2.48
N ILE B 338 -30.78 15.52 -1.20
CA ILE B 338 -30.85 14.16 -0.68
C ILE B 338 -32.23 13.92 -0.06
N ILE B 339 -33.01 13.00 -0.65
CA ILE B 339 -34.29 12.60 -0.07
C ILE B 339 -34.07 11.78 1.17
N ASN B 340 -33.12 10.84 1.09
CA ASN B 340 -33.07 9.72 2.01
C ASN B 340 -31.71 9.03 2.06
N ILE B 341 -31.40 8.47 3.24
CA ILE B 341 -30.16 7.73 3.47
C ILE B 341 -30.49 6.43 4.19
N VAL B 342 -30.16 5.30 3.58
CA VAL B 342 -30.51 4.00 4.13
C VAL B 342 -29.29 3.34 4.75
N ASN B 343 -29.29 3.27 6.09
CA ASN B 343 -28.28 2.59 6.85
C ASN B 343 -28.85 1.32 7.46
N GLY B 344 -28.33 0.17 7.02
CA GLY B 344 -28.85 -1.11 7.49
C GLY B 344 -27.78 -2.18 7.57
N PRO B 345 -28.13 -3.32 8.18
CA PRO B 345 -27.19 -4.38 8.43
C PRO B 345 -27.04 -5.39 7.30
N ILE B 346 -25.82 -5.85 7.10
CA ILE B 346 -25.56 -6.99 6.23
C ILE B 346 -24.76 -8.02 7.02
N THR B 347 -25.13 -9.29 6.85
CA THR B 347 -24.46 -10.38 7.53
C THR B 347 -23.22 -10.81 6.75
N TYR B 348 -22.05 -10.49 7.32
CA TYR B 348 -20.77 -10.80 6.68
C TYR B 348 -20.16 -12.03 7.28
N SER B 349 -19.46 -12.80 6.46
CA SER B 349 -18.49 -13.76 6.95
C SER B 349 -17.15 -13.07 6.77
N PRO B 350 -16.08 -13.62 7.36
CA PRO B 350 -14.75 -13.02 7.32
C PRO B 350 -14.25 -12.67 5.92
N ASP B 351 -14.44 -13.56 4.94
CA ASP B 351 -13.87 -13.32 3.61
C ASP B 351 -14.86 -12.68 2.63
N ILE B 352 -16.01 -12.23 3.15
CA ILE B 352 -17.07 -11.56 2.37
C ILE B 352 -17.98 -12.52 1.61
N LEU B 353 -17.57 -13.78 1.44
CA LEU B 353 -18.38 -14.76 0.74
C LEU B 353 -19.27 -15.51 1.74
N PRO B 354 -20.44 -15.99 1.28
CA PRO B 354 -21.35 -16.71 2.15
C PRO B 354 -20.93 -18.13 2.45
N MET B 355 -21.61 -18.74 3.41
CA MET B 355 -21.46 -20.15 3.73
C MET B 355 -22.68 -20.85 3.19
N VAL B 356 -22.47 -21.62 2.14
CA VAL B 356 -23.55 -22.29 1.43
C VAL B 356 -23.20 -23.76 1.25
N GLY B 357 -23.96 -24.62 1.90
CA GLY B 357 -23.76 -26.06 1.78
C GLY B 357 -24.22 -26.79 3.03
N PRO B 358 -24.01 -28.13 3.07
CA PRO B 358 -24.26 -28.94 4.25
C PRO B 358 -23.13 -28.82 5.26
N HIS B 359 -23.47 -28.83 6.55
CA HIS B 359 -22.49 -28.54 7.60
C HIS B 359 -21.88 -29.82 8.13
N GLN B 360 -20.56 -29.79 8.29
CA GLN B 360 -19.81 -30.92 8.86
C GLN B 360 -20.13 -31.09 10.35
N GLY B 361 -20.03 -32.34 10.83
CA GLY B 361 -20.12 -32.65 12.26
C GLY B 361 -21.51 -32.69 12.83
N VAL B 362 -22.50 -32.67 11.96
CA VAL B 362 -23.90 -32.75 12.36
C VAL B 362 -24.64 -33.37 11.18
N ARG B 363 -25.78 -33.99 11.44
CA ARG B 363 -26.53 -34.68 10.40
C ARG B 363 -27.67 -33.82 9.87
N ASN B 364 -27.72 -33.71 8.55
CA ASN B 364 -28.82 -33.07 7.84
C ASN B 364 -29.10 -31.64 8.28
N TYR B 365 -28.04 -30.88 8.51
CA TYR B 365 -28.13 -29.44 8.70
C TYR B 365 -27.40 -28.79 7.53
N TRP B 366 -28.04 -27.81 6.93
CA TRP B 366 -27.50 -27.08 5.80
C TRP B 366 -27.57 -25.61 6.15
N VAL B 367 -26.77 -24.81 5.49
CA VAL B 367 -26.75 -23.39 5.74
C VAL B 367 -26.69 -22.65 4.42
N ALA B 368 -27.33 -21.48 4.42
CA ALA B 368 -27.21 -20.51 3.36
C ALA B 368 -27.20 -19.17 4.08
N ILE B 369 -26.01 -18.76 4.50
CA ILE B 369 -25.87 -17.67 5.44
C ILE B 369 -24.68 -16.78 5.15
N GLY B 370 -24.73 -15.58 5.71
CA GLY B 370 -23.68 -14.58 5.58
C GLY B 370 -23.48 -14.06 4.17
N PHE B 371 -24.54 -13.50 3.58
CA PHE B 371 -24.47 -12.93 2.23
C PHE B 371 -24.19 -11.44 2.21
N GLY B 372 -23.01 -11.07 1.73
CA GLY B 372 -22.72 -9.67 1.45
C GLY B 372 -23.54 -9.16 0.26
N TYR B 373 -23.88 -10.08 -0.65
CA TYR B 373 -24.59 -9.76 -1.88
C TYR B 373 -25.79 -10.72 -2.11
N GLY B 374 -26.70 -10.78 -1.14
CA GLY B 374 -27.79 -11.77 -1.14
C GLY B 374 -28.82 -11.65 -2.26
N ILE B 375 -29.08 -10.41 -2.73
CA ILE B 375 -30.08 -10.17 -3.76
C ILE B 375 -29.63 -10.82 -5.06
N ILE B 376 -28.37 -10.59 -5.43
CA ILE B 376 -27.77 -11.16 -6.64
C ILE B 376 -27.51 -12.67 -6.51
N HIS B 377 -27.27 -13.15 -5.30
CA HIS B 377 -26.94 -14.58 -5.09
C HIS B 377 -28.12 -15.49 -4.80
N ALA B 378 -29.25 -14.92 -4.40
CA ALA B 378 -30.40 -15.73 -3.92
C ALA B 378 -30.86 -16.75 -4.95
N GLY B 379 -31.02 -16.28 -6.19
CA GLY B 379 -31.57 -17.09 -7.26
C GLY B 379 -30.68 -18.29 -7.56
N GLY B 380 -29.42 -18.02 -7.88
CA GLY B 380 -28.47 -19.08 -8.20
C GLY B 380 -28.21 -20.03 -7.04
N VAL B 381 -28.17 -19.49 -5.84
CA VAL B 381 -27.90 -20.31 -4.66
C VAL B 381 -29.07 -21.24 -4.40
N GLY B 382 -30.29 -20.77 -4.65
CA GLY B 382 -31.49 -21.61 -4.47
C GLY B 382 -31.42 -22.86 -5.34
N THR B 383 -31.16 -22.67 -6.62
CA THR B 383 -31.07 -23.80 -7.53
C THR B 383 -29.84 -24.67 -7.23
N TYR B 384 -28.74 -24.05 -6.84
CA TYR B 384 -27.53 -24.78 -6.46
C TYR B 384 -27.77 -25.68 -5.25
N LEU B 385 -28.32 -25.11 -4.18
CA LEU B 385 -28.58 -25.87 -2.96
C LEU B 385 -29.61 -26.94 -3.21
N SER B 386 -30.65 -26.58 -3.96
CA SER B 386 -31.69 -27.54 -4.32
C SER B 386 -31.07 -28.76 -4.98
N ASP B 387 -30.25 -28.55 -6.01
CA ASP B 387 -29.55 -29.65 -6.68
C ASP B 387 -28.73 -30.49 -5.68
N TRP B 388 -27.93 -29.84 -4.85
CA TRP B 388 -27.08 -30.53 -3.87
C TRP B 388 -27.93 -31.38 -2.90
N ILE B 389 -29.03 -30.80 -2.44
CA ILE B 389 -29.91 -31.49 -1.52
C ILE B 389 -30.56 -32.70 -2.19
N LEU B 390 -31.04 -32.52 -3.41
CA LEU B 390 -31.75 -33.58 -4.12
C LEU B 390 -30.83 -34.66 -4.67
N HIS B 391 -29.59 -34.31 -5.01
CA HIS B 391 -28.71 -35.24 -5.73
C HIS B 391 -27.56 -35.82 -4.90
N GLY B 392 -27.25 -35.19 -3.77
CA GLY B 392 -26.20 -35.69 -2.88
C GLY B 392 -24.80 -35.24 -3.24
N GLU B 393 -24.73 -34.31 -4.20
CA GLU B 393 -23.48 -33.69 -4.64
C GLU B 393 -23.82 -32.37 -5.29
N PRO B 394 -22.91 -31.40 -5.20
CA PRO B 394 -23.16 -30.11 -5.84
C PRO B 394 -23.09 -30.22 -7.36
N PRO B 395 -23.88 -29.39 -8.06
CA PRO B 395 -23.89 -29.41 -9.53
C PRO B 395 -22.63 -28.80 -10.17
N PHE B 396 -21.94 -27.97 -9.42
CA PHE B 396 -20.62 -27.48 -9.84
C PHE B 396 -19.87 -27.09 -8.57
N ASP B 397 -18.57 -26.85 -8.67
CA ASP B 397 -17.77 -26.69 -7.48
C ASP B 397 -17.84 -25.27 -6.95
N LEU B 398 -18.20 -25.15 -5.67
CA LEU B 398 -18.23 -23.87 -4.98
C LEU B 398 -17.63 -23.98 -3.58
N ILE B 399 -16.51 -24.69 -3.50
CA ILE B 399 -15.81 -24.86 -2.22
C ILE B 399 -15.43 -23.51 -1.60
N GLU B 400 -15.22 -22.48 -2.41
CA GLU B 400 -15.01 -21.12 -1.90
C GLU B 400 -16.15 -20.63 -1.01
N LEU B 401 -17.31 -21.27 -1.10
CA LEU B 401 -18.44 -20.99 -0.21
C LEU B 401 -18.70 -22.09 0.80
N ASP B 402 -17.78 -23.04 0.94
CA ASP B 402 -18.04 -24.18 1.81
C ASP B 402 -18.19 -23.71 3.24
N PRO B 403 -19.26 -24.14 3.92
CA PRO B 403 -19.47 -23.62 5.27
C PRO B 403 -18.33 -23.96 6.23
N ASN B 404 -17.65 -25.07 5.97
CA ASN B 404 -16.62 -25.56 6.85
C ASN B 404 -15.19 -25.24 6.34
N ARG B 405 -15.06 -24.17 5.56
CA ARG B 405 -13.74 -23.60 5.28
C ARG B 405 -13.22 -22.88 6.53
N TYR B 406 -14.12 -22.61 7.48
CA TYR B 406 -13.80 -22.01 8.75
C TYR B 406 -13.80 -23.07 9.84
N GLY B 407 -13.22 -22.74 11.00
CA GLY B 407 -13.09 -23.68 12.11
C GLY B 407 -12.98 -22.99 13.46
N LYS B 408 -12.34 -23.64 14.41
CA LYS B 408 -12.25 -23.13 15.80
C LYS B 408 -11.36 -21.91 15.87
N TRP B 409 -10.37 -21.89 14.98
CA TRP B 409 -9.48 -20.75 14.83
C TRP B 409 -10.21 -19.44 14.42
N THR B 410 -11.32 -19.58 13.70
CA THR B 410 -12.10 -18.42 13.25
C THR B 410 -12.89 -17.83 14.41
N THR B 411 -12.22 -17.09 15.29
CA THR B 411 -12.81 -16.64 16.54
C THR B 411 -13.66 -15.40 16.30
N THR B 412 -14.38 -14.95 17.32
CA THR B 412 -15.16 -13.72 17.20
C THR B 412 -14.26 -12.52 16.91
N GLN B 413 -13.04 -12.51 17.46
CA GLN B 413 -12.09 -11.40 17.25
C GLN B 413 -11.55 -11.39 15.81
N TYR B 414 -11.21 -12.58 15.31
CA TYR B 414 -10.79 -12.73 13.91
C TYR B 414 -11.90 -12.31 12.98
N THR B 415 -13.07 -12.86 13.23
CA THR B 415 -14.24 -12.56 12.41
C THR B 415 -14.47 -11.05 12.32
N GLU B 416 -14.49 -10.37 13.47
CA GLU B 416 -14.75 -8.92 13.50
C GLU B 416 -13.72 -8.13 12.67
N ALA B 417 -12.44 -8.45 12.84
CA ALA B 417 -11.38 -7.70 12.17
C ALA B 417 -11.34 -8.00 10.69
N LYS B 418 -11.57 -9.26 10.32
CA LYS B 418 -11.52 -9.65 8.93
C LYS B 418 -12.73 -9.08 8.17
N ALA B 419 -13.90 -9.16 8.79
CA ALA B 419 -15.09 -8.53 8.20
C ALA B 419 -14.86 -7.04 7.90
N ARG B 420 -14.26 -6.32 8.85
CA ARG B 420 -13.95 -4.90 8.69
C ARG B 420 -13.08 -4.64 7.45
N GLU B 421 -12.06 -5.48 7.29
CA GLU B 421 -11.12 -5.41 6.18
C GLU B 421 -11.81 -5.77 4.86
N SER B 422 -12.64 -6.80 4.86
CA SER B 422 -13.35 -7.20 3.65
C SER B 422 -14.33 -6.14 3.17
N TYR B 423 -14.92 -5.40 4.11
CA TYR B 423 -15.78 -4.26 3.78
C TYR B 423 -14.93 -3.18 3.08
N GLY B 424 -13.92 -2.68 3.77
CA GLY B 424 -13.10 -1.59 3.23
C GLY B 424 -12.36 -1.96 1.96
N PHE B 425 -12.15 -3.26 1.75
CA PHE B 425 -11.48 -3.76 0.54
C PHE B 425 -12.45 -4.05 -0.62
N ASN B 426 -13.74 -3.81 -0.43
CA ASN B 426 -14.75 -4.05 -1.47
C ASN B 426 -14.30 -3.69 -2.88
N ASN B 427 -13.70 -2.52 -3.06
CA ASN B 427 -13.37 -2.05 -4.42
C ASN B 427 -11.89 -1.88 -4.71
N ILE B 428 -11.01 -2.42 -3.84
CA ILE B 428 -9.58 -2.30 -4.11
C ILE B 428 -9.22 -3.19 -5.29
N VAL B 429 -8.07 -2.89 -5.88
CA VAL B 429 -7.60 -3.59 -7.06
C VAL B 429 -7.31 -5.03 -6.61
N GLY B 430 -7.96 -5.99 -7.25
CA GLY B 430 -7.78 -7.40 -6.95
C GLY B 430 -6.67 -8.03 -7.74
N TYR B 431 -5.52 -8.23 -7.10
CA TYR B 431 -4.36 -8.86 -7.72
C TYR B 431 -4.38 -10.38 -7.57
N PRO B 432 -3.69 -11.10 -8.47
CA PRO B 432 -3.48 -12.52 -8.20
C PRO B 432 -2.53 -12.69 -7.02
N LYS B 433 -2.60 -13.85 -6.35
CA LYS B 433 -1.77 -14.15 -5.19
C LYS B 433 -1.96 -13.09 -4.10
N GLU B 434 -3.17 -12.55 -4.03
CA GLU B 434 -3.48 -11.46 -3.11
C GLU B 434 -3.20 -11.88 -1.68
N GLU B 435 -2.75 -10.95 -0.85
CA GLU B 435 -2.48 -11.22 0.55
C GLU B 435 -3.22 -10.21 1.42
N ARG B 436 -3.78 -10.70 2.53
CA ARG B 436 -4.41 -9.82 3.50
C ARG B 436 -3.92 -10.19 4.91
N PHE B 437 -3.78 -9.18 5.77
CA PHE B 437 -3.08 -9.35 7.04
C PHE B 437 -3.92 -9.14 8.29
N ALA B 438 -5.17 -8.70 8.14
CA ALA B 438 -6.05 -8.51 9.30
C ALA B 438 -6.32 -9.84 10.00
N GLY B 439 -6.30 -9.80 11.33
CA GLY B 439 -6.61 -10.96 12.17
C GLY B 439 -5.51 -12.01 12.25
N ARG B 440 -4.39 -11.77 11.59
CA ARG B 440 -3.29 -12.73 11.53
C ARG B 440 -2.13 -12.32 12.47
N PRO B 441 -1.40 -13.31 13.02
CA PRO B 441 -1.64 -14.76 12.94
C PRO B 441 -2.80 -15.18 13.84
N THR B 442 -3.52 -16.23 13.43
CA THR B 442 -4.51 -16.85 14.32
C THR B 442 -3.75 -17.70 15.35
N GLN B 443 -4.49 -18.41 16.19
CA GLN B 443 -3.89 -19.38 17.12
C GLN B 443 -3.46 -20.69 16.44
N ARG B 444 -3.76 -20.84 15.15
CA ARG B 444 -3.47 -22.09 14.45
C ARG B 444 -2.04 -22.12 13.88
N VAL B 445 -1.07 -22.17 14.78
CA VAL B 445 0.35 -22.20 14.40
C VAL B 445 1.14 -23.17 15.31
N SER B 446 2.31 -23.60 14.84
CA SER B 446 3.28 -24.33 15.68
C SER B 446 4.37 -23.35 16.11
N GLY B 447 5.32 -23.84 16.90
CA GLY B 447 6.46 -23.02 17.33
C GLY B 447 7.39 -22.70 16.16
N LEU B 448 7.23 -23.43 15.07
CA LEU B 448 7.98 -23.19 13.84
C LEU B 448 7.64 -21.82 13.22
N TYR B 449 6.44 -21.29 13.51
CA TYR B 449 6.03 -19.97 13.03
C TYR B 449 6.94 -18.85 13.53
N LYS B 450 7.20 -18.83 14.85
CA LYS B 450 8.14 -17.86 15.45
C LYS B 450 9.50 -17.84 14.78
N ILE B 451 10.00 -19.04 14.43
CA ILE B 451 11.32 -19.18 13.83
C ILE B 451 11.35 -18.63 12.40
N LEU B 452 10.36 -18.99 11.59
CA LEU B 452 10.43 -18.73 10.16
C LEU B 452 9.72 -17.46 9.67
N GLU B 453 8.95 -16.81 10.52
CA GLU B 453 8.16 -15.64 10.10
C GLU B 453 9.04 -14.52 9.52
N SER B 454 10.18 -14.28 10.16
CA SER B 454 11.09 -13.22 9.73
C SER B 454 11.93 -13.62 8.50
N LYS B 455 11.94 -14.91 8.19
CA LYS B 455 12.74 -15.46 7.10
C LYS B 455 11.92 -15.76 5.85
N CYS B 456 10.63 -15.45 5.85
CA CYS B 456 9.81 -15.66 4.66
C CYS B 456 8.49 -14.89 4.66
N SER B 457 7.85 -14.90 3.49
CA SER B 457 6.48 -14.45 3.34
C SER B 457 5.55 -15.60 3.75
N MET B 458 4.89 -15.43 4.89
CA MET B 458 3.90 -16.38 5.34
C MET B 458 2.58 -16.16 4.61
N GLY B 459 2.01 -17.25 4.09
CA GLY B 459 0.71 -17.22 3.44
C GLY B 459 -0.41 -17.69 4.34
N PHE B 460 -1.62 -17.20 4.11
CA PHE B 460 -2.78 -17.58 4.92
C PHE B 460 -3.52 -18.75 4.26
N HIS B 461 -3.74 -19.80 5.03
CA HIS B 461 -4.43 -20.99 4.53
C HIS B 461 -5.29 -21.56 5.61
N ALA B 462 -6.57 -21.19 5.59
CA ALA B 462 -7.53 -21.72 6.55
C ALA B 462 -7.05 -21.56 7.98
N GLY B 463 -6.42 -20.42 8.28
CA GLY B 463 -5.98 -20.09 9.64
C GLY B 463 -4.50 -20.34 9.84
N TRP B 464 -3.95 -21.32 9.13
CA TRP B 464 -2.51 -21.63 9.22
C TRP B 464 -1.68 -20.52 8.61
N GLU B 465 -0.43 -20.45 9.04
CA GLU B 465 0.58 -19.60 8.42
C GLU B 465 1.58 -20.51 7.72
N GLN B 466 1.58 -20.53 6.39
CA GLN B 466 2.45 -21.43 5.65
C GLN B 466 3.42 -20.62 4.82
N PRO B 467 4.70 -21.03 4.79
CA PRO B 467 5.66 -20.32 3.94
C PRO B 467 5.36 -20.39 2.45
N HIS B 468 5.20 -19.21 1.84
CA HIS B 468 5.04 -19.10 0.40
C HIS B 468 6.39 -19.11 -0.31
N TRP B 469 7.27 -18.24 0.15
CA TRP B 469 8.60 -18.08 -0.44
C TRP B 469 9.53 -17.44 0.59
N PHE B 470 10.83 -17.70 0.44
CA PHE B 470 11.80 -17.30 1.47
C PHE B 470 12.66 -16.12 1.04
N TYR B 471 12.96 -15.24 2.00
CA TYR B 471 13.66 -14.00 1.72
C TYR B 471 15.11 -14.24 1.35
N LYS B 472 15.66 -13.36 0.52
CA LYS B 472 17.07 -13.43 0.11
C LYS B 472 17.76 -12.13 0.50
N PRO B 473 19.04 -12.20 0.91
CA PRO B 473 19.76 -10.99 1.27
C PRO B 473 19.87 -10.06 0.09
N GLY B 474 19.69 -8.76 0.32
CA GLY B 474 19.78 -7.78 -0.75
C GLY B 474 18.68 -7.86 -1.79
N GLN B 475 17.49 -8.31 -1.39
CA GLN B 475 16.33 -8.34 -2.29
C GLN B 475 15.07 -8.04 -1.51
N ASP B 476 14.17 -7.29 -2.13
CA ASP B 476 12.96 -6.81 -1.49
C ASP B 476 12.09 -7.91 -0.89
N THR B 477 11.65 -7.69 0.34
CA THR B 477 10.89 -8.68 1.09
C THR B 477 9.38 -8.39 1.17
N GLN B 478 8.98 -7.20 0.73
CA GLN B 478 7.65 -6.66 1.03
C GLN B 478 6.57 -7.23 0.15
N TYR B 479 5.36 -7.23 0.68
CA TYR B 479 4.19 -7.56 -0.12
C TYR B 479 4.13 -6.61 -1.29
N ARG B 480 4.39 -7.14 -2.48
CA ARG B 480 4.39 -6.34 -3.71
C ARG B 480 3.54 -7.03 -4.77
N PRO B 481 2.20 -6.92 -4.64
CA PRO B 481 1.28 -7.62 -5.53
C PRO B 481 1.32 -7.04 -6.92
N SER B 482 1.06 -7.89 -7.91
CA SER B 482 1.15 -7.49 -9.30
C SER B 482 0.38 -8.44 -10.20
N PHE B 483 -0.05 -7.93 -11.35
CA PHE B 483 -0.58 -8.77 -12.42
C PHE B 483 0.55 -9.40 -13.24
N ARG B 484 1.78 -8.95 -13.01
CA ARG B 484 2.96 -9.47 -13.69
C ARG B 484 3.91 -10.11 -12.68
N ARG B 485 5.11 -10.47 -13.09
CA ARG B 485 6.11 -10.97 -12.14
C ARG B 485 6.49 -9.90 -11.13
N THR B 486 6.81 -10.34 -9.92
CA THR B 486 7.10 -9.43 -8.83
C THR B 486 8.30 -9.95 -8.01
N ASN B 487 8.46 -9.45 -6.79
CA ASN B 487 9.70 -9.66 -6.01
C ASN B 487 10.03 -11.13 -5.62
N TRP B 488 9.03 -12.02 -5.64
CA TRP B 488 9.28 -13.43 -5.30
C TRP B 488 9.77 -14.27 -6.49
N PHE B 489 9.84 -13.66 -7.66
CA PHE B 489 10.19 -14.39 -8.87
C PHE B 489 11.57 -15.04 -8.80
N GLU B 490 12.62 -14.28 -8.49
CA GLU B 490 13.96 -14.86 -8.46
C GLU B 490 14.20 -15.76 -7.24
N PRO B 491 13.69 -15.35 -6.07
CA PRO B 491 13.78 -16.23 -4.91
C PRO B 491 13.17 -17.61 -5.15
N VAL B 492 12.03 -17.64 -5.83
CA VAL B 492 11.38 -18.91 -6.14
C VAL B 492 12.25 -19.78 -7.06
N GLY B 493 12.98 -19.13 -7.97
CA GLY B 493 13.95 -19.80 -8.83
C GLY B 493 15.07 -20.47 -8.05
N SER B 494 15.64 -19.78 -7.07
CA SER B 494 16.66 -20.39 -6.20
C SER B 494 16.12 -21.56 -5.40
N GLU B 495 14.89 -21.45 -4.90
CA GLU B 495 14.30 -22.54 -4.13
C GLU B 495 14.07 -23.75 -5.04
N TYR B 496 13.66 -23.49 -6.28
CA TYR B 496 13.56 -24.55 -7.27
C TYR B 496 14.90 -25.27 -7.44
N LYS B 497 15.98 -24.51 -7.65
CA LYS B 497 17.33 -25.09 -7.73
C LYS B 497 17.69 -25.87 -6.48
N GLN B 498 17.39 -25.27 -5.32
CA GLN B 498 17.67 -25.90 -4.04
C GLN B 498 17.15 -27.33 -3.99
N VAL B 499 15.93 -27.53 -4.48
CA VAL B 499 15.32 -28.84 -4.42
C VAL B 499 15.91 -29.79 -5.48
N MET B 500 16.17 -29.28 -6.69
CA MET B 500 16.71 -30.12 -7.77
C MET B 500 18.18 -30.51 -7.55
N GLN B 501 18.96 -29.61 -6.93
CA GLN B 501 20.39 -29.84 -6.78
C GLN B 501 20.81 -30.32 -5.39
N ARG B 502 20.25 -29.74 -4.34
CA ARG B 502 20.68 -30.07 -2.98
C ARG B 502 19.57 -30.77 -2.20
N VAL B 503 18.94 -30.07 -1.26
CA VAL B 503 17.90 -30.66 -0.43
C VAL B 503 17.12 -29.54 0.27
N GLY B 504 15.81 -29.50 0.05
CA GLY B 504 14.95 -28.47 0.62
C GLY B 504 14.09 -29.00 1.75
N VAL B 505 13.78 -28.12 2.70
CA VAL B 505 12.83 -28.40 3.77
C VAL B 505 11.62 -27.47 3.65
N ILE B 506 10.42 -28.05 3.71
CA ILE B 506 9.16 -27.30 3.56
C ILE B 506 8.19 -27.63 4.68
N ASP B 507 7.50 -26.61 5.20
CA ASP B 507 6.47 -26.84 6.22
C ASP B 507 5.16 -27.20 5.52
N LEU B 508 4.76 -28.47 5.61
CA LEU B 508 3.53 -28.96 5.00
C LEU B 508 2.43 -29.21 6.05
N SER B 509 2.58 -28.59 7.22
CA SER B 509 1.68 -28.84 8.36
C SER B 509 0.18 -28.59 8.11
N PRO B 510 -0.19 -27.64 7.22
CA PRO B 510 -1.61 -27.39 7.00
C PRO B 510 -2.48 -28.56 6.48
N PHE B 511 -1.91 -29.57 5.86
CA PHE B 511 -2.64 -30.75 5.40
C PHE B 511 -3.75 -31.18 6.35
N GLY B 512 -4.91 -31.49 5.78
CA GLY B 512 -5.98 -32.14 6.53
C GLY B 512 -5.57 -33.58 6.78
N LYS B 513 -5.73 -34.03 8.00
CA LYS B 513 -5.26 -35.35 8.40
C LYS B 513 -6.37 -36.09 9.16
N PHE B 514 -6.72 -37.28 8.68
CA PHE B 514 -7.78 -38.08 9.31
C PHE B 514 -7.32 -39.51 9.67
N ASN B 515 -7.56 -39.92 10.91
CA ASN B 515 -7.33 -41.29 11.36
C ASN B 515 -8.60 -42.13 11.26
N ILE B 516 -8.54 -43.18 10.44
CA ILE B 516 -9.65 -44.10 10.28
C ILE B 516 -9.28 -45.45 10.87
N LYS B 517 -10.09 -45.97 11.79
CA LYS B 517 -9.93 -47.35 12.26
C LYS B 517 -11.29 -47.96 12.66
N GLY B 518 -11.26 -49.22 13.11
CA GLY B 518 -12.46 -49.99 13.36
C GLY B 518 -12.56 -51.15 12.39
N GLN B 519 -13.61 -51.96 12.52
CA GLN B 519 -13.67 -53.21 11.77
C GLN B 519 -13.91 -52.99 10.28
N ASP B 520 -14.73 -51.99 9.95
CA ASP B 520 -15.08 -51.68 8.56
C ASP B 520 -14.23 -50.56 7.95
N SER B 521 -13.08 -50.25 8.54
CA SER B 521 -12.20 -49.21 8.00
C SER B 521 -11.90 -49.46 6.52
N THR B 522 -11.40 -50.64 6.21
CA THR B 522 -11.02 -50.99 4.84
C THR B 522 -12.23 -50.91 3.90
N GLN B 523 -13.35 -51.48 4.31
CA GLN B 523 -14.55 -51.53 3.45
C GLN B 523 -15.10 -50.13 3.15
N LEU B 524 -15.10 -49.26 4.16
CA LEU B 524 -15.49 -47.88 3.98
C LEU B 524 -14.63 -47.18 2.91
N LEU B 525 -13.32 -47.28 3.07
CA LEU B 525 -12.38 -46.62 2.16
C LEU B 525 -12.46 -47.19 0.75
N ASP B 526 -12.70 -48.50 0.66
CA ASP B 526 -12.78 -49.19 -0.61
C ASP B 526 -14.00 -48.70 -1.39
N HIS B 527 -15.05 -48.33 -0.69
CA HIS B 527 -16.25 -47.79 -1.33
C HIS B 527 -16.18 -46.27 -1.54
N LEU B 528 -15.41 -45.57 -0.72
CA LEU B 528 -15.20 -44.12 -0.91
C LEU B 528 -14.25 -43.79 -2.06
N CYS B 529 -13.20 -44.61 -2.22
CA CYS B 529 -12.08 -44.26 -3.11
C CYS B 529 -12.01 -45.11 -4.39
N ALA B 530 -11.48 -44.51 -5.45
CA ALA B 530 -11.47 -45.13 -6.77
C ALA B 530 -10.18 -45.93 -7.06
N ASN B 531 -9.20 -45.83 -6.16
CA ASN B 531 -7.98 -46.63 -6.25
C ASN B 531 -8.13 -47.83 -5.31
N VAL B 532 -7.28 -48.83 -5.47
CA VAL B 532 -7.26 -49.93 -4.53
C VAL B 532 -6.79 -49.40 -3.20
N ILE B 533 -7.20 -50.07 -2.14
CA ILE B 533 -6.75 -49.73 -0.81
C ILE B 533 -5.35 -50.32 -0.64
N PRO B 534 -4.37 -49.48 -0.28
CA PRO B 534 -3.00 -50.01 -0.19
C PRO B 534 -2.85 -51.06 0.91
N LYS B 535 -1.87 -51.94 0.73
CA LYS B 535 -1.54 -52.95 1.73
C LYS B 535 -0.87 -52.24 2.90
N VAL B 536 -0.97 -52.83 4.08
CA VAL B 536 -0.33 -52.29 5.28
C VAL B 536 1.16 -52.00 5.03
N GLY B 537 1.60 -50.83 5.50
CA GLY B 537 2.96 -50.35 5.25
C GLY B 537 3.08 -49.46 4.00
N PHE B 538 2.03 -49.36 3.21
CA PHE B 538 2.07 -48.64 1.94
C PHE B 538 1.11 -47.45 1.89
N THR B 539 1.46 -46.49 1.04
CA THR B 539 0.66 -45.32 0.79
C THR B 539 0.37 -45.28 -0.69
N ASN B 540 -0.81 -44.81 -1.06
CA ASN B 540 -1.10 -44.49 -2.46
C ASN B 540 -1.99 -43.26 -2.59
N ILE B 541 -2.11 -42.75 -3.81
CA ILE B 541 -2.90 -41.58 -4.10
C ILE B 541 -4.27 -42.10 -4.55
N SER B 542 -5.33 -41.51 -4.01
CA SER B 542 -6.67 -42.04 -4.21
C SER B 542 -7.70 -40.92 -4.23
N HIS B 543 -8.77 -41.12 -4.99
CA HIS B 543 -9.77 -40.10 -5.21
C HIS B 543 -11.16 -40.49 -4.75
N MET B 544 -11.80 -39.57 -4.01
CA MET B 544 -13.19 -39.76 -3.64
C MET B 544 -14.04 -39.13 -4.74
N LEU B 545 -14.80 -39.98 -5.45
CA LEU B 545 -15.67 -39.50 -6.53
C LEU B 545 -17.09 -39.38 -6.02
N THR B 546 -17.85 -38.51 -6.69
CA THR B 546 -19.29 -38.37 -6.44
C THR B 546 -20.01 -39.40 -7.30
N PRO B 547 -21.28 -39.71 -6.99
CA PRO B 547 -22.01 -40.70 -7.83
C PRO B 547 -22.01 -40.40 -9.33
N ARG B 548 -22.00 -39.12 -9.69
CA ARG B 548 -21.87 -38.70 -11.09
C ARG B 548 -20.47 -38.94 -11.67
N GLY B 549 -19.50 -39.24 -10.82
CA GLY B 549 -18.14 -39.45 -11.23
C GLY B 549 -17.31 -38.18 -11.27
N ARG B 550 -17.62 -37.24 -10.39
CA ARG B 550 -16.83 -36.02 -10.28
C ARG B 550 -15.82 -36.19 -9.17
N VAL B 551 -14.70 -35.51 -9.28
CA VAL B 551 -13.62 -35.67 -8.32
C VAL B 551 -13.86 -34.75 -7.12
N TYR B 552 -14.54 -35.28 -6.11
CA TYR B 552 -14.81 -34.56 -4.88
C TYR B 552 -13.54 -34.27 -4.10
N ALA B 553 -12.56 -35.17 -4.18
CA ALA B 553 -11.31 -35.01 -3.42
C ALA B 553 -10.19 -35.92 -3.90
N GLU B 554 -8.95 -35.44 -3.72
CA GLU B 554 -7.75 -36.24 -3.95
C GLU B 554 -7.05 -36.39 -2.60
N LEU B 555 -6.81 -37.64 -2.21
CA LEU B 555 -6.16 -37.94 -0.94
C LEU B 555 -4.89 -38.74 -1.17
N THR B 556 -4.12 -38.89 -0.11
CA THR B 556 -3.24 -40.04 0.00
C THR B 556 -3.77 -40.93 1.11
N VAL B 557 -3.70 -42.24 0.89
CA VAL B 557 -4.15 -43.20 1.88
C VAL B 557 -2.95 -44.01 2.37
N SER B 558 -2.62 -43.83 3.65
CA SER B 558 -1.57 -44.62 4.28
C SER B 558 -2.20 -45.71 5.12
N HIS B 559 -1.86 -46.96 4.83
CA HIS B 559 -2.27 -48.10 5.65
C HIS B 559 -1.16 -48.35 6.67
N GLN B 560 -1.33 -47.85 7.89
CA GLN B 560 -0.24 -47.77 8.88
C GLN B 560 -0.09 -49.04 9.73
N SER B 561 -1.21 -49.53 10.24
CA SER B 561 -1.26 -50.82 10.89
C SER B 561 -2.56 -51.47 10.43
N PRO B 562 -2.64 -52.81 10.46
CA PRO B 562 -3.82 -53.48 9.90
C PRO B 562 -5.13 -52.86 10.38
N GLY B 563 -6.02 -52.56 9.45
CA GLY B 563 -7.29 -51.89 9.76
C GLY B 563 -7.24 -50.41 10.10
N GLU B 564 -6.05 -49.80 10.06
CA GLU B 564 -5.88 -48.44 10.56
C GLU B 564 -5.18 -47.57 9.51
N PHE B 565 -5.78 -46.42 9.19
CA PHE B 565 -5.36 -45.60 8.06
C PHE B 565 -5.16 -44.14 8.41
N LEU B 566 -4.32 -43.47 7.63
CA LEU B 566 -4.15 -42.02 7.67
C LEU B 566 -4.47 -41.44 6.29
N LEU B 567 -5.52 -40.63 6.22
CA LEU B 567 -5.89 -39.94 5.01
C LEU B 567 -5.34 -38.53 5.08
N ILE B 568 -4.69 -38.08 4.01
CA ILE B 568 -4.16 -36.73 3.93
C ILE B 568 -4.79 -35.98 2.75
N THR B 569 -5.27 -34.77 3.01
CA THR B 569 -5.76 -33.90 1.94
C THR B 569 -5.28 -32.47 2.13
N GLY B 570 -5.52 -31.66 1.11
CA GLY B 570 -5.12 -30.25 1.15
C GLY B 570 -5.77 -29.46 2.26
N SER B 571 -5.12 -28.37 2.64
CA SER B 571 -5.62 -27.51 3.71
C SER B 571 -7.04 -27.04 3.45
N GLY B 572 -7.30 -26.60 2.22
CA GLY B 572 -8.62 -26.07 1.86
C GLY B 572 -9.72 -27.13 1.76
N SER B 573 -9.33 -28.40 1.73
CA SER B 573 -10.27 -29.51 1.65
C SER B 573 -10.58 -30.20 3.01
N GLU B 574 -10.00 -29.73 4.11
CA GLU B 574 -10.08 -30.45 5.40
C GLU B 574 -11.49 -30.90 5.79
N LEU B 575 -12.32 -29.97 6.24
CA LEU B 575 -13.64 -30.34 6.72
C LEU B 575 -14.56 -30.72 5.58
N HIS B 576 -14.34 -30.10 4.43
CA HIS B 576 -15.04 -30.48 3.21
C HIS B 576 -14.97 -32.00 3.00
N ASP B 577 -13.76 -32.56 3.13
CA ASP B 577 -13.54 -33.98 2.91
C ASP B 577 -14.07 -34.80 4.07
N LEU B 578 -13.75 -34.36 5.29
CA LEU B 578 -14.22 -35.03 6.47
C LEU B 578 -15.72 -35.23 6.44
N ARG B 579 -16.46 -34.16 6.12
CA ARG B 579 -17.90 -34.21 6.05
C ARG B 579 -18.37 -35.35 5.13
N TRP B 580 -17.79 -35.42 3.94
CA TRP B 580 -18.14 -36.43 2.93
C TRP B 580 -17.91 -37.83 3.45
N ILE B 581 -16.75 -38.01 4.09
CA ILE B 581 -16.34 -39.28 4.67
C ILE B 581 -17.26 -39.69 5.82
N GLU B 582 -17.54 -38.76 6.72
CA GLU B 582 -18.46 -39.04 7.81
C GLU B 582 -19.87 -39.42 7.33
N GLU B 583 -20.34 -38.77 6.27
CA GLU B 583 -21.68 -39.10 5.74
C GLU B 583 -21.75 -40.53 5.18
N ALA B 584 -20.72 -40.93 4.43
CA ALA B 584 -20.68 -42.29 3.89
C ALA B 584 -20.62 -43.35 5.00
N ALA B 585 -19.85 -43.06 6.05
CA ALA B 585 -19.80 -43.94 7.22
C ALA B 585 -21.18 -44.14 7.83
N VAL B 586 -21.89 -43.04 8.06
CA VAL B 586 -23.23 -43.09 8.61
C VAL B 586 -24.23 -43.75 7.66
N ARG B 587 -24.15 -43.36 6.40
CA ARG B 587 -25.08 -43.84 5.36
C ARG B 587 -25.01 -45.35 5.17
N GLY B 588 -23.79 -45.89 5.14
CA GLY B 588 -23.58 -47.32 4.93
C GLY B 588 -23.47 -48.12 6.21
N GLY B 589 -23.84 -47.52 7.34
CA GLY B 589 -23.78 -48.17 8.66
C GLY B 589 -22.43 -48.77 9.01
N TYR B 590 -21.35 -48.15 8.54
CA TYR B 590 -20.00 -48.68 8.70
C TYR B 590 -19.58 -48.56 10.17
N ASP B 591 -18.95 -49.60 10.69
CA ASP B 591 -18.45 -49.60 12.06
C ASP B 591 -17.01 -49.12 12.04
N VAL B 592 -16.82 -47.84 12.31
CA VAL B 592 -15.50 -47.23 12.28
C VAL B 592 -15.38 -46.12 13.32
N GLU B 593 -14.15 -45.76 13.64
CA GLU B 593 -13.87 -44.58 14.44
C GLU B 593 -13.09 -43.64 13.53
N ILE B 594 -13.56 -42.40 13.42
CA ILE B 594 -12.92 -41.39 12.56
C ILE B 594 -12.49 -40.20 13.40
N ARG B 595 -11.20 -39.87 13.36
CA ARG B 595 -10.67 -38.73 14.12
C ARG B 595 -10.01 -37.70 13.22
N ASN B 596 -10.40 -36.44 13.38
CA ASN B 596 -9.70 -35.35 12.73
C ASN B 596 -8.45 -35.03 13.54
N ILE B 597 -7.28 -35.42 13.06
CA ILE B 597 -6.02 -35.11 13.76
C ILE B 597 -5.21 -34.01 13.07
N THR B 598 -5.86 -33.22 12.23
CA THR B 598 -5.23 -32.11 11.53
C THR B 598 -4.35 -31.24 12.44
N ASP B 599 -4.87 -30.85 13.60
CA ASP B 599 -4.18 -29.90 14.46
C ASP B 599 -3.25 -30.55 15.49
N GLU B 600 -3.29 -31.88 15.61
CA GLU B 600 -2.35 -32.61 16.49
C GLU B 600 -0.97 -32.80 15.88
N LEU B 601 -0.89 -32.80 14.55
CA LEU B 601 0.33 -33.17 13.86
C LEU B 601 0.88 -32.04 12.99
N GLY B 602 2.21 -31.98 12.93
CA GLY B 602 2.91 -31.14 11.96
C GLY B 602 3.49 -32.05 10.91
N VAL B 603 3.91 -31.48 9.79
CA VAL B 603 4.55 -32.23 8.72
C VAL B 603 5.69 -31.41 8.14
N LEU B 604 6.84 -32.05 7.94
CA LEU B 604 7.95 -31.45 7.19
C LEU B 604 8.29 -32.32 6.00
N GLY B 605 8.39 -31.70 4.84
CA GLY B 605 8.83 -32.37 3.63
C GLY B 605 10.31 -32.11 3.45
N VAL B 606 11.09 -33.18 3.32
CA VAL B 606 12.52 -33.09 3.00
C VAL B 606 12.69 -33.72 1.64
N ALA B 607 13.11 -32.91 0.66
CA ALA B 607 13.12 -33.36 -0.73
C ALA B 607 14.31 -32.81 -1.50
N GLY B 608 14.77 -33.62 -2.44
CA GLY B 608 15.94 -33.34 -3.26
C GLY B 608 16.95 -34.48 -3.16
N PRO B 609 17.92 -34.50 -4.09
CA PRO B 609 18.91 -35.60 -4.17
C PRO B 609 19.63 -35.97 -2.85
N TYR B 610 19.88 -34.99 -1.99
CA TYR B 610 20.59 -35.23 -0.74
C TYR B 610 19.66 -35.42 0.46
N ALA B 611 18.39 -35.72 0.19
CA ALA B 611 17.40 -35.90 1.25
C ALA B 611 17.70 -37.15 2.05
N ARG B 612 18.01 -38.26 1.37
CA ARG B 612 18.39 -39.51 2.03
C ARG B 612 19.63 -39.33 2.88
N ARG B 613 20.67 -38.76 2.28
CA ARG B 613 21.92 -38.53 3.01
C ARG B 613 21.67 -37.80 4.33
N VAL B 614 21.00 -36.64 4.25
CA VAL B 614 20.76 -35.80 5.42
C VAL B 614 19.99 -36.54 6.50
N LEU B 615 18.86 -37.12 6.11
CA LEU B 615 17.99 -37.79 7.06
C LEU B 615 18.63 -39.02 7.72
N GLN B 616 19.40 -39.79 6.95
CA GLN B 616 20.04 -40.99 7.47
C GLN B 616 20.87 -40.71 8.71
N LYS B 617 21.51 -39.54 8.74
CA LYS B 617 22.34 -39.14 9.86
C LYS B 617 21.58 -39.09 11.17
N LEU B 618 20.26 -38.90 11.10
CA LEU B 618 19.46 -38.61 12.29
C LEU B 618 18.64 -39.79 12.80
N THR B 619 18.76 -40.94 12.14
CA THR B 619 17.92 -42.10 12.49
C THR B 619 18.64 -43.44 12.29
N SER B 620 18.44 -44.33 13.25
CA SER B 620 18.94 -45.70 13.16
C SER B 620 18.15 -46.53 12.14
N GLU B 621 17.01 -46.02 11.67
CA GLU B 621 16.26 -46.69 10.61
C GLU B 621 17.04 -46.60 9.29
N ASP B 622 16.96 -47.66 8.48
CA ASP B 622 17.68 -47.74 7.22
C ASP B 622 16.90 -47.09 6.10
N LEU B 623 17.40 -45.96 5.61
CA LEU B 623 16.72 -45.17 4.58
C LEU B 623 17.18 -45.48 3.15
N SER B 624 17.90 -46.57 2.98
CA SER B 624 18.43 -46.93 1.68
C SER B 624 17.30 -47.33 0.74
N ASP B 625 17.50 -47.13 -0.57
CA ASP B 625 16.52 -47.55 -1.59
C ASP B 625 16.18 -49.05 -1.52
N ASP B 626 17.09 -49.84 -0.92
CA ASP B 626 16.87 -51.27 -0.69
C ASP B 626 15.76 -51.50 0.33
N VAL B 627 15.92 -50.92 1.51
CA VAL B 627 14.99 -51.14 2.63
C VAL B 627 13.68 -50.32 2.48
N PHE B 628 13.83 -49.04 2.13
CA PHE B 628 12.73 -48.05 2.18
C PHE B 628 12.30 -47.65 0.77
N LYS B 629 11.36 -48.40 0.22
CA LYS B 629 10.85 -48.17 -1.13
C LYS B 629 9.99 -46.91 -1.20
N PHE B 630 9.74 -46.48 -2.43
CA PHE B 630 8.84 -45.36 -2.70
C PHE B 630 7.43 -45.72 -2.23
N LEU B 631 6.77 -44.75 -1.60
CA LEU B 631 5.41 -44.90 -1.11
C LEU B 631 5.26 -45.87 0.07
N GLN B 632 6.35 -46.16 0.76
CA GLN B 632 6.26 -46.90 2.01
C GLN B 632 6.09 -45.93 3.16
N THR B 633 5.42 -46.38 4.22
CA THR B 633 5.23 -45.60 5.44
C THR B 633 5.66 -46.43 6.65
N LYS B 634 6.47 -45.84 7.51
CA LYS B 634 7.13 -46.55 8.61
C LYS B 634 7.30 -45.63 9.81
N SER B 635 7.02 -46.16 10.99
CA SER B 635 7.28 -45.43 12.21
C SER B 635 8.78 -45.52 12.55
N LEU B 636 9.38 -44.39 12.91
CA LEU B 636 10.78 -44.33 13.31
C LEU B 636 11.02 -43.13 14.22
N LYS B 637 12.27 -42.95 14.66
CA LYS B 637 12.66 -41.76 15.40
C LYS B 637 13.65 -40.95 14.57
N ILE B 638 13.45 -39.63 14.53
CA ILE B 638 14.40 -38.71 13.93
C ILE B 638 14.99 -37.93 15.09
N SER B 639 16.17 -38.35 15.54
CA SER B 639 16.88 -37.65 16.60
C SER B 639 16.02 -37.63 17.86
N ASP B 640 15.60 -38.82 18.30
CA ASP B 640 14.79 -39.01 19.52
C ASP B 640 13.38 -38.41 19.47
N ILE B 641 12.94 -37.99 18.28
CA ILE B 641 11.59 -37.47 18.10
C ILE B 641 10.81 -38.52 17.31
N PRO B 642 9.69 -39.02 17.87
CA PRO B 642 8.92 -40.02 17.14
C PRO B 642 8.28 -39.45 15.87
N VAL B 643 8.30 -40.23 14.81
CA VAL B 643 7.91 -39.75 13.50
C VAL B 643 7.29 -40.90 12.71
N THR B 644 6.26 -40.57 11.94
CA THR B 644 5.78 -41.46 10.88
C THR B 644 6.29 -40.90 9.57
N ALA B 645 7.16 -41.65 8.92
CA ALA B 645 7.83 -41.17 7.71
C ALA B 645 7.24 -41.85 6.50
N ILE B 646 6.85 -41.05 5.52
CA ILE B 646 6.40 -41.58 4.25
C ILE B 646 7.37 -41.13 3.17
N ARG B 647 7.89 -42.08 2.39
CA ARG B 647 8.72 -41.72 1.27
C ARG B 647 7.82 -41.26 0.13
N ILE B 648 7.64 -39.94 0.09
CA ILE B 648 6.80 -39.32 -0.91
C ILE B 648 7.12 -37.82 -0.96
N SER B 649 6.93 -37.23 -2.13
CA SER B 649 7.04 -35.79 -2.28
C SER B 649 6.26 -35.32 -3.47
N TYR B 650 5.43 -34.30 -3.25
CA TYR B 650 4.71 -33.59 -4.32
C TYR B 650 5.69 -32.74 -5.16
N THR B 651 6.95 -32.68 -4.75
CA THR B 651 8.02 -32.14 -5.62
C THR B 651 8.40 -33.12 -6.73
N GLY B 652 8.14 -34.41 -6.52
CA GLY B 652 8.51 -35.44 -7.48
C GLY B 652 9.97 -35.88 -7.37
N GLU B 653 10.78 -35.15 -6.60
CA GLU B 653 12.16 -35.55 -6.33
C GLU B 653 12.17 -36.52 -5.16
N LEU B 654 13.32 -37.16 -4.95
CA LEU B 654 13.54 -38.00 -3.77
C LEU B 654 13.14 -37.22 -2.54
N GLY B 655 12.34 -37.82 -1.68
CA GLY B 655 12.01 -37.15 -0.43
C GLY B 655 11.10 -37.92 0.50
N TRP B 656 11.06 -37.44 1.74
CA TRP B 656 10.17 -37.97 2.76
C TRP B 656 9.29 -36.86 3.32
N GLU B 657 8.12 -37.26 3.78
CA GLU B 657 7.29 -36.41 4.61
C GLU B 657 7.33 -36.96 6.01
N LEU B 658 7.59 -36.08 6.97
CA LEU B 658 7.76 -36.48 8.35
C LEU B 658 6.63 -35.96 9.24
N TYR B 659 5.75 -36.87 9.62
CA TYR B 659 4.60 -36.57 10.46
C TYR B 659 4.98 -36.72 11.93
N HIS B 660 4.69 -35.71 12.73
CA HIS B 660 5.12 -35.65 14.13
C HIS B 660 4.14 -34.80 14.94
N ARG B 661 4.30 -34.81 16.27
CA ARG B 661 3.50 -33.96 17.15
C ARG B 661 3.77 -32.47 16.89
N ARG B 662 2.72 -31.65 16.92
CA ARG B 662 2.82 -30.20 16.66
C ARG B 662 3.90 -29.52 17.51
N GLU B 663 3.98 -29.91 18.78
CA GLU B 663 4.95 -29.31 19.71
C GLU B 663 6.41 -29.71 19.43
N ASP B 664 6.62 -30.70 18.55
CA ASP B 664 7.96 -31.12 18.14
C ASP B 664 8.44 -30.47 16.83
N SER B 665 7.60 -29.65 16.19
CA SER B 665 7.95 -29.11 14.87
C SER B 665 9.21 -28.25 14.92
N ALA B 666 9.34 -27.42 15.95
CA ALA B 666 10.50 -26.55 16.11
C ALA B 666 11.80 -27.35 16.29
N ALA B 667 11.79 -28.31 17.22
CA ALA B 667 12.96 -29.13 17.51
C ALA B 667 13.36 -29.98 16.31
N LEU B 668 12.39 -30.66 15.71
CA LEU B 668 12.63 -31.48 14.52
C LEU B 668 13.25 -30.66 13.39
N TYR B 669 12.67 -29.49 13.11
CA TYR B 669 13.20 -28.59 12.09
C TYR B 669 14.66 -28.24 12.39
N GLU B 670 14.91 -27.79 13.62
CA GLU B 670 16.26 -27.42 14.05
C GLU B 670 17.28 -28.54 13.77
N ARG B 671 16.94 -29.76 14.16
CA ARG B 671 17.88 -30.89 14.01
C ARG B 671 18.11 -31.31 12.56
N ILE B 672 17.08 -31.15 11.71
CA ILE B 672 17.23 -31.45 10.29
C ILE B 672 18.13 -30.44 9.59
N MET B 673 17.91 -29.15 9.86
CA MET B 673 18.70 -28.09 9.23
C MET B 673 20.17 -28.15 9.66
N ASN B 674 20.39 -28.54 10.92
CA ASN B 674 21.74 -28.74 11.45
C ASN B 674 22.45 -29.89 10.74
N ALA B 675 21.79 -31.03 10.62
CA ALA B 675 22.37 -32.22 10.04
C ALA B 675 22.67 -32.08 8.54
N GLY B 676 22.07 -31.07 7.91
CA GLY B 676 22.25 -30.80 6.48
C GLY B 676 23.21 -29.68 6.13
N GLN B 677 24.09 -29.33 7.07
CA GLN B 677 25.12 -28.31 6.85
C GLN B 677 25.90 -28.58 5.58
N GLU B 678 26.58 -29.73 5.55
CA GLU B 678 27.44 -30.14 4.43
C GLU B 678 26.77 -29.95 3.10
N GLU B 679 25.52 -30.39 3.06
CA GLU B 679 24.77 -30.48 1.82
C GLU B 679 24.11 -29.15 1.42
N GLY B 680 24.30 -28.10 2.22
CA GLY B 680 23.78 -26.79 1.89
C GLY B 680 22.26 -26.83 1.88
N ILE B 681 21.71 -27.48 2.91
CA ILE B 681 20.30 -27.59 3.10
C ILE B 681 19.70 -26.19 3.25
N ASP B 682 18.48 -26.01 2.75
CA ASP B 682 17.80 -24.73 2.91
C ASP B 682 16.29 -24.94 2.87
N ASN B 683 15.54 -23.85 3.05
CA ASN B 683 14.10 -23.87 3.01
C ASN B 683 13.55 -23.73 1.62
N PHE B 684 12.35 -24.26 1.41
CA PHE B 684 11.52 -23.84 0.28
C PHE B 684 10.04 -23.78 0.68
N GLY B 685 9.27 -22.98 -0.06
CA GLY B 685 7.84 -22.77 0.20
C GLY B 685 6.93 -23.18 -0.93
N THR B 686 5.64 -22.89 -0.75
CA THR B 686 4.58 -23.39 -1.65
C THR B 686 4.69 -22.92 -3.08
N TYR B 687 5.16 -21.69 -3.28
CA TYR B 687 5.32 -21.14 -4.64
C TYR B 687 6.28 -22.00 -5.45
N ALA B 688 7.43 -22.32 -4.85
CA ALA B 688 8.39 -23.21 -5.48
C ALA B 688 7.83 -24.62 -5.66
N LEU B 689 7.15 -25.13 -4.63
CA LEU B 689 6.48 -26.44 -4.70
C LEU B 689 5.62 -26.52 -5.93
N ASN B 690 4.85 -25.47 -6.19
CA ASN B 690 3.99 -25.41 -7.37
C ASN B 690 4.81 -25.45 -8.66
N ALA B 691 5.96 -24.76 -8.68
CA ALA B 691 6.84 -24.83 -9.83
C ALA B 691 7.34 -26.26 -10.06
N LEU B 692 7.62 -26.98 -8.98
CA LEU B 692 8.13 -28.36 -9.09
C LEU B 692 7.08 -29.38 -9.53
N ARG B 693 5.92 -29.38 -8.88
CA ARG B 693 4.88 -30.34 -9.20
C ARG B 693 4.37 -30.18 -10.63
N LEU B 694 4.37 -28.95 -11.12
CA LEU B 694 3.89 -28.67 -12.48
C LEU B 694 4.84 -29.26 -13.53
N GLU B 695 6.15 -29.15 -13.29
CA GLU B 695 7.14 -29.81 -14.12
C GLU B 695 6.88 -31.31 -14.19
N LYS B 696 6.44 -31.91 -13.07
CA LYS B 696 6.21 -33.36 -12.99
C LYS B 696 4.82 -33.78 -13.45
N ALA B 697 4.02 -32.83 -13.93
CA ALA B 697 2.64 -33.07 -14.36
C ALA B 697 1.70 -33.58 -13.26
N PHE B 698 1.98 -33.21 -12.01
CA PHE B 698 1.10 -33.57 -10.90
C PHE B 698 -0.14 -32.69 -10.89
N ARG B 699 -1.30 -33.32 -10.83
CA ARG B 699 -2.54 -32.59 -10.73
C ARG B 699 -2.76 -32.16 -9.28
N ALA B 700 -3.40 -31.00 -9.13
CA ALA B 700 -3.73 -30.44 -7.82
C ALA B 700 -5.23 -30.34 -7.72
N TRP B 701 -5.78 -30.83 -6.63
CA TRP B 701 -7.21 -30.69 -6.43
C TRP B 701 -7.55 -29.22 -6.29
N GLY B 702 -8.64 -28.79 -6.93
CA GLY B 702 -9.06 -27.40 -6.87
C GLY B 702 -8.66 -26.63 -8.11
N SER B 703 -7.60 -27.07 -8.79
CA SER B 703 -7.17 -26.48 -10.07
C SER B 703 -7.45 -27.42 -11.23
N GLU B 704 -6.81 -28.58 -11.22
CA GLU B 704 -6.94 -29.52 -12.33
C GLU B 704 -8.20 -30.37 -12.21
N MET B 705 -8.65 -30.61 -10.98
CA MET B 705 -9.87 -31.38 -10.79
C MET B 705 -10.61 -31.04 -9.50
N ASN B 706 -11.93 -31.11 -9.60
CA ASN B 706 -12.85 -30.89 -8.49
C ASN B 706 -14.22 -31.41 -8.92
N CYS B 707 -15.32 -30.89 -8.35
CA CYS B 707 -16.64 -31.38 -8.70
C CYS B 707 -17.11 -31.04 -10.12
N ASP B 708 -16.34 -30.22 -10.83
CA ASP B 708 -16.63 -29.89 -12.23
C ASP B 708 -15.99 -30.88 -13.21
N THR B 709 -15.15 -31.78 -12.71
CA THR B 709 -14.38 -32.65 -13.58
C THR B 709 -14.51 -34.10 -13.17
N ASN B 710 -14.48 -34.98 -14.17
CA ASN B 710 -14.30 -36.39 -13.90
C ASN B 710 -12.80 -36.71 -14.00
N PRO B 711 -12.36 -37.82 -13.40
CA PRO B 711 -10.92 -38.07 -13.32
C PRO B 711 -10.27 -38.47 -14.65
N LEU B 712 -11.05 -38.95 -15.62
CA LEU B 712 -10.50 -39.37 -16.91
C LEU B 712 -10.11 -38.19 -17.83
N GLU B 713 -11.00 -37.22 -17.97
CA GLU B 713 -10.67 -35.99 -18.69
C GLU B 713 -9.50 -35.23 -18.04
N ALA B 714 -9.37 -35.36 -16.72
CA ALA B 714 -8.28 -34.73 -15.97
C ALA B 714 -6.95 -35.50 -16.06
N GLY B 715 -6.98 -36.74 -16.56
CA GLY B 715 -5.76 -37.55 -16.76
C GLY B 715 -5.30 -38.34 -15.54
N LEU B 716 -6.24 -38.75 -14.70
CA LEU B 716 -5.90 -39.48 -13.48
C LEU B 716 -6.20 -40.98 -13.64
N ASP B 717 -6.27 -41.45 -14.88
CA ASP B 717 -6.54 -42.85 -15.22
C ASP B 717 -5.73 -43.81 -14.35
N TYR B 718 -4.45 -43.51 -14.20
CA TYR B 718 -3.52 -44.35 -13.45
C TYR B 718 -3.99 -44.65 -12.03
N PHE B 719 -4.75 -43.73 -11.43
CA PHE B 719 -5.21 -43.89 -10.04
C PHE B 719 -6.60 -44.50 -9.93
N ILE B 720 -7.30 -44.61 -11.06
CA ILE B 720 -8.66 -45.14 -11.08
C ILE B 720 -8.67 -46.63 -11.44
N LYS B 721 -9.16 -47.46 -10.51
CA LYS B 721 -9.29 -48.91 -10.77
C LYS B 721 -10.73 -49.32 -11.03
N LEU B 722 -11.17 -49.20 -12.26
CA LEU B 722 -12.54 -49.52 -12.63
C LEU B 722 -12.88 -50.99 -12.39
N ASN B 723 -11.89 -51.86 -12.50
CA ASN B 723 -12.10 -53.31 -12.44
C ASN B 723 -11.89 -53.91 -11.04
N LYS B 724 -11.70 -53.09 -10.02
CA LYS B 724 -11.65 -53.64 -8.67
C LYS B 724 -13.07 -54.07 -8.29
N PRO B 725 -13.19 -55.17 -7.53
CA PRO B 725 -14.50 -55.74 -7.23
C PRO B 725 -15.49 -54.76 -6.58
N ALA B 726 -15.04 -54.06 -5.54
CA ALA B 726 -15.94 -53.20 -4.75
C ALA B 726 -16.59 -52.13 -5.62
N ASN B 727 -17.87 -51.90 -5.41
CA ASN B 727 -18.62 -50.90 -6.17
C ASN B 727 -18.47 -49.51 -5.55
N PHE B 728 -17.31 -48.90 -5.77
CA PHE B 728 -17.02 -47.57 -5.26
C PHE B 728 -17.90 -46.49 -5.90
N THR B 729 -18.18 -45.45 -5.14
CA THR B 729 -19.00 -44.33 -5.59
C THR B 729 -18.46 -43.78 -6.91
N GLY B 730 -19.34 -43.69 -7.90
CA GLY B 730 -18.98 -43.15 -9.20
C GLY B 730 -18.47 -44.18 -10.20
N LYS B 731 -18.26 -45.42 -9.78
CA LYS B 731 -17.69 -46.44 -10.66
C LYS B 731 -18.50 -46.54 -11.95
N GLN B 732 -19.82 -46.69 -11.81
CA GLN B 732 -20.69 -46.86 -12.98
C GLN B 732 -20.73 -45.63 -13.89
N ALA B 733 -20.76 -44.44 -13.30
CA ALA B 733 -20.76 -43.21 -14.08
C ALA B 733 -19.49 -43.09 -14.92
N LEU B 734 -18.38 -43.53 -14.34
CA LEU B 734 -17.11 -43.58 -15.02
C LEU B 734 -17.13 -44.55 -16.18
N LYS B 735 -17.63 -45.76 -15.96
CA LYS B 735 -17.77 -46.70 -17.07
C LYS B 735 -18.56 -46.06 -18.21
N GLN B 736 -19.70 -45.45 -17.87
CA GLN B 736 -20.57 -44.79 -18.87
C GLN B 736 -19.88 -43.62 -19.56
N ILE B 737 -19.18 -42.80 -18.81
CA ILE B 737 -18.41 -41.67 -19.37
C ILE B 737 -17.35 -42.15 -20.36
N LYS B 738 -16.58 -43.17 -19.95
CA LYS B 738 -15.50 -43.72 -20.76
C LYS B 738 -16.01 -44.32 -22.07
N ALA B 739 -17.07 -45.11 -21.99
CA ALA B 739 -17.66 -45.73 -23.18
C ALA B 739 -18.14 -44.68 -24.18
N LYS B 740 -18.64 -43.56 -23.67
CA LYS B 740 -19.13 -42.50 -24.52
C LYS B 740 -18.01 -41.73 -25.24
N GLY B 741 -16.80 -41.77 -24.68
CA GLY B 741 -15.67 -41.05 -25.22
C GLY B 741 -15.58 -39.64 -24.66
N LEU B 742 -14.36 -39.21 -24.36
CA LEU B 742 -14.11 -37.87 -23.82
C LEU B 742 -14.36 -36.76 -24.86
N LYS B 743 -14.90 -35.62 -24.42
CA LYS B 743 -15.06 -34.44 -25.27
C LYS B 743 -13.91 -33.45 -25.10
N ARG B 744 -13.25 -33.46 -23.93
CA ARG B 744 -12.08 -32.62 -23.66
C ARG B 744 -11.04 -33.40 -22.86
N ARG B 745 -9.82 -32.86 -22.79
CA ARG B 745 -8.72 -33.49 -22.05
C ARG B 745 -7.79 -32.45 -21.45
N LEU B 746 -7.34 -32.73 -20.24
CA LEU B 746 -6.33 -31.88 -19.59
C LEU B 746 -4.98 -32.05 -20.29
N VAL B 747 -4.38 -30.93 -20.69
CA VAL B 747 -3.06 -30.95 -21.31
C VAL B 747 -2.09 -29.97 -20.66
N CYS B 748 -0.83 -30.14 -20.99
CA CYS B 748 0.25 -29.37 -20.43
C CYS B 748 0.83 -28.49 -21.55
N LEU B 749 0.89 -27.19 -21.29
CA LEU B 749 1.27 -26.19 -22.29
C LEU B 749 2.58 -25.48 -21.93
N THR B 750 3.34 -25.08 -22.96
CA THR B 750 4.51 -24.20 -22.80
C THR B 750 4.33 -22.93 -23.62
N LEU B 751 4.84 -21.83 -23.11
CA LEU B 751 4.76 -20.56 -23.81
C LEU B 751 5.81 -19.57 -23.35
N ALA B 752 6.45 -18.90 -24.32
CA ALA B 752 7.36 -17.80 -24.04
C ALA B 752 6.54 -16.56 -23.71
N THR B 753 6.95 -15.86 -22.66
CA THR B 753 6.27 -14.64 -22.23
C THR B 753 7.31 -13.57 -21.99
N ASP B 754 6.85 -12.32 -21.97
CA ASP B 754 7.73 -11.20 -21.66
C ASP B 754 8.00 -11.14 -20.16
N ASN B 755 6.96 -10.85 -19.38
CA ASN B 755 7.08 -10.65 -17.94
C ASN B 755 5.84 -11.09 -17.15
N VAL B 756 5.14 -12.11 -17.66
CA VAL B 756 3.90 -12.56 -17.01
C VAL B 756 3.73 -14.07 -17.17
N ASP B 757 3.32 -14.74 -16.11
CA ASP B 757 3.13 -16.19 -16.11
C ASP B 757 1.66 -16.57 -15.94
N PRO B 758 1.23 -17.67 -16.56
CA PRO B 758 -0.14 -18.10 -16.31
C PRO B 758 -0.23 -18.61 -14.88
N GLU B 759 -1.37 -18.35 -14.25
CA GLU B 759 -1.70 -18.91 -12.93
C GLU B 759 -2.91 -19.84 -12.99
N GLY B 760 -3.51 -19.98 -14.17
CA GLY B 760 -4.77 -20.70 -14.28
C GLY B 760 -5.95 -19.77 -14.41
N ASN B 761 -7.07 -20.33 -14.86
CA ASN B 761 -8.30 -19.58 -15.16
C ASN B 761 -8.18 -18.57 -16.31
N GLU B 762 -7.20 -18.76 -17.20
CA GLU B 762 -7.07 -17.87 -18.37
C GLU B 762 -7.64 -18.54 -19.61
N SER B 763 -8.18 -17.73 -20.51
CA SER B 763 -8.78 -18.24 -21.73
C SER B 763 -7.73 -18.81 -22.68
N VAL B 764 -8.06 -19.95 -23.28
CA VAL B 764 -7.26 -20.52 -24.35
C VAL B 764 -8.01 -20.32 -25.68
N TRP B 765 -7.33 -19.69 -26.63
CA TRP B 765 -7.89 -19.38 -27.94
C TRP B 765 -7.30 -20.28 -29.02
N TYR B 766 -8.06 -20.41 -30.12
CA TYR B 766 -7.60 -21.11 -31.31
C TYR B 766 -8.42 -20.62 -32.51
N LYS B 767 -7.73 -20.01 -33.48
CA LYS B 767 -8.36 -19.51 -34.70
C LYS B 767 -9.49 -18.54 -34.42
N GLY B 768 -9.25 -17.60 -33.51
CA GLY B 768 -10.19 -16.52 -33.21
C GLY B 768 -11.38 -16.90 -32.34
N LYS B 769 -11.35 -18.09 -31.74
CA LYS B 769 -12.39 -18.52 -30.81
C LYS B 769 -11.81 -19.11 -29.54
N VAL B 770 -12.51 -18.90 -28.43
CA VAL B 770 -12.13 -19.48 -27.14
C VAL B 770 -12.56 -20.94 -27.11
N ILE B 771 -11.61 -21.84 -26.90
CA ILE B 771 -11.88 -23.29 -26.91
C ILE B 771 -11.68 -23.97 -25.57
N GLY B 772 -11.21 -23.24 -24.56
CA GLY B 772 -10.90 -23.86 -23.27
C GLY B 772 -10.26 -22.87 -22.32
N ASN B 773 -9.63 -23.39 -21.27
CA ASN B 773 -9.03 -22.53 -20.23
C ASN B 773 -7.84 -23.20 -19.55
N THR B 774 -6.92 -22.37 -19.04
CA THR B 774 -5.83 -22.84 -18.19
C THR B 774 -6.41 -23.10 -16.82
N THR B 775 -5.88 -24.11 -16.12
CA THR B 775 -6.34 -24.45 -14.77
C THR B 775 -5.32 -24.06 -13.70
N SER B 776 -4.03 -24.11 -14.05
CA SER B 776 -2.97 -23.59 -13.18
C SER B 776 -1.72 -23.39 -14.01
N GLY B 777 -0.72 -22.74 -13.44
CA GLY B 777 0.51 -22.48 -14.17
C GLY B 777 1.65 -22.01 -13.30
N SER B 778 2.82 -21.89 -13.94
CA SER B 778 4.03 -21.40 -13.29
C SER B 778 5.11 -21.19 -14.33
N TYR B 779 6.11 -20.39 -13.98
CA TYR B 779 7.32 -20.32 -14.78
C TYR B 779 8.10 -21.61 -14.53
N SER B 780 8.63 -22.20 -15.59
CA SER B 780 9.57 -23.30 -15.45
C SER B 780 10.96 -22.72 -15.56
N TYR B 781 11.70 -22.78 -14.46
CA TYR B 781 13.05 -22.23 -14.43
C TYR B 781 14.05 -23.09 -15.21
N SER B 782 13.75 -24.38 -15.38
CA SER B 782 14.63 -25.30 -16.14
C SER B 782 14.62 -25.01 -17.65
N ILE B 783 13.46 -24.73 -18.22
CA ILE B 783 13.36 -24.43 -19.65
C ILE B 783 13.20 -22.95 -20.00
N GLN B 784 13.16 -22.08 -18.98
CA GLN B 784 13.01 -20.62 -19.21
C GLN B 784 11.74 -20.27 -20.01
N LYS B 785 10.66 -20.97 -19.69
CA LYS B 785 9.36 -20.74 -20.31
C LYS B 785 8.28 -21.01 -19.28
N SER B 786 7.11 -20.40 -19.49
CA SER B 786 5.96 -20.63 -18.66
C SER B 786 5.35 -21.99 -18.94
N LEU B 787 4.94 -22.67 -17.87
CA LEU B 787 4.14 -23.88 -17.95
C LEU B 787 2.71 -23.61 -17.52
N ALA B 788 1.78 -24.36 -18.09
CA ALA B 788 0.39 -24.31 -17.68
C ALA B 788 -0.28 -25.63 -17.93
N PHE B 789 -1.30 -25.92 -17.11
CA PHE B 789 -2.25 -26.98 -17.39
C PHE B 789 -3.48 -26.31 -17.99
N ALA B 790 -4.12 -26.97 -18.96
CA ALA B 790 -5.33 -26.43 -19.56
C ALA B 790 -6.28 -27.51 -20.04
N TYR B 791 -7.57 -27.18 -20.10
CA TYR B 791 -8.55 -28.08 -20.71
C TYR B 791 -8.80 -27.57 -22.10
N VAL B 792 -8.73 -28.48 -23.07
CA VAL B 792 -9.01 -28.16 -24.46
C VAL B 792 -9.78 -29.34 -25.05
N PRO B 793 -10.51 -29.11 -26.16
CA PRO B 793 -11.26 -30.19 -26.81
C PRO B 793 -10.34 -31.34 -27.24
N VAL B 794 -10.83 -32.58 -27.18
CA VAL B 794 -9.99 -33.74 -27.53
C VAL B 794 -9.26 -33.57 -28.86
N GLU B 795 -9.96 -33.08 -29.87
CA GLU B 795 -9.38 -32.95 -31.23
C GLU B 795 -8.24 -31.93 -31.32
N LEU B 796 -8.03 -31.15 -30.26
CA LEU B 796 -6.91 -30.20 -30.21
C LEU B 796 -5.97 -30.51 -29.06
N SER B 797 -5.97 -31.76 -28.59
CA SER B 797 -5.18 -32.18 -27.43
C SER B 797 -3.91 -32.96 -27.82
N GLU B 798 -3.63 -33.02 -29.13
CA GLU B 798 -2.46 -33.65 -29.69
C GLU B 798 -1.20 -32.97 -29.23
N VAL B 799 -0.14 -33.72 -28.97
CA VAL B 799 1.17 -33.13 -28.67
C VAL B 799 1.65 -32.39 -29.91
N GLY B 800 2.18 -31.19 -29.73
CA GLY B 800 2.59 -30.34 -30.85
C GLY B 800 1.58 -29.27 -31.23
N GLN B 801 0.31 -29.50 -30.91
CA GLN B 801 -0.75 -28.55 -31.22
C GLN B 801 -0.43 -27.12 -30.74
N GLN B 802 -0.59 -26.17 -31.65
CA GLN B 802 -0.44 -24.74 -31.35
C GLN B 802 -1.78 -24.14 -30.93
N VAL B 803 -1.79 -23.47 -29.78
CA VAL B 803 -2.91 -22.64 -29.32
C VAL B 803 -2.38 -21.31 -28.78
N GLU B 804 -3.29 -20.41 -28.41
CA GLU B 804 -2.91 -19.13 -27.81
C GLU B 804 -3.47 -19.02 -26.39
N VAL B 805 -2.67 -18.48 -25.47
CA VAL B 805 -3.13 -18.24 -24.10
C VAL B 805 -3.24 -16.75 -23.83
N GLU B 806 -4.42 -16.30 -23.43
CA GLU B 806 -4.68 -14.89 -23.19
C GLU B 806 -4.23 -14.52 -21.77
N LEU B 807 -3.12 -13.80 -21.70
CA LEU B 807 -2.58 -13.30 -20.44
C LEU B 807 -2.62 -11.78 -20.47
N LEU B 808 -3.36 -11.21 -19.53
CA LEU B 808 -3.35 -9.78 -19.29
C LEU B 808 -3.42 -8.94 -20.59
N GLY B 809 -4.40 -9.27 -21.44
CA GLY B 809 -4.70 -8.49 -22.64
C GLY B 809 -3.89 -8.82 -23.88
N LYS B 810 -3.03 -9.82 -23.80
CA LYS B 810 -2.26 -10.25 -24.96
C LYS B 810 -2.34 -11.77 -25.10
N ASN B 811 -2.52 -12.22 -26.34
CA ASN B 811 -2.48 -13.64 -26.67
C ASN B 811 -1.05 -14.08 -26.97
N TYR B 812 -0.59 -15.08 -26.22
CA TYR B 812 0.75 -15.63 -26.40
C TYR B 812 0.60 -17.01 -27.01
N PRO B 813 1.36 -17.31 -28.09
CA PRO B 813 1.31 -18.67 -28.64
C PRO B 813 1.82 -19.72 -27.66
N ALA B 814 1.20 -20.89 -27.70
CA ALA B 814 1.50 -21.98 -26.77
C ALA B 814 1.51 -23.33 -27.48
N THR B 815 2.31 -24.26 -26.96
CA THR B 815 2.40 -25.59 -27.54
C THR B 815 2.07 -26.63 -26.49
N ILE B 816 1.25 -27.61 -26.87
CA ILE B 816 1.02 -28.80 -26.05
C ILE B 816 2.27 -29.67 -26.09
N ILE B 817 2.75 -30.07 -24.92
CA ILE B 817 3.94 -30.91 -24.82
C ILE B 817 3.63 -32.28 -24.26
N GLN B 818 4.52 -33.22 -24.53
CA GLN B 818 4.45 -34.55 -23.96
C GLN B 818 4.72 -34.41 -22.48
N GLU B 819 3.82 -34.95 -21.67
CA GLU B 819 3.94 -34.88 -20.22
C GLU B 819 4.56 -36.19 -19.73
N PRO B 820 5.35 -36.14 -18.64
CA PRO B 820 5.70 -34.93 -17.90
C PRO B 820 6.90 -34.22 -18.52
N LEU B 821 7.06 -32.92 -18.25
CA LEU B 821 8.24 -32.18 -18.70
C LEU B 821 9.49 -32.76 -18.05
N VAL B 822 9.38 -33.10 -16.77
CA VAL B 822 10.45 -33.73 -16.04
C VAL B 822 9.89 -34.97 -15.34
N LEU B 823 10.67 -36.04 -15.34
CA LEU B 823 10.23 -37.31 -14.77
C LEU B 823 10.50 -37.30 -13.27
N THR B 824 9.70 -38.04 -12.52
CA THR B 824 9.89 -38.10 -11.07
C THR B 824 11.12 -38.95 -10.77
N GLU B 825 11.76 -38.68 -9.62
CA GLU B 825 12.96 -39.41 -9.22
C GLU B 825 12.75 -40.92 -9.24
N PRO B 826 11.60 -41.42 -8.75
CA PRO B 826 11.36 -42.87 -8.86
C PRO B 826 11.31 -43.36 -10.31
N THR B 827 10.72 -42.58 -11.20
CA THR B 827 10.67 -42.94 -12.62
C THR B 827 12.05 -42.87 -13.26
N ARG B 828 12.86 -41.91 -12.83
CA ARG B 828 14.23 -41.79 -13.31
C ARG B 828 15.08 -42.95 -12.78
N THR B 829 14.90 -43.28 -11.50
CA THR B 829 15.64 -44.37 -10.85
C THR B 829 15.34 -45.74 -11.46
N ARG B 830 14.09 -45.97 -11.86
CA ARG B 830 13.73 -47.28 -12.45
C ARG B 830 14.31 -47.47 -13.87
N LEU B 831 14.55 -46.38 -14.60
CA LEU B 831 15.17 -46.48 -15.93
C LEU B 831 16.71 -46.63 -15.85
N GLN B 832 17.30 -46.34 -14.70
CA GLN B 832 18.75 -46.55 -14.48
C GLN B 832 19.15 -47.99 -14.74
N LYS B 833 18.38 -48.92 -14.19
CA LYS B 833 18.61 -50.35 -14.41
C LYS B 833 18.20 -50.73 -15.84
N ASP B 834 17.01 -50.30 -16.24
CA ASP B 834 16.45 -50.62 -17.56
C ASP B 834 16.87 -49.59 -18.61
PA FAD C . 3.67 27.14 22.08
O1A FAD C . 2.25 26.78 21.76
O2A FAD C . 4.40 26.32 23.13
O5B FAD C . 3.79 28.68 22.51
C5B FAD C . 3.01 29.69 21.87
C4B FAD C . 2.90 30.85 22.84
O4B FAD C . 2.58 32.07 22.14
C3B FAD C . 1.85 30.64 23.92
O3B FAD C . 2.48 30.75 25.20
C2B FAD C . 0.85 31.75 23.71
O2B FAD C . 0.29 32.25 24.93
C1B FAD C . 1.66 32.80 22.94
N9A FAD C . 0.84 33.73 22.12
C8A FAD C . -0.20 33.41 21.33
N7A FAD C . -0.74 34.49 20.72
C5A FAD C . -0.04 35.54 21.15
C6A FAD C . -0.08 36.98 20.91
N6A FAD C . -1.01 37.48 20.07
N1A FAD C . 0.84 37.76 21.53
C2A FAD C . 1.76 37.24 22.36
N3A FAD C . 1.84 35.93 22.63
C4A FAD C . 0.99 35.04 22.07
N1 FAD C . 7.30 18.09 21.00
C2 FAD C . 8.49 17.42 21.11
O2 FAD C . 9.49 17.94 20.61
N3 FAD C . 8.62 16.25 21.73
C4 FAD C . 7.60 15.65 22.33
O4 FAD C . 7.70 14.57 22.92
C4X FAD C . 6.28 16.26 22.27
N5 FAD C . 5.22 15.65 22.84
C5X FAD C . 3.99 16.23 22.79
C6 FAD C . 2.91 15.60 23.41
C7 FAD C . 1.64 16.18 23.37
C7M FAD C . 0.45 15.51 24.00
C8 FAD C . 1.46 17.48 22.69
C8M FAD C . 0.11 18.19 22.67
C9 FAD C . 2.55 18.10 22.09
C9A FAD C . 3.82 17.53 22.12
N10 FAD C . 4.93 18.18 21.51
C10 FAD C . 6.18 17.56 21.56
C1' FAD C . 4.80 19.43 20.77
C2' FAD C . 5.23 20.67 21.51
O2' FAD C . 4.35 20.82 22.62
C3' FAD C . 5.14 21.81 20.52
O3' FAD C . 5.79 21.46 19.29
C4' FAD C . 5.79 23.06 21.09
O4' FAD C . 5.41 23.26 22.44
C5' FAD C . 5.43 24.31 20.30
O5' FAD C . 6.12 25.37 20.95
P FAD C . 6.03 26.87 20.43
O1P FAD C . 6.96 27.73 21.25
O2P FAD C . 6.24 26.84 18.94
O3P FAD C . 4.48 27.19 20.68
N3 THG D . 16.27 25.83 -17.53
C2 THG D . 16.27 27.16 -17.29
N1 THG D . 16.66 27.70 -16.10
C8A THG D . 17.08 26.94 -15.07
C4A THG D . 17.10 25.49 -15.30
C4 THG D . 16.67 24.96 -16.59
N8 THG D . 17.52 27.44 -13.89
C7 THG D . 18.18 26.59 -12.90
C6 THG D . 18.16 25.06 -13.17
N5 THG D . 17.52 24.63 -14.37
C9 THG D . 19.52 24.34 -13.28
N10 THG D . 20.75 24.95 -13.77
C4' THG D . 21.25 24.89 -15.04
C3' THG D . 20.52 24.79 -16.23
C2' THG D . 21.19 24.63 -17.46
C1' THG D . 22.57 24.56 -17.53
C6' THG D . 23.29 24.64 -16.35
C5' THG D . 22.63 24.80 -15.13
C11 THG D . 23.30 24.40 -18.86
N THG D . 24.65 24.29 -18.91
CA THG D . 25.41 24.22 -20.16
C THG D . 26.76 23.57 -20.02
OX2 THG D . 27.38 23.63 -18.94
OX1 THG D . 27.23 22.98 -21.01
CB THG D . 25.61 25.61 -20.81
CG THG D . 26.46 26.56 -19.96
CD THG D . 27.08 27.66 -20.80
OE1 THG D . 26.59 28.81 -20.73
OE2 THG D . 28.07 27.39 -21.51
O11 THG D . 22.63 24.39 -19.88
O4 THG D . 16.68 23.71 -16.77
N2 THG D . 15.85 27.97 -18.28
PA FAD E . -32.39 -11.71 5.51
O1A FAD E . -31.85 -10.97 6.71
O2A FAD E . -32.90 -10.90 4.34
O5B FAD E . -33.52 -12.72 6.03
C5B FAD E . -33.35 -13.53 7.18
C4B FAD E . -34.72 -13.91 7.67
O4B FAD E . -34.67 -14.90 8.70
C3B FAD E . -35.49 -12.72 8.26
O3B FAD E . -36.73 -12.48 7.57
C2B FAD E . -35.74 -13.11 9.70
O2B FAD E . -36.98 -12.58 10.14
C1B FAD E . -35.70 -14.63 9.65
N9A FAD E . -35.41 -15.26 10.94
C8A FAD E . -34.46 -14.88 11.79
N7A FAD E . -34.45 -15.67 12.88
C5A FAD E . -35.40 -16.59 12.72
C6A FAD E . -35.92 -17.72 13.53
N6A FAD E . -35.36 -18.01 14.71
N1A FAD E . -36.94 -18.45 13.02
C2A FAD E . -37.49 -18.17 11.82
N3A FAD E . -37.05 -17.14 11.02
C4A FAD E . -36.04 -16.34 11.43
N1 FAD E . -27.36 -7.13 -1.85
C2 FAD E . -27.23 -7.16 -3.20
O2 FAD E . -27.12 -8.27 -3.76
N3 FAD E . -27.18 -6.03 -3.95
C4 FAD E . -27.29 -4.82 -3.39
O4 FAD E . -27.24 -3.79 -4.08
C4X FAD E . -27.45 -4.71 -1.93
N5 FAD E . -27.54 -3.52 -1.30
C5X FAD E . -27.70 -3.45 0.04
C6 FAD E . -27.80 -2.20 0.63
C7 FAD E . -27.96 -2.07 2.00
C7M FAD E . -28.06 -0.70 2.61
C8 FAD E . -28.02 -3.31 2.84
C8M FAD E . -28.23 -3.25 4.34
C9 FAD E . -27.92 -4.55 2.23
C9A FAD E . -27.75 -4.68 0.86
N10 FAD E . -27.65 -5.93 0.21
C10 FAD E . -27.48 -5.97 -1.18
C1' FAD E . -27.61 -7.21 0.95
C2' FAD E . -28.90 -7.90 1.10
O2' FAD E . -29.70 -6.95 1.81
C3' FAD E . -28.65 -9.18 1.90
O3' FAD E . -27.55 -9.95 1.41
C4' FAD E . -29.89 -10.05 1.87
O4' FAD E . -31.03 -9.26 2.20
C5' FAD E . -29.77 -11.18 2.87
O5' FAD E . -30.74 -12.14 2.56
P FAD E . -30.97 -13.33 3.56
O1P FAD E . -32.23 -14.09 3.16
O2P FAD E . -29.64 -14.07 3.59
O3P FAD E . -31.21 -12.70 5.03
N3 THG F . 1.34 -35.35 0.23
C2 THG F . 0.49 -36.18 0.90
N1 THG F . -0.85 -36.20 0.67
C8A THG F . -1.39 -35.40 -0.28
C4A THG F . -0.51 -34.46 -1.02
C4 THG F . 0.92 -34.50 -0.72
N8 THG F . -2.73 -35.38 -0.52
C7 THG F . -3.26 -34.39 -1.45
C6 THG F . -2.26 -34.14 -2.58
N5 THG F . -0.99 -33.70 -2.03
C9 THG F . -2.09 -35.48 -3.29
N10 THG F . -1.50 -35.39 -4.61
C4' THG F . -0.47 -36.16 -5.03
C3' THG F . 0.40 -36.88 -4.19
C2' THG F . 1.40 -37.68 -4.75
C1' THG F . 1.55 -37.77 -6.14
C6' THG F . 0.67 -37.06 -6.96
C5' THG F . -0.33 -36.27 -6.40
C11 THG F . 2.61 -38.67 -6.76
N THG F . 2.44 -39.13 -8.01
CA THG F . 3.23 -40.19 -8.59
C THG F . 3.56 -39.97 -10.04
OX2 THG F . 2.76 -39.32 -10.76
OX1 THG F . 4.62 -40.45 -10.48
CB THG F . 2.42 -41.49 -8.48
CG THG F . 3.15 -42.53 -7.64
CD THG F . 2.62 -43.92 -7.94
OE1 THG F . 1.84 -44.49 -7.13
OE2 THG F . 3.00 -44.44 -9.00
O11 THG F . 3.56 -39.00 -6.06
O4 THG F . 1.71 -33.74 -1.33
N2 THG F . 0.98 -37.01 1.85
#